data_8AUP
#
_entry.id   8AUP
#
_cell.length_a   67.360
_cell.length_b   52.750
_cell.length_c   283.600
_cell.angle_alpha   90.000
_cell.angle_beta   90.650
_cell.angle_gamma   90.000
#
_symmetry.space_group_name_H-M   'P 1 21 1'
#
loop_
_entity.id
_entity.type
_entity.pdbx_description
1 polymer Arginase-1
2 non-polymer 'MANGANESE (II) ION'
3 non-polymer 2-[(1~{R},3~{R},4~{S})-3-azanyl-3-carboxy-4-[(dimethylamino)methyl]cyclohexyl]ethyl-$l^{3}-oxidanyl-bis(oxidanyl)boron
4 non-polymer HEXANE-1,6-DIOL
5 non-polymer (4S)-2-METHYL-2,4-PENTANEDIOL
6 water water
#
_entity_poly.entity_id   1
_entity_poly.type   'polypeptide(L)'
_entity_poly.pdbx_seq_one_letter_code
;MSAKSRTIGIIGAPFSKGQPRGGVEEGPTVLRKAGLLEKLKEQECDVKDYGDLPFADIPNDSPFQIVKNPRSVGKASEQL
AGKVAEVKKNGRISLVLGGDHSLAIGSISGHARVHPDLGVIWVDAHTDINTPLTTTSGNLHGQPVSFLLKELKGKIPDVP
GFSWVTPCISAKDIVYIGLRDVDPGEHYILKTLGIKYFSMTEVDRLGIGKVMEETLSYLLGRKKRPIHLSFDVDGLDPSF
TPATGTPVVGGLTYREGLYITEEIYKTGLLSGLDIMEVNPSLGKTPEEVTRTVNTAVAITLACFGLAREGNHKPIDYLNP
PK
;
_entity_poly.pdbx_strand_id   A,B,C,D,E,F
#
# COMPACT_ATOMS: atom_id res chain seq x y z
N SER A 2 21.23 -20.37 26.47
CA SER A 2 22.57 -19.94 26.14
C SER A 2 23.63 -20.68 26.96
N ALA A 3 24.90 -20.45 26.63
CA ALA A 3 25.98 -21.07 27.38
C ALA A 3 26.08 -20.49 28.78
N LYS A 4 26.76 -21.23 29.66
CA LYS A 4 26.91 -20.82 31.05
C LYS A 4 27.47 -19.41 31.17
N SER A 5 28.51 -19.10 30.39
CA SER A 5 29.16 -17.79 30.48
C SER A 5 28.29 -16.66 29.94
N ARG A 6 27.12 -16.95 29.37
CA ARG A 6 26.23 -15.92 28.86
C ARG A 6 24.83 -16.00 29.47
N THR A 7 24.69 -16.64 30.64
CA THR A 7 23.40 -16.76 31.31
C THR A 7 23.48 -15.97 32.61
N ILE A 8 22.72 -14.88 32.69
CA ILE A 8 22.93 -13.85 33.69
C ILE A 8 21.68 -13.65 34.53
N GLY A 9 21.87 -13.44 35.83
CA GLY A 9 20.83 -12.92 36.70
C GLY A 9 21.18 -11.50 37.11
N ILE A 10 20.30 -10.55 36.84
CA ILE A 10 20.60 -9.14 36.99
C ILE A 10 19.99 -8.62 38.29
N ILE A 11 20.82 -7.95 39.09
CA ILE A 11 20.40 -7.41 40.39
C ILE A 11 20.75 -5.93 40.42
N GLY A 12 19.73 -5.08 40.54
CA GLY A 12 19.94 -3.67 40.77
C GLY A 12 20.06 -3.42 42.25
N ALA A 13 21.10 -2.68 42.64
CA ALA A 13 21.37 -2.38 44.05
C ALA A 13 21.49 -0.87 44.22
N PRO A 14 20.37 -0.15 44.20
CA PRO A 14 20.41 1.33 44.38
C PRO A 14 20.65 1.73 45.83
N PHE A 15 21.91 1.62 46.25
CA PHE A 15 22.31 1.93 47.61
C PHE A 15 23.47 2.91 47.61
N SER A 16 23.43 3.89 48.52
CA SER A 16 24.44 4.93 48.56
C SER A 16 24.96 5.25 49.96
N LYS A 17 24.40 4.65 51.01
CA LYS A 17 24.73 5.04 52.38
C LYS A 17 26.06 4.47 52.87
N GLY A 18 26.84 3.84 52.00
CA GLY A 18 28.20 3.48 52.33
C GLY A 18 29.22 4.54 51.95
N GLN A 19 28.75 5.67 51.43
CA GLN A 19 29.60 6.72 50.92
C GLN A 19 28.86 8.04 51.03
N PRO A 20 29.57 9.18 51.04
CA PRO A 20 28.92 10.45 51.42
C PRO A 20 28.33 11.24 50.27
N ARG A 21 28.73 10.97 49.04
CA ARG A 21 28.25 11.72 47.89
C ARG A 21 26.97 11.10 47.36
N GLY A 22 25.87 11.84 47.41
CA GLY A 22 24.61 11.32 46.94
C GLY A 22 24.58 11.20 45.43
N GLY A 23 23.76 10.26 44.95
CA GLY A 23 23.54 10.05 43.53
C GLY A 23 23.95 8.70 43.00
N VAL A 24 24.83 7.99 43.70
CA VAL A 24 25.27 6.68 43.21
C VAL A 24 24.12 5.67 43.27
N GLU A 25 23.09 5.93 44.07
CA GLU A 25 21.91 5.07 44.09
C GLU A 25 21.19 5.07 42.75
N GLU A 26 21.42 6.07 41.91
CA GLU A 26 20.83 6.12 40.59
C GLU A 26 21.62 5.34 39.56
N GLY A 27 22.68 4.64 39.98
CA GLY A 27 23.47 3.81 39.11
C GLY A 27 22.66 2.81 38.30
N PRO A 28 21.88 1.96 38.97
CA PRO A 28 21.05 0.99 38.24
C PRO A 28 20.07 1.63 37.26
N THR A 29 19.54 2.81 37.59
CA THR A 29 18.58 3.45 36.69
C THR A 29 19.23 3.85 35.37
N VAL A 30 20.36 4.56 35.44
CA VAL A 30 21.00 5.04 34.23
C VAL A 30 21.59 3.90 33.42
N LEU A 31 22.00 2.81 34.09
CA LEU A 31 22.58 1.68 33.37
C LEU A 31 21.51 0.93 32.58
N ARG A 32 20.36 0.68 33.20
CA ARG A 32 19.23 0.13 32.45
C ARG A 32 18.83 1.06 31.31
N LYS A 33 18.72 2.36 31.61
CA LYS A 33 18.26 3.34 30.64
C LYS A 33 19.10 3.32 29.37
N ALA A 34 20.40 3.03 29.49
CA ALA A 34 21.26 2.89 28.32
C ALA A 34 21.05 1.58 27.57
N GLY A 35 20.08 0.76 27.98
CA GLY A 35 19.77 -0.46 27.27
C GLY A 35 20.71 -1.61 27.53
N LEU A 36 21.28 -1.71 28.74
CA LEU A 36 22.25 -2.76 29.02
C LEU A 36 21.63 -4.16 28.85
N LEU A 37 20.40 -4.34 29.34
CA LEU A 37 19.76 -5.65 29.27
C LEU A 37 19.55 -6.09 27.83
N GLU A 38 18.92 -5.23 27.02
CA GLU A 38 18.69 -5.57 25.61
C GLU A 38 20.01 -5.81 24.89
N LYS A 39 21.01 -4.97 25.14
CA LYS A 39 22.31 -5.15 24.50
C LYS A 39 22.91 -6.52 24.83
N LEU A 40 22.75 -6.97 26.09
CA LEU A 40 23.19 -8.31 26.45
C LEU A 40 22.41 -9.36 25.65
N LYS A 41 21.10 -9.16 25.50
CA LYS A 41 20.30 -10.11 24.75
C LYS A 41 20.67 -10.15 23.27
N GLU A 42 21.11 -9.02 22.71
CA GLU A 42 21.53 -8.99 21.32
C GLU A 42 22.81 -9.78 21.06
N GLN A 43 23.52 -10.21 22.10
CA GLN A 43 24.65 -11.12 21.94
C GLN A 43 24.37 -12.47 22.58
N GLU A 44 23.15 -12.97 22.37
CA GLU A 44 22.77 -14.35 22.70
C GLU A 44 22.92 -14.66 24.19
N CYS A 45 22.62 -13.70 25.04
CA CYS A 45 22.64 -13.92 26.47
C CYS A 45 21.26 -14.29 26.99
N ASP A 46 21.22 -15.24 27.92
CA ASP A 46 20.00 -15.59 28.64
C ASP A 46 19.93 -14.69 29.87
N VAL A 47 19.07 -13.68 29.81
CA VAL A 47 18.99 -12.65 30.84
C VAL A 47 17.71 -12.86 31.65
N LYS A 48 17.87 -12.95 32.97
CA LYS A 48 16.76 -12.93 33.90
C LYS A 48 16.93 -11.72 34.81
N ASP A 49 15.91 -10.86 34.84
CA ASP A 49 15.97 -9.61 35.60
C ASP A 49 15.34 -9.85 36.97
N TYR A 50 16.16 -9.82 38.02
CA TYR A 50 15.68 -9.97 39.38
C TYR A 50 15.30 -8.63 40.02
N GLY A 51 15.32 -7.55 39.24
CA GLY A 51 14.84 -6.27 39.72
C GLY A 51 15.84 -5.53 40.59
N ASP A 52 15.42 -4.35 41.02
CA ASP A 52 16.21 -3.52 41.94
C ASP A 52 15.80 -3.82 43.36
N LEU A 53 16.78 -3.97 44.23
CA LEU A 53 16.52 -4.35 45.62
C LEU A 53 15.88 -3.19 46.38
N PRO A 54 14.77 -3.41 47.07
CA PRO A 54 14.19 -2.34 47.90
C PRO A 54 14.95 -2.22 49.22
N PHE A 55 15.53 -1.05 49.45
CA PHE A 55 16.30 -0.78 50.67
C PHE A 55 15.48 0.16 51.56
N ALA A 56 14.94 -0.40 52.64
CA ALA A 56 14.14 0.42 53.56
C ALA A 56 15.03 1.35 54.35
N ASP A 57 14.48 2.50 54.73
CA ASP A 57 15.22 3.49 55.48
C ASP A 57 15.35 3.07 56.94
N ILE A 58 16.56 3.21 57.48
CA ILE A 58 16.82 2.94 58.89
C ILE A 58 17.00 4.29 59.59
N PRO A 59 16.06 4.69 60.46
CA PRO A 59 16.12 6.05 61.02
C PRO A 59 17.23 6.23 62.05
N ASN A 60 17.29 5.36 63.04
CA ASN A 60 18.28 5.47 64.12
C ASN A 60 19.59 4.79 63.75
N ASP A 61 20.15 5.16 62.60
CA ASP A 61 21.44 4.62 62.16
C ASP A 61 22.55 5.45 62.80
N SER A 62 22.79 5.17 64.07
CA SER A 62 23.84 5.85 64.81
C SER A 62 25.21 5.39 64.33
N PRO A 63 26.20 6.26 64.32
CA PRO A 63 27.54 5.86 63.88
C PRO A 63 28.17 4.86 64.85
N PHE A 64 29.04 4.01 64.29
CA PHE A 64 29.90 3.15 65.08
C PHE A 64 31.26 3.84 65.13
N GLN A 65 31.51 4.53 66.25
CA GLN A 65 32.63 5.46 66.34
C GLN A 65 32.57 6.46 65.19
N ILE A 66 33.53 6.37 64.26
CA ILE A 66 33.57 7.25 63.11
C ILE A 66 32.82 6.68 61.91
N VAL A 67 32.61 5.36 61.87
CA VAL A 67 31.97 4.71 60.74
C VAL A 67 30.50 5.14 60.65
N LYS A 68 30.08 5.58 59.48
CA LYS A 68 28.76 6.15 59.27
C LYS A 68 27.79 5.12 58.67
N ASN A 69 26.53 5.23 59.09
CA ASN A 69 25.44 4.42 58.56
C ASN A 69 25.70 2.92 58.61
N PRO A 70 26.13 2.37 59.75
CA PRO A 70 26.50 0.95 59.76
C PRO A 70 25.32 0.01 59.56
N ARG A 71 24.14 0.35 60.08
CA ARG A 71 23.01 -0.56 60.00
C ARG A 71 22.36 -0.55 58.63
N SER A 72 22.41 0.58 57.92
CA SER A 72 21.90 0.60 56.55
C SER A 72 22.83 -0.16 55.61
N VAL A 73 24.14 0.05 55.75
CA VAL A 73 25.10 -0.67 54.92
C VAL A 73 25.05 -2.16 55.21
N GLY A 74 25.00 -2.52 56.50
CA GLY A 74 24.98 -3.92 56.86
C GLY A 74 23.76 -4.64 56.34
N LYS A 75 22.58 -4.01 56.44
CA LYS A 75 21.37 -4.67 55.99
CA LYS A 75 21.35 -4.65 55.99
C LYS A 75 21.30 -4.72 54.47
N ALA A 76 21.76 -3.68 53.79
CA ALA A 76 21.74 -3.68 52.33
C ALA A 76 22.57 -4.82 51.77
N SER A 77 23.79 -5.01 52.30
CA SER A 77 24.62 -6.11 51.84
C SER A 77 24.05 -7.46 52.27
N GLU A 78 23.37 -7.51 53.42
CA GLU A 78 22.71 -8.75 53.83
C GLU A 78 21.63 -9.15 52.85
N GLN A 79 20.86 -8.19 52.34
CA GLN A 79 19.86 -8.48 51.33
C GLN A 79 20.51 -8.89 50.02
N LEU A 80 21.52 -8.13 49.58
CA LEU A 80 22.21 -8.46 48.34
C LEU A 80 22.84 -9.85 48.42
N ALA A 81 23.43 -10.19 49.57
CA ALA A 81 23.94 -11.53 49.76
C ALA A 81 22.84 -12.57 49.58
N GLY A 82 21.65 -12.28 50.11
CA GLY A 82 20.54 -13.20 49.93
C GLY A 82 20.15 -13.35 48.48
N LYS A 83 20.00 -12.23 47.78
CA LYS A 83 19.56 -12.30 46.38
C LYS A 83 20.66 -12.86 45.48
N VAL A 84 21.93 -12.61 45.81
CA VAL A 84 23.02 -13.14 44.99
C VAL A 84 23.11 -14.65 45.12
N ALA A 85 22.91 -15.17 46.33
CA ALA A 85 22.92 -16.62 46.51
C ALA A 85 21.78 -17.27 45.71
N GLU A 86 20.65 -16.58 45.58
CA GLU A 86 19.51 -17.15 44.89
C GLU A 86 19.77 -17.27 43.39
N VAL A 87 20.29 -16.20 42.76
CA VAL A 87 20.60 -16.28 41.34
C VAL A 87 21.73 -17.29 41.11
N LYS A 88 22.68 -17.37 42.04
CA LYS A 88 23.71 -18.39 41.94
C LYS A 88 23.11 -19.79 42.02
N LYS A 89 22.08 -19.97 42.85
CA LYS A 89 21.41 -21.26 42.93
C LYS A 89 20.69 -21.59 41.63
N ASN A 90 20.28 -20.58 40.87
CA ASN A 90 19.65 -20.78 39.57
C ASN A 90 20.65 -21.06 38.46
N GLY A 91 21.92 -21.24 38.78
CA GLY A 91 22.93 -21.46 37.75
C GLY A 91 23.09 -20.29 36.81
N ARG A 92 23.06 -19.06 37.34
CA ARG A 92 23.20 -17.85 36.56
C ARG A 92 24.36 -17.03 37.11
N ILE A 93 24.96 -16.21 36.26
CA ILE A 93 26.01 -15.30 36.70
C ILE A 93 25.36 -14.06 37.31
N SER A 94 25.67 -13.79 38.58
CA SER A 94 25.11 -12.64 39.27
C SER A 94 25.75 -11.36 38.76
N LEU A 95 24.95 -10.49 38.16
CA LEU A 95 25.39 -9.18 37.69
C LEU A 95 24.74 -8.12 38.57
N VAL A 96 25.54 -7.46 39.41
CA VAL A 96 25.05 -6.48 40.37
C VAL A 96 25.27 -5.10 39.77
N LEU A 97 24.18 -4.39 39.48
CA LEU A 97 24.23 -3.00 39.06
C LEU A 97 24.24 -2.16 40.33
N GLY A 98 25.38 -1.56 40.63
CA GLY A 98 25.67 -1.10 41.97
C GLY A 98 25.45 0.37 42.23
N GLY A 99 25.27 0.66 43.51
CA GLY A 99 25.64 1.94 44.06
C GLY A 99 27.06 1.85 44.57
N ASP A 100 27.29 2.17 45.84
CA ASP A 100 28.64 2.21 46.35
C ASP A 100 29.19 0.81 46.60
N HIS A 101 30.53 0.72 46.68
CA HIS A 101 31.23 -0.56 46.70
C HIS A 101 31.11 -1.32 48.01
N SER A 102 30.47 -0.74 49.03
CA SER A 102 30.22 -1.52 50.24
C SER A 102 29.29 -2.69 49.98
N LEU A 103 28.54 -2.64 48.87
CA LEU A 103 27.68 -3.76 48.51
C LEU A 103 28.46 -5.01 48.13
N ALA A 104 29.76 -4.87 47.84
CA ALA A 104 30.59 -6.05 47.58
C ALA A 104 30.65 -6.99 48.78
N ILE A 105 30.39 -6.47 49.99
CA ILE A 105 30.33 -7.35 51.16
C ILE A 105 29.26 -8.42 50.96
N GLY A 106 28.10 -8.02 50.44
CA GLY A 106 27.02 -8.95 50.21
C GLY A 106 27.18 -9.75 48.94
N SER A 107 27.66 -9.10 47.88
CA SER A 107 27.81 -9.79 46.59
C SER A 107 28.75 -10.98 46.70
N ILE A 108 29.91 -10.78 47.34
CA ILE A 108 30.89 -11.85 47.41
C ILE A 108 30.48 -12.89 48.46
N SER A 109 29.86 -12.45 49.55
CA SER A 109 29.41 -13.38 50.58
C SER A 109 28.32 -14.31 50.05
N GLY A 110 27.32 -13.74 49.38
CA GLY A 110 26.29 -14.58 48.79
C GLY A 110 26.85 -15.50 47.72
N HIS A 111 27.79 -14.99 46.92
CA HIS A 111 28.43 -15.83 45.92
C HIS A 111 29.23 -16.95 46.56
N ALA A 112 29.95 -16.64 47.64
CA ALA A 112 30.72 -17.67 48.35
C ALA A 112 29.82 -18.68 49.05
N ARG A 113 28.56 -18.32 49.33
CA ARG A 113 27.64 -19.27 49.93
C ARG A 113 27.39 -20.46 49.01
N VAL A 114 27.41 -20.24 47.70
CA VAL A 114 27.13 -21.28 46.72
C VAL A 114 28.44 -21.82 46.16
N HIS A 115 29.44 -20.95 46.03
CA HIS A 115 30.76 -21.31 45.50
C HIS A 115 31.82 -20.84 46.48
N PRO A 116 32.07 -21.59 47.55
CA PRO A 116 33.03 -21.14 48.57
C PRO A 116 34.47 -21.17 48.11
N ASP A 117 34.74 -21.64 46.90
CA ASP A 117 36.08 -21.74 46.35
C ASP A 117 36.38 -20.64 45.34
N LEU A 118 35.58 -19.58 45.33
CA LEU A 118 35.72 -18.55 44.29
C LEU A 118 37.02 -17.78 44.47
N GLY A 119 37.48 -17.20 43.36
CA GLY A 119 38.59 -16.26 43.37
C GLY A 119 38.11 -14.89 42.93
N VAL A 120 38.58 -13.86 43.61
CA VAL A 120 38.11 -12.49 43.40
C VAL A 120 39.14 -11.71 42.59
N ILE A 121 38.65 -10.93 41.64
CA ILE A 121 39.45 -9.93 40.93
C ILE A 121 38.85 -8.56 41.21
N TRP A 122 39.67 -7.63 41.68
CA TRP A 122 39.22 -6.35 42.20
C TRP A 122 39.84 -5.25 41.33
N VAL A 123 39.05 -4.70 40.41
CA VAL A 123 39.50 -3.62 39.53
C VAL A 123 39.05 -2.31 40.17
N ASP A 124 40.02 -1.51 40.60
CA ASP A 124 39.73 -0.38 41.48
C ASP A 124 40.97 0.49 41.59
N ALA A 125 40.76 1.79 41.75
CA ALA A 125 41.86 2.68 42.10
C ALA A 125 42.25 2.55 43.56
N HIS A 126 41.41 1.91 44.38
CA HIS A 126 41.63 1.80 45.82
C HIS A 126 41.52 0.34 46.24
N THR A 127 42.07 0.05 47.42
CA THR A 127 42.06 -1.31 47.96
C THR A 127 40.77 -1.65 48.71
N ASP A 128 40.09 -0.64 49.25
CA ASP A 128 38.83 -0.84 49.98
C ASP A 128 38.99 -1.84 51.12
N ILE A 129 40.18 -1.89 51.72
CA ILE A 129 40.53 -2.89 52.71
C ILE A 129 40.66 -2.29 54.11
N ASN A 130 40.26 -1.03 54.29
CA ASN A 130 40.27 -0.43 55.61
C ASN A 130 39.38 -1.20 56.57
N THR A 131 39.85 -1.34 57.80
CA THR A 131 39.01 -1.90 58.85
C THR A 131 38.22 -0.79 59.52
N PRO A 132 37.15 -1.13 60.26
CA PRO A 132 36.39 -0.09 60.97
C PRO A 132 37.22 0.72 61.98
N LEU A 133 38.46 0.32 62.25
CA LEU A 133 39.33 1.07 63.15
C LEU A 133 40.48 1.77 62.44
N THR A 134 40.85 1.33 61.24
CA THR A 134 41.90 1.99 60.48
C THR A 134 41.37 3.10 59.58
N THR A 135 40.06 3.20 59.41
CA THR A 135 39.49 4.17 58.49
C THR A 135 39.54 5.57 59.07
N THR A 136 39.87 6.54 58.23
CA THR A 136 39.82 7.95 58.59
C THR A 136 38.62 8.66 57.99
N SER A 137 38.08 8.16 56.88
CA SER A 137 36.88 8.72 56.30
C SER A 137 35.63 8.23 57.03
N GLY A 138 35.65 6.98 57.48
CA GLY A 138 34.49 6.35 58.06
C GLY A 138 33.48 5.84 57.07
N ASN A 139 33.72 6.02 55.77
CA ASN A 139 32.79 5.60 54.74
C ASN A 139 33.00 4.11 54.46
N LEU A 140 31.94 3.32 54.60
CA LEU A 140 32.07 1.87 54.53
C LEU A 140 32.36 1.36 53.12
N HIS A 141 32.14 2.17 52.09
CA HIS A 141 32.50 1.75 50.74
C HIS A 141 34.00 1.63 50.54
N GLY A 142 34.80 2.10 51.50
CA GLY A 142 36.23 1.86 51.54
C GLY A 142 36.66 0.77 52.50
N GLN A 143 35.72 -0.02 53.02
CA GLN A 143 36.04 -1.10 53.95
C GLN A 143 35.60 -2.51 53.55
N PRO A 144 35.03 -2.76 52.35
CA PRO A 144 34.38 -4.07 52.15
C PRO A 144 35.33 -5.27 52.25
N VAL A 145 36.54 -5.16 51.69
CA VAL A 145 37.44 -6.31 51.67
C VAL A 145 37.82 -6.74 53.08
N SER A 146 37.90 -5.78 54.01
CA SER A 146 38.29 -6.12 55.38
C SER A 146 37.29 -7.03 56.06
N PHE A 147 35.99 -6.90 55.72
CA PHE A 147 34.99 -7.79 56.28
C PHE A 147 35.02 -9.17 55.68
N LEU A 148 35.63 -9.34 54.50
CA LEU A 148 35.55 -10.59 53.77
C LEU A 148 36.75 -11.50 53.97
N LEU A 149 37.88 -10.97 54.41
CA LEU A 149 39.12 -11.74 54.51
C LEU A 149 39.16 -12.51 55.83
N LYS A 150 39.40 -13.82 55.74
CA LYS A 150 39.51 -14.64 56.95
C LYS A 150 40.70 -14.23 57.80
N GLU A 151 41.78 -13.78 57.17
CA GLU A 151 42.99 -13.43 57.91
C GLU A 151 42.79 -12.19 58.80
N LEU A 152 41.75 -11.41 58.56
CA LEU A 152 41.45 -10.24 59.37
C LEU A 152 40.38 -10.49 60.42
N LYS A 153 39.94 -11.73 60.57
CA LYS A 153 38.98 -12.07 61.62
C LYS A 153 39.59 -11.80 62.99
N GLY A 154 38.87 -11.06 63.83
CA GLY A 154 39.37 -10.60 65.10
C GLY A 154 39.92 -9.19 65.06
N LYS A 155 40.40 -8.76 63.89
CA LYS A 155 40.80 -7.37 63.70
C LYS A 155 39.62 -6.47 63.37
N ILE A 156 38.47 -7.05 63.05
CA ILE A 156 37.25 -6.30 62.74
C ILE A 156 36.38 -6.31 63.99
N PRO A 157 35.97 -5.16 64.51
CA PRO A 157 35.09 -5.15 65.68
C PRO A 157 33.68 -5.57 65.32
N ASP A 158 32.87 -5.78 66.36
CA ASP A 158 31.47 -6.15 66.17
C ASP A 158 30.69 -4.89 65.82
N VAL A 159 30.44 -4.70 64.54
CA VAL A 159 29.77 -3.49 64.03
C VAL A 159 28.30 -3.81 63.82
N PRO A 160 27.37 -2.96 64.29
CA PRO A 160 25.94 -3.24 64.11
C PRO A 160 25.57 -3.31 62.64
N GLY A 161 24.80 -4.33 62.28
CA GLY A 161 24.42 -4.58 60.92
C GLY A 161 25.23 -5.65 60.22
N PHE A 162 26.37 -6.05 60.79
CA PHE A 162 27.27 -7.00 60.15
C PHE A 162 27.46 -8.25 61.00
N SER A 163 26.44 -8.60 61.80
CA SER A 163 26.50 -9.84 62.57
C SER A 163 26.38 -11.07 61.68
N TRP A 164 25.67 -10.94 60.57
CA TRP A 164 25.51 -12.04 59.63
C TRP A 164 26.78 -12.34 58.85
N VAL A 165 27.74 -11.40 58.83
CA VAL A 165 28.91 -11.55 57.97
C VAL A 165 29.81 -12.67 58.48
N THR A 166 30.26 -13.50 57.55
CA THR A 166 31.30 -14.49 57.83
C THR A 166 32.44 -14.26 56.85
N PRO A 167 33.68 -14.05 57.32
CA PRO A 167 34.81 -13.96 56.39
C PRO A 167 34.90 -15.18 55.51
N CYS A 168 34.82 -14.99 54.19
CA CYS A 168 34.58 -16.08 53.25
C CYS A 168 35.70 -16.29 52.24
N ILE A 169 36.73 -15.44 52.21
CA ILE A 169 37.84 -15.61 51.28
C ILE A 169 39.15 -15.39 52.01
N SER A 170 40.21 -15.99 51.51
CA SER A 170 41.55 -15.84 52.04
C SER A 170 42.32 -14.82 51.21
N ALA A 171 43.32 -14.19 51.84
CA ALA A 171 44.12 -13.17 51.17
C ALA A 171 44.81 -13.71 49.92
N LYS A 172 45.03 -15.02 49.85
CA LYS A 172 45.63 -15.63 48.67
C LYS A 172 44.66 -15.82 47.52
N ASP A 173 43.42 -15.33 47.65
CA ASP A 173 42.38 -15.57 46.64
C ASP A 173 41.89 -14.29 45.99
N ILE A 174 42.54 -13.15 46.23
CA ILE A 174 42.13 -11.88 45.64
C ILE A 174 43.31 -11.26 44.92
N VAL A 175 43.04 -10.68 43.75
CA VAL A 175 44.03 -9.95 42.96
C VAL A 175 43.49 -8.55 42.70
N TYR A 176 44.24 -7.55 43.14
CA TYR A 176 43.93 -6.15 42.86
C TYR A 176 44.52 -5.75 41.52
N ILE A 177 43.79 -4.93 40.78
CA ILE A 177 44.28 -4.36 39.53
C ILE A 177 43.87 -2.88 39.47
N GLY A 178 44.85 -2.02 39.23
CA GLY A 178 44.59 -0.61 38.97
C GLY A 178 44.84 0.33 40.13
N LEU A 179 45.45 -0.14 41.22
CA LEU A 179 45.59 0.67 42.42
C LEU A 179 46.43 1.92 42.16
N ARG A 180 46.05 3.03 42.82
CA ARG A 180 46.85 4.25 42.74
C ARG A 180 46.49 5.23 43.86
N ASP A 181 45.65 4.82 44.81
CA ASP A 181 45.36 5.65 45.97
C ASP A 181 45.01 4.73 47.14
N VAL A 182 46.00 4.47 47.99
CA VAL A 182 45.88 3.52 49.08
C VAL A 182 46.27 4.21 50.38
N ASP A 183 45.41 4.13 51.39
CA ASP A 183 45.70 4.73 52.68
C ASP A 183 46.89 4.02 53.33
N PRO A 184 47.56 4.70 54.28
CA PRO A 184 48.68 4.03 54.99
C PRO A 184 48.28 2.73 55.66
N GLY A 185 47.15 2.70 56.36
CA GLY A 185 46.72 1.47 57.01
C GLY A 185 46.40 0.37 56.03
N GLU A 186 45.77 0.71 54.91
CA GLU A 186 45.48 -0.29 53.90
C GLU A 186 46.75 -0.88 53.30
N HIS A 187 47.73 -0.02 52.98
CA HIS A 187 48.98 -0.50 52.43
C HIS A 187 49.73 -1.36 53.43
N TYR A 188 49.62 -1.06 54.72
CA TYR A 188 50.16 -1.95 55.74
C TYR A 188 49.49 -3.32 55.69
N ILE A 189 48.15 -3.33 55.68
CA ILE A 189 47.42 -4.58 55.55
C ILE A 189 47.80 -5.29 54.25
N LEU A 190 47.88 -4.53 53.16
CA LEU A 190 48.25 -5.09 51.86
C LEU A 190 49.60 -5.81 51.93
N LYS A 191 50.58 -5.19 52.59
CA LYS A 191 51.91 -5.79 52.69
C LYS A 191 51.95 -6.90 53.74
N THR A 192 51.23 -6.73 54.86
CA THR A 192 51.30 -7.70 55.94
C THR A 192 50.66 -9.02 55.55
N LEU A 193 49.51 -8.98 54.87
CA LEU A 193 48.81 -10.19 54.49
C LEU A 193 49.35 -10.82 53.20
N GLY A 194 50.21 -10.12 52.48
CA GLY A 194 50.77 -10.66 51.25
C GLY A 194 49.76 -10.84 50.13
N ILE A 195 48.88 -9.87 49.92
CA ILE A 195 47.88 -9.95 48.89
C ILE A 195 48.52 -9.65 47.53
N LYS A 196 48.19 -10.47 46.54
CA LYS A 196 48.69 -10.26 45.19
C LYS A 196 48.00 -9.04 44.57
N TYR A 197 48.77 -8.11 44.02
CA TYR A 197 48.21 -6.88 43.50
C TYR A 197 49.01 -6.37 42.32
N PHE A 198 48.31 -5.72 41.38
CA PHE A 198 48.92 -5.03 40.25
C PHE A 198 48.44 -3.58 40.30
N SER A 199 49.25 -2.71 40.89
CA SER A 199 48.96 -1.29 40.85
C SER A 199 49.29 -0.72 39.48
N MET A 200 48.91 0.54 39.26
CA MET A 200 49.23 1.21 38.01
C MET A 200 50.73 1.16 37.72
N THR A 201 51.56 1.14 38.78
CA THR A 201 52.99 0.95 38.60
C THR A 201 53.29 -0.37 37.90
N GLU A 202 52.63 -1.45 38.35
CA GLU A 202 52.86 -2.76 37.75
C GLU A 202 52.28 -2.83 36.34
N VAL A 203 51.12 -2.22 36.13
CA VAL A 203 50.56 -2.18 34.78
C VAL A 203 51.47 -1.37 33.86
N ASP A 204 52.07 -0.30 34.37
CA ASP A 204 53.03 0.46 33.58
C ASP A 204 54.25 -0.39 33.26
N ARG A 205 54.80 -1.07 34.27
CA ARG A 205 56.00 -1.87 34.08
C ARG A 205 55.75 -3.06 33.15
N LEU A 206 54.70 -3.83 33.42
CA LEU A 206 54.48 -5.12 32.76
C LEU A 206 53.57 -5.03 31.55
N GLY A 207 52.65 -4.07 31.50
CA GLY A 207 51.64 -4.04 30.46
C GLY A 207 50.40 -4.83 30.84
N ILE A 208 49.28 -4.48 30.23
CA ILE A 208 48.01 -5.10 30.60
C ILE A 208 47.98 -6.57 30.23
N GLY A 209 48.74 -6.97 29.20
CA GLY A 209 48.74 -8.37 28.80
C GLY A 209 49.39 -9.28 29.83
N LYS A 210 50.60 -8.94 30.25
CA LYS A 210 51.28 -9.75 31.26
C LYS A 210 50.56 -9.70 32.60
N VAL A 211 49.91 -8.58 32.91
CA VAL A 211 49.14 -8.48 34.14
C VAL A 211 47.97 -9.47 34.13
N MET A 212 47.24 -9.54 33.02
CA MET A 212 46.11 -10.46 32.94
C MET A 212 46.56 -11.91 32.98
N GLU A 213 47.62 -12.24 32.22
CA GLU A 213 48.12 -13.60 32.22
C GLU A 213 48.58 -14.03 33.60
N GLU A 214 49.28 -13.14 34.31
CA GLU A 214 49.74 -13.47 35.65
C GLU A 214 48.58 -13.51 36.65
N THR A 215 47.54 -12.70 36.42
CA THR A 215 46.38 -12.72 37.30
C THR A 215 45.62 -14.03 37.18
N LEU A 216 45.31 -14.44 35.95
CA LEU A 216 44.58 -15.69 35.74
C LEU A 216 45.40 -16.89 36.19
N SER A 217 46.70 -16.88 35.95
CA SER A 217 47.55 -17.97 36.41
C SER A 217 47.62 -18.03 37.93
N TYR A 218 47.57 -16.87 38.60
CA TYR A 218 47.66 -16.85 40.05
C TYR A 218 46.41 -17.41 40.71
N LEU A 219 45.24 -17.18 40.10
CA LEU A 219 43.98 -17.63 40.70
C LEU A 219 43.54 -19.00 40.19
N LEU A 220 43.86 -19.34 38.94
CA LEU A 220 43.36 -20.57 38.33
C LEU A 220 44.45 -21.56 37.98
N GLY A 221 45.71 -21.29 38.34
CA GLY A 221 46.79 -22.18 37.94
C GLY A 221 46.63 -23.59 38.49
N ARG A 222 46.28 -23.69 39.77
CA ARG A 222 46.12 -25.00 40.39
C ARG A 222 44.97 -25.77 39.77
N LYS A 223 43.80 -25.14 39.65
CA LYS A 223 42.61 -25.79 39.13
C LYS A 223 41.58 -24.72 38.79
N LYS A 224 40.70 -25.04 37.83
CA LYS A 224 39.58 -24.16 37.52
C LYS A 224 38.75 -23.91 38.76
N ARG A 225 38.21 -22.69 38.85
CA ARG A 225 37.35 -22.30 39.96
C ARG A 225 36.62 -21.02 39.57
N PRO A 226 35.50 -20.72 40.22
CA PRO A 226 34.72 -19.53 39.84
C PRO A 226 35.45 -18.24 40.13
N ILE A 227 35.24 -17.25 39.25
CA ILE A 227 35.87 -15.94 39.36
C ILE A 227 34.79 -14.91 39.65
N HIS A 228 35.04 -14.09 40.66
CA HIS A 228 34.18 -12.95 40.99
C HIS A 228 34.92 -11.66 40.63
N LEU A 229 34.39 -10.92 39.66
CA LEU A 229 34.97 -9.65 39.25
C LEU A 229 34.20 -8.51 39.89
N SER A 230 34.89 -7.74 40.73
CA SER A 230 34.32 -6.56 41.37
C SER A 230 34.94 -5.33 40.70
N PHE A 231 34.14 -4.64 39.90
CA PHE A 231 34.63 -3.56 39.06
C PHE A 231 34.15 -2.22 39.61
N ASP A 232 34.98 -1.59 40.44
CA ASP A 232 34.78 -0.20 40.78
C ASP A 232 35.12 0.65 39.57
N VAL A 233 34.15 1.42 39.10
CA VAL A 233 34.31 2.20 37.87
C VAL A 233 35.47 3.19 37.97
N ASP A 234 35.83 3.64 39.17
CA ASP A 234 36.99 4.55 39.28
C ASP A 234 38.33 3.85 39.06
N GLY A 235 38.36 2.55 38.74
CA GLY A 235 39.60 1.93 38.30
C GLY A 235 40.05 2.43 36.96
N LEU A 236 39.12 2.83 36.10
CA LEU A 236 39.45 3.46 34.84
C LEU A 236 39.79 4.93 35.06
N ASP A 237 40.46 5.52 34.08
CA ASP A 237 40.87 6.91 34.22
C ASP A 237 39.65 7.83 34.13
N PRO A 238 39.64 8.94 34.88
CA PRO A 238 38.50 9.87 34.84
C PRO A 238 38.15 10.37 33.45
N SER A 239 39.08 10.30 32.50
CA SER A 239 38.78 10.70 31.14
C SER A 239 37.80 9.76 30.46
N PHE A 240 37.60 8.55 31.00
CA PHE A 240 36.62 7.61 30.48
C PHE A 240 35.43 7.40 31.40
N THR A 241 35.59 7.63 32.71
CA THR A 241 34.51 7.46 33.67
C THR A 241 34.56 8.60 34.69
N PRO A 242 34.24 9.83 34.27
CA PRO A 242 34.31 10.97 35.19
C PRO A 242 33.19 11.02 36.23
N ALA A 243 32.04 10.40 35.97
CA ALA A 243 30.89 10.48 36.87
C ALA A 243 30.99 9.41 37.95
N THR A 244 31.91 9.64 38.89
CA THR A 244 32.10 8.73 40.00
C THR A 244 32.63 9.50 41.20
N GLY A 245 32.50 8.88 42.38
CA GLY A 245 32.69 9.63 43.62
C GLY A 245 34.12 10.09 43.85
N THR A 246 35.09 9.23 43.54
CA THR A 246 36.49 9.48 43.87
C THR A 246 37.36 9.26 42.65
N PRO A 247 37.32 10.18 41.68
CA PRO A 247 38.19 10.06 40.52
C PRO A 247 39.64 10.29 40.88
N VAL A 248 40.51 9.45 40.32
CA VAL A 248 41.96 9.54 40.54
C VAL A 248 42.64 9.50 39.18
N VAL A 249 43.44 10.52 38.88
CA VAL A 249 44.12 10.59 37.60
C VAL A 249 45.13 9.45 37.47
N GLY A 250 45.47 9.13 36.22
CA GLY A 250 46.42 8.07 35.95
C GLY A 250 45.83 6.68 35.97
N GLY A 251 44.62 6.51 35.43
CA GLY A 251 43.90 5.27 35.54
C GLY A 251 44.08 4.33 34.35
N LEU A 252 43.47 3.16 34.48
CA LEU A 252 43.41 2.23 33.36
C LEU A 252 42.69 2.87 32.19
N THR A 253 43.15 2.57 30.98
CA THR A 253 42.50 3.10 29.80
C THR A 253 41.22 2.33 29.50
N TYR A 254 40.41 2.91 28.62
CA TYR A 254 39.26 2.20 28.07
C TYR A 254 39.68 0.87 27.46
N ARG A 255 40.79 0.86 26.74
CA ARG A 255 41.30 -0.36 26.13
C ARG A 255 41.69 -1.38 27.20
N GLU A 256 42.42 -0.94 28.23
CA GLU A 256 42.84 -1.86 29.28
C GLU A 256 41.64 -2.41 30.04
N GLY A 257 40.59 -1.61 30.23
CA GLY A 257 39.39 -2.12 30.85
C GLY A 257 38.71 -3.19 30.00
N LEU A 258 38.62 -2.96 28.70
CA LEU A 258 38.07 -3.97 27.81
C LEU A 258 38.94 -5.22 27.78
N TYR A 259 40.26 -5.04 27.77
CA TYR A 259 41.15 -6.19 27.72
C TYR A 259 41.02 -7.07 28.95
N ILE A 260 41.00 -6.45 30.13
CA ILE A 260 40.79 -7.21 31.37
C ILE A 260 39.49 -8.00 31.28
N THR A 261 38.41 -7.33 30.89
CA THR A 261 37.11 -7.98 30.84
C THR A 261 37.03 -8.99 29.71
N GLU A 262 37.68 -8.70 28.57
CA GLU A 262 37.69 -9.67 27.47
C GLU A 262 38.44 -10.94 27.86
N GLU A 263 39.60 -10.79 28.50
CA GLU A 263 40.37 -11.95 28.92
C GLU A 263 39.64 -12.76 29.98
N ILE A 264 38.95 -12.08 30.89
CA ILE A 264 38.20 -12.78 31.93
C ILE A 264 37.10 -13.63 31.30
N TYR A 265 36.47 -13.12 30.24
CA TYR A 265 35.39 -13.87 29.60
C TYR A 265 35.90 -15.18 29.01
N LYS A 266 37.03 -15.13 28.31
CA LYS A 266 37.52 -16.29 27.57
C LYS A 266 37.85 -17.47 28.48
N THR A 267 38.09 -17.23 29.77
CA THR A 267 38.25 -18.34 30.70
C THR A 267 36.96 -19.12 30.88
N GLY A 268 35.82 -18.52 30.57
CA GLY A 268 34.54 -19.19 30.77
C GLY A 268 34.18 -19.42 32.21
N LEU A 269 34.91 -18.82 33.16
CA LEU A 269 34.71 -19.08 34.58
C LEU A 269 34.15 -17.87 35.33
N LEU A 270 33.70 -16.85 34.62
CA LEU A 270 33.04 -15.73 35.30
C LEU A 270 31.77 -16.22 35.97
N SER A 271 31.64 -15.92 37.26
CA SER A 271 30.52 -16.39 38.05
C SER A 271 29.85 -15.30 38.89
N GLY A 272 30.51 -14.16 39.11
CA GLY A 272 29.91 -13.02 39.78
C GLY A 272 30.52 -11.73 39.29
N LEU A 273 29.70 -10.70 39.12
CA LEU A 273 30.16 -9.43 38.55
C LEU A 273 29.51 -8.26 39.26
N ASP A 274 30.32 -7.27 39.64
CA ASP A 274 29.85 -6.03 40.23
C ASP A 274 30.26 -4.85 39.35
N ILE A 275 29.30 -3.99 39.03
CA ILE A 275 29.56 -2.74 38.31
C ILE A 275 29.18 -1.62 39.27
N MET A 276 30.17 -1.03 39.92
CA MET A 276 29.94 -0.19 41.09
C MET A 276 30.35 1.25 40.85
N GLU A 277 29.79 2.13 41.68
CA GLU A 277 30.24 3.51 41.89
C GLU A 277 30.00 4.42 40.69
N VAL A 278 29.02 4.11 39.85
CA VAL A 278 28.57 5.05 38.84
C VAL A 278 27.63 6.05 39.51
N ASN A 279 27.98 7.33 39.47
CA ASN A 279 27.15 8.39 40.06
C ASN A 279 26.79 9.39 38.98
N PRO A 280 25.60 9.30 38.39
CA PRO A 280 25.23 10.24 37.32
C PRO A 280 25.11 11.68 37.79
N SER A 281 24.85 11.93 39.07
CA SER A 281 24.75 13.30 39.55
C SER A 281 26.10 13.97 39.72
N LEU A 282 27.20 13.24 39.53
CA LEU A 282 28.54 13.76 39.69
C LEU A 282 29.20 14.12 38.37
N GLY A 283 28.44 14.12 37.27
CA GLY A 283 28.96 14.55 35.99
C GLY A 283 28.77 16.03 35.81
N LYS A 284 29.82 16.71 35.34
CA LYS A 284 29.76 18.15 35.16
C LYS A 284 29.00 18.56 33.90
N THR A 285 28.87 17.66 32.94
CA THR A 285 28.08 17.86 31.74
C THR A 285 27.23 16.61 31.51
N PRO A 286 26.13 16.73 30.77
CA PRO A 286 25.37 15.52 30.41
C PRO A 286 26.20 14.49 29.66
N GLU A 287 27.19 14.94 28.88
CA GLU A 287 28.05 14.00 28.16
C GLU A 287 28.92 13.20 29.12
N GLU A 288 29.36 13.82 30.21
CA GLU A 288 30.19 13.10 31.18
C GLU A 288 29.44 11.92 31.77
N VAL A 289 28.13 12.08 32.02
CA VAL A 289 27.32 10.95 32.45
C VAL A 289 27.21 9.92 31.34
N THR A 290 26.89 10.38 30.13
CA THR A 290 26.78 9.48 28.98
C THR A 290 28.07 8.72 28.74
N ARG A 291 29.21 9.40 28.87
CA ARG A 291 30.50 8.74 28.69
C ARG A 291 30.73 7.67 29.75
N THR A 292 30.41 7.99 31.01
CA THR A 292 30.65 7.05 32.10
C THR A 292 29.78 5.80 31.95
N VAL A 293 28.49 5.98 31.66
CA VAL A 293 27.59 4.84 31.53
C VAL A 293 28.00 3.98 30.34
N ASN A 294 28.21 4.61 29.18
CA ASN A 294 28.55 3.86 27.98
C ASN A 294 29.86 3.09 28.15
N THR A 295 30.82 3.66 28.89
CA THR A 295 32.02 2.93 29.24
C THR A 295 31.69 1.75 30.14
N ALA A 296 30.83 1.98 31.14
CA ALA A 296 30.41 0.90 32.02
C ALA A 296 29.67 -0.18 31.25
N VAL A 297 28.83 0.22 30.29
CA VAL A 297 28.10 -0.75 29.46
C VAL A 297 29.07 -1.60 28.67
N ALA A 298 30.06 -0.96 28.03
CA ALA A 298 31.01 -1.69 27.21
C ALA A 298 31.80 -2.70 28.02
N ILE A 299 32.25 -2.30 29.22
CA ILE A 299 32.97 -3.22 30.09
C ILE A 299 32.09 -4.43 30.43
N THR A 300 30.79 -4.19 30.61
CA THR A 300 29.87 -5.27 30.96
C THR A 300 29.69 -6.24 29.80
N LEU A 301 29.41 -5.72 28.61
CA LEU A 301 29.23 -6.58 27.44
C LEU A 301 30.47 -7.40 27.14
N ALA A 302 31.66 -6.86 27.45
CA ALA A 302 32.88 -7.63 27.27
C ALA A 302 32.96 -8.79 28.24
N CYS A 303 32.41 -8.63 29.44
CA CYS A 303 32.38 -9.73 30.41
C CYS A 303 31.54 -10.90 29.93
N PHE A 304 30.70 -10.70 28.90
CA PHE A 304 29.78 -11.73 28.44
C PHE A 304 29.89 -11.97 26.95
N GLY A 305 31.08 -11.80 26.38
CA GLY A 305 31.39 -12.32 25.06
C GLY A 305 31.69 -11.29 23.99
N LEU A 306 31.26 -10.04 24.16
CA LEU A 306 31.57 -9.02 23.15
C LEU A 306 33.09 -8.91 23.01
N ALA A 307 33.56 -8.94 21.76
CA ALA A 307 34.98 -8.94 21.49
C ALA A 307 35.28 -7.95 20.38
N ARG A 308 36.37 -7.18 20.55
CA ARG A 308 36.72 -6.17 19.55
C ARG A 308 37.08 -6.80 18.22
N GLU A 309 37.62 -8.02 18.24
CA GLU A 309 37.93 -8.71 16.99
C GLU A 309 36.67 -9.12 16.23
N GLY A 310 35.52 -9.13 16.90
CA GLY A 310 34.27 -9.48 16.25
C GLY A 310 33.63 -10.72 16.84
N ASN A 311 32.34 -10.92 16.53
CA ASN A 311 31.59 -12.07 16.99
C ASN A 311 30.75 -12.60 15.83
N HIS A 312 30.49 -13.91 15.85
CA HIS A 312 29.62 -14.50 14.84
C HIS A 312 29.05 -15.79 15.37
N LYS A 313 27.84 -16.11 14.91
CA LYS A 313 27.20 -17.36 15.27
C LYS A 313 27.72 -18.50 14.38
N PRO A 314 27.71 -19.74 14.89
CA PRO A 314 28.23 -20.86 14.09
C PRO A 314 27.35 -21.21 12.88
N ILE A 315 26.84 -20.20 12.19
CA ILE A 315 26.00 -20.42 11.02
C ILE A 315 26.84 -20.90 9.85
N TYR A 317 27.65 -18.06 6.73
CA TYR A 317 27.54 -16.66 6.30
C TYR A 317 27.89 -16.52 4.85
N LEU A 318 28.91 -17.27 4.44
CA LEU A 318 29.11 -17.51 3.04
C LEU A 318 27.95 -18.35 2.57
N SER B 2 -12.40 29.39 -61.93
CA SER B 2 -12.79 28.19 -61.19
C SER B 2 -14.16 28.36 -60.56
N ALA B 3 -14.74 27.26 -60.08
CA ALA B 3 -16.03 27.31 -59.43
C ALA B 3 -15.93 28.05 -58.10
N LYS B 4 -17.10 28.46 -57.58
CA LYS B 4 -17.13 29.25 -56.35
C LYS B 4 -16.56 28.47 -55.18
N SER B 5 -16.83 27.16 -55.12
CA SER B 5 -16.28 26.34 -54.06
C SER B 5 -14.76 26.22 -54.12
N ARG B 6 -14.13 26.65 -55.21
CA ARG B 6 -12.68 26.61 -55.36
C ARG B 6 -12.08 27.98 -55.63
N THR B 7 -12.83 29.04 -55.39
CA THR B 7 -12.32 30.41 -55.50
C THR B 7 -11.98 30.91 -54.11
N ILE B 8 -10.69 31.15 -53.86
CA ILE B 8 -10.18 31.37 -52.52
C ILE B 8 -9.40 32.68 -52.46
N GLY B 9 -9.60 33.42 -51.37
CA GLY B 9 -8.72 34.52 -51.00
C GLY B 9 -8.05 34.20 -49.68
N ILE B 10 -6.72 34.24 -49.66
CA ILE B 10 -5.94 33.74 -48.53
C ILE B 10 -5.51 34.92 -47.65
N ILE B 11 -5.80 34.82 -46.35
CA ILE B 11 -5.44 35.82 -45.37
C ILE B 11 -4.50 35.18 -44.36
N GLY B 12 -3.28 35.71 -44.26
CA GLY B 12 -2.35 35.28 -43.23
C GLY B 12 -2.55 36.10 -41.98
N ALA B 13 -2.58 35.44 -40.83
CA ALA B 13 -2.82 36.09 -39.55
C ALA B 13 -1.71 35.71 -38.58
N PRO B 14 -0.52 36.29 -38.75
CA PRO B 14 0.57 36.00 -37.80
C PRO B 14 0.38 36.67 -36.45
N PHE B 15 -0.47 36.08 -35.60
CA PHE B 15 -0.77 36.63 -34.29
C PHE B 15 -0.65 35.53 -33.23
N SER B 16 -0.17 35.89 -32.05
CA SER B 16 0.12 34.91 -31.01
C SER B 16 -0.33 35.32 -29.62
N LYS B 17 -0.68 36.58 -29.37
CA LYS B 17 -0.93 37.04 -28.01
C LYS B 17 -2.26 36.57 -27.44
N GLY B 18 -3.03 35.79 -28.19
CA GLY B 18 -4.17 35.13 -27.59
C GLY B 18 -3.83 33.97 -26.68
N GLN B 19 -2.56 33.57 -26.65
CA GLN B 19 -2.13 32.41 -25.87
C GLN B 19 -0.71 32.67 -25.42
N PRO B 20 -0.20 31.89 -24.46
CA PRO B 20 1.12 32.22 -23.89
C PRO B 20 2.28 31.84 -24.80
N ARG B 21 2.22 30.70 -25.47
CA ARG B 21 3.39 30.14 -26.13
C ARG B 21 3.73 30.90 -27.39
N GLY B 22 5.00 31.29 -27.51
CA GLY B 22 5.47 31.95 -28.71
C GLY B 22 5.71 30.97 -29.85
N GLY B 23 5.50 31.45 -31.07
CA GLY B 23 5.79 30.69 -32.28
C GLY B 23 4.60 30.53 -33.20
N VAL B 24 3.39 30.50 -32.65
CA VAL B 24 2.20 30.23 -33.45
C VAL B 24 2.01 31.28 -34.53
N GLU B 25 2.65 32.45 -34.39
CA GLU B 25 2.58 33.48 -35.42
C GLU B 25 3.32 33.09 -36.70
N GLU B 26 4.16 32.07 -36.64
CA GLU B 26 4.88 31.58 -37.82
C GLU B 26 4.07 30.57 -38.61
N GLY B 27 2.86 30.22 -38.17
CA GLY B 27 1.97 29.33 -38.87
C GLY B 27 1.74 29.70 -40.32
N PRO B 28 1.35 30.95 -40.59
CA PRO B 28 1.20 31.38 -41.98
C PRO B 28 2.47 31.22 -42.81
N THR B 29 3.64 31.38 -42.19
CA THR B 29 4.89 31.26 -42.94
C THR B 29 5.17 29.81 -43.32
N VAL B 30 5.05 28.89 -42.36
CA VAL B 30 5.35 27.49 -42.64
C VAL B 30 4.30 26.90 -43.58
N LEU B 31 3.03 27.27 -43.41
CA LEU B 31 1.99 26.80 -44.31
C LEU B 31 2.25 27.25 -45.73
N ARG B 32 2.84 28.44 -45.91
CA ARG B 32 3.13 28.93 -47.25
C ARG B 32 4.31 28.19 -47.86
N LYS B 33 5.39 28.01 -47.09
CA LYS B 33 6.59 27.37 -47.64
C LYS B 33 6.40 25.88 -47.85
N ALA B 34 5.31 25.29 -47.35
CA ALA B 34 4.97 23.92 -47.68
C ALA B 34 4.24 23.80 -49.02
N GLY B 35 3.93 24.91 -49.66
CA GLY B 35 3.34 24.88 -50.99
C GLY B 35 1.83 24.89 -51.03
N LEU B 36 1.17 25.38 -49.98
CA LEU B 36 -0.29 25.35 -49.92
C LEU B 36 -0.90 26.09 -51.13
N LEU B 37 -0.40 27.30 -51.41
CA LEU B 37 -0.93 28.07 -52.52
C LEU B 37 -0.65 27.39 -53.86
N GLU B 38 0.47 26.68 -53.98
CA GLU B 38 0.75 25.95 -55.20
C GLU B 38 -0.15 24.72 -55.34
N LYS B 39 -0.34 23.99 -54.24
CA LYS B 39 -1.16 22.79 -54.28
C LYS B 39 -2.62 23.12 -54.55
N LEU B 40 -3.09 24.29 -54.11
CA LEU B 40 -4.47 24.67 -54.39
C LEU B 40 -4.66 24.95 -55.88
N LYS B 41 -3.73 25.69 -56.49
CA LYS B 41 -3.82 25.97 -57.92
C LYS B 41 -3.66 24.70 -58.75
N GLU B 42 -2.99 23.69 -58.20
CA GLU B 42 -2.88 22.41 -58.91
C GLU B 42 -4.24 21.74 -59.05
N GLN B 43 -5.06 21.80 -58.00
CA GLN B 43 -6.40 21.21 -58.02
C GLN B 43 -7.46 22.20 -58.51
N GLU B 44 -7.10 23.09 -59.44
CA GLU B 44 -8.05 23.93 -60.18
C GLU B 44 -8.72 24.98 -59.30
N CYS B 45 -8.01 25.50 -58.31
CA CYS B 45 -8.54 26.56 -57.47
C CYS B 45 -8.11 27.93 -57.98
N ASP B 46 -8.98 28.91 -57.82
CA ASP B 46 -8.68 30.31 -58.13
C ASP B 46 -8.25 30.97 -56.82
N VAL B 47 -6.93 31.13 -56.65
CA VAL B 47 -6.34 31.58 -55.40
C VAL B 47 -5.79 32.98 -55.58
N LYS B 48 -6.17 33.88 -54.67
CA LYS B 48 -5.61 35.22 -54.59
C LYS B 48 -5.09 35.43 -53.18
N ASP B 49 -3.84 35.85 -53.06
CA ASP B 49 -3.19 36.03 -51.77
C ASP B 49 -3.34 37.49 -51.35
N TYR B 50 -4.10 37.73 -50.28
CA TYR B 50 -4.25 39.06 -49.72
C TYR B 50 -3.12 39.42 -48.77
N GLY B 51 -2.13 38.54 -48.61
CA GLY B 51 -0.96 38.84 -47.82
C GLY B 51 -1.13 38.57 -46.34
N ASP B 52 -0.03 38.71 -45.62
CA ASP B 52 -0.05 38.60 -44.17
C ASP B 52 -0.48 39.92 -43.55
N LEU B 53 -1.43 39.86 -42.63
CA LEU B 53 -1.94 41.07 -42.00
C LEU B 53 -0.87 41.70 -41.12
N PRO B 54 -0.58 43.00 -41.29
CA PRO B 54 0.34 43.68 -40.37
C PRO B 54 -0.39 44.03 -39.07
N PHE B 55 0.09 43.47 -37.97
CA PHE B 55 -0.50 43.71 -36.66
C PHE B 55 0.44 44.61 -35.87
N ALA B 56 0.11 45.90 -35.84
CA ALA B 56 0.93 46.88 -35.15
C ALA B 56 1.02 46.55 -33.66
N ASP B 57 2.23 46.65 -33.13
CA ASP B 57 2.48 46.32 -31.73
C ASP B 57 1.69 47.25 -30.81
N ILE B 58 1.00 46.66 -29.83
CA ILE B 58 0.34 47.44 -28.79
C ILE B 58 1.16 47.29 -27.52
N PRO B 59 2.06 48.22 -27.22
CA PRO B 59 2.99 48.02 -26.09
C PRO B 59 2.32 48.16 -24.73
N ASN B 60 1.45 49.15 -24.55
CA ASN B 60 0.75 49.34 -23.28
C ASN B 60 -0.55 48.56 -23.33
N ASP B 61 -0.48 47.27 -22.99
CA ASP B 61 -1.62 46.36 -23.05
C ASP B 61 -1.68 45.58 -21.73
N SER B 62 -2.04 46.26 -20.65
CA SER B 62 -2.14 45.63 -19.35
C SER B 62 -3.35 44.71 -19.30
N PRO B 63 -3.35 43.74 -18.39
CA PRO B 63 -4.43 42.75 -18.36
C PRO B 63 -5.75 43.34 -17.86
N PHE B 64 -6.84 42.80 -18.42
CA PHE B 64 -8.18 42.99 -17.85
C PHE B 64 -8.43 41.84 -16.89
N GLN B 65 -8.45 42.15 -15.58
CA GLN B 65 -8.49 41.14 -14.53
C GLN B 65 -7.36 40.13 -14.74
N ILE B 66 -7.69 38.91 -15.19
CA ILE B 66 -6.68 37.91 -15.51
C ILE B 66 -6.56 37.67 -17.01
N VAL B 67 -7.40 38.31 -17.82
CA VAL B 67 -7.31 38.18 -19.27
C VAL B 67 -6.06 38.89 -19.76
N LYS B 68 -5.26 38.20 -20.57
CA LYS B 68 -3.97 38.68 -21.00
C LYS B 68 -4.01 39.22 -22.43
N ASN B 69 -3.17 40.23 -22.68
CA ASN B 69 -3.00 40.94 -23.95
C ASN B 69 -4.34 41.27 -24.62
N PRO B 70 -5.30 41.85 -23.91
CA PRO B 70 -6.64 41.98 -24.52
C PRO B 70 -6.71 43.00 -25.64
N ARG B 71 -6.02 44.13 -25.52
CA ARG B 71 -6.07 45.14 -26.57
C ARG B 71 -5.41 44.64 -27.85
N SER B 72 -4.32 43.87 -27.72
CA SER B 72 -3.69 43.29 -28.90
C SER B 72 -4.58 42.24 -29.55
N VAL B 73 -5.22 41.40 -28.75
CA VAL B 73 -6.10 40.37 -29.30
C VAL B 73 -7.34 41.01 -29.92
N GLY B 74 -7.90 42.02 -29.27
CA GLY B 74 -9.09 42.67 -29.81
C GLY B 74 -8.83 43.41 -31.11
N LYS B 75 -7.68 44.09 -31.19
CA LYS B 75 -7.37 44.84 -32.41
CA LYS B 75 -7.37 44.84 -32.41
C LYS B 75 -7.07 43.91 -33.58
N ALA B 76 -6.37 42.80 -33.31
CA ALA B 76 -6.07 41.84 -34.38
C ALA B 76 -7.35 41.29 -34.99
N SER B 77 -8.29 40.86 -34.13
CA SER B 77 -9.56 40.35 -34.63
C SER B 77 -10.33 41.42 -35.38
N GLU B 78 -10.29 42.67 -34.89
CA GLU B 78 -10.93 43.75 -35.63
C GLU B 78 -10.28 43.94 -37.00
N GLN B 79 -8.95 43.83 -37.07
CA GLN B 79 -8.27 43.90 -38.35
C GLN B 79 -8.68 42.74 -39.25
N LEU B 80 -8.68 41.52 -38.70
CA LEU B 80 -9.05 40.35 -39.48
C LEU B 80 -10.49 40.44 -39.97
N ALA B 81 -11.38 40.93 -39.12
CA ALA B 81 -12.79 41.05 -39.51
C ALA B 81 -12.96 41.91 -40.74
N GLY B 82 -12.26 43.05 -40.80
CA GLY B 82 -12.32 43.88 -42.00
C GLY B 82 -11.72 43.18 -43.20
N LYS B 83 -10.60 42.46 -43.01
CA LYS B 83 -9.96 41.79 -44.13
C LYS B 83 -10.83 40.65 -44.67
N VAL B 84 -11.54 39.95 -43.79
CA VAL B 84 -12.40 38.86 -44.23
C VAL B 84 -13.57 39.39 -45.05
N ALA B 85 -14.25 40.42 -44.54
CA ALA B 85 -15.42 40.96 -45.24
C ALA B 85 -15.05 41.44 -46.63
N GLU B 86 -13.85 42.00 -46.79
CA GLU B 86 -13.41 42.44 -48.11
C GLU B 86 -13.26 41.24 -49.05
N VAL B 87 -12.78 40.11 -48.53
CA VAL B 87 -12.63 38.91 -49.36
C VAL B 87 -14.00 38.36 -49.74
N LYS B 88 -14.94 38.35 -48.81
CA LYS B 88 -16.28 37.84 -49.11
C LYS B 88 -17.02 38.73 -50.09
N LYS B 89 -16.81 40.05 -50.02
CA LYS B 89 -17.39 40.95 -51.01
C LYS B 89 -16.74 40.76 -52.38
N ASN B 90 -15.51 40.27 -52.42
CA ASN B 90 -14.82 39.93 -53.67
C ASN B 90 -15.23 38.56 -54.19
N GLY B 91 -16.24 37.93 -53.60
CA GLY B 91 -16.77 36.68 -54.11
C GLY B 91 -15.90 35.46 -53.87
N ARG B 92 -14.98 35.52 -52.91
CA ARG B 92 -14.07 34.42 -52.64
C ARG B 92 -14.32 33.82 -51.27
N ILE B 93 -13.90 32.57 -51.11
CA ILE B 93 -13.92 31.91 -49.81
C ILE B 93 -12.68 32.36 -49.03
N SER B 94 -12.90 32.94 -47.85
CA SER B 94 -11.80 33.38 -47.02
C SER B 94 -11.09 32.19 -46.40
N LEU B 95 -9.76 32.18 -46.48
CA LEU B 95 -8.92 31.13 -45.92
C LEU B 95 -7.93 31.80 -44.98
N VAL B 96 -8.22 31.77 -43.68
CA VAL B 96 -7.39 32.42 -42.68
C VAL B 96 -6.32 31.43 -42.21
N LEU B 97 -5.07 31.72 -42.54
CA LEU B 97 -3.93 30.95 -42.04
C LEU B 97 -3.50 31.58 -40.73
N GLY B 98 -3.65 30.84 -39.63
CA GLY B 98 -3.60 31.53 -38.37
C GLY B 98 -2.47 31.22 -37.42
N GLY B 99 -2.38 32.09 -36.41
CA GLY B 99 -1.74 31.75 -35.17
C GLY B 99 -2.79 31.22 -34.22
N ASP B 100 -2.97 31.88 -33.09
CA ASP B 100 -3.90 31.38 -32.08
C ASP B 100 -5.35 31.53 -32.52
N HIS B 101 -6.23 30.79 -31.84
CA HIS B 101 -7.63 30.66 -32.23
C HIS B 101 -8.48 31.86 -31.83
N SER B 102 -7.95 32.80 -31.05
CA SER B 102 -8.72 33.99 -30.72
C SER B 102 -9.09 34.79 -31.96
N LEU B 103 -8.34 34.63 -33.05
CA LEU B 103 -8.65 35.31 -34.31
C LEU B 103 -9.97 34.84 -34.90
N ALA B 104 -10.57 33.77 -34.37
CA ALA B 104 -11.90 33.37 -34.83
C ALA B 104 -12.95 34.43 -34.55
N ILE B 105 -12.71 35.28 -33.54
CA ILE B 105 -13.61 36.39 -33.27
C ILE B 105 -13.73 37.28 -34.50
N GLY B 106 -12.59 37.68 -35.07
CA GLY B 106 -12.62 38.52 -36.25
C GLY B 106 -13.04 37.76 -37.50
N SER B 107 -12.54 36.54 -37.68
CA SER B 107 -12.84 35.77 -38.89
C SER B 107 -14.33 35.52 -39.04
N ILE B 108 -15.00 35.13 -37.96
CA ILE B 108 -16.43 34.86 -38.04
C ILE B 108 -17.22 36.17 -38.11
N SER B 109 -16.79 37.18 -37.35
CA SER B 109 -17.47 38.48 -37.39
C SER B 109 -17.45 39.05 -38.80
N GLY B 110 -16.26 39.17 -39.39
CA GLY B 110 -16.17 39.70 -40.73
C GLY B 110 -16.94 38.88 -41.75
N HIS B 111 -16.93 37.56 -41.58
CA HIS B 111 -17.70 36.70 -42.46
C HIS B 111 -19.20 36.93 -42.29
N ALA B 112 -19.66 37.05 -41.04
CA ALA B 112 -21.08 37.31 -40.80
C ALA B 112 -21.50 38.66 -41.36
N ARG B 113 -20.57 39.61 -41.46
CA ARG B 113 -20.91 40.92 -42.00
C ARG B 113 -21.41 40.82 -43.44
N VAL B 114 -20.84 39.90 -44.22
CA VAL B 114 -21.30 39.69 -45.58
C VAL B 114 -22.35 38.58 -45.66
N HIS B 115 -22.36 37.65 -44.70
CA HIS B 115 -23.28 36.50 -44.73
C HIS B 115 -23.80 36.26 -43.33
N PRO B 116 -24.85 36.99 -42.92
CA PRO B 116 -25.37 36.84 -41.56
C PRO B 116 -26.08 35.52 -41.30
N ASP B 117 -26.39 34.75 -42.34
CA ASP B 117 -27.07 33.48 -42.17
C ASP B 117 -26.11 32.30 -42.02
N LEU B 118 -24.83 32.57 -41.75
CA LEU B 118 -23.84 31.51 -41.76
C LEU B 118 -24.02 30.56 -40.58
N GLY B 119 -23.64 29.30 -40.78
CA GLY B 119 -23.54 28.32 -39.72
C GLY B 119 -22.07 27.96 -39.52
N VAL B 120 -21.74 27.58 -38.29
CA VAL B 120 -20.34 27.37 -37.89
C VAL B 120 -20.13 25.91 -37.56
N ILE B 121 -19.06 25.33 -38.10
CA ILE B 121 -18.55 24.02 -37.67
C ILE B 121 -17.20 24.26 -37.02
N TRP B 122 -17.07 23.83 -35.76
CA TRP B 122 -15.91 24.13 -34.93
C TRP B 122 -15.20 22.82 -34.60
N VAL B 123 -14.13 22.53 -35.32
CA VAL B 123 -13.32 21.33 -35.08
C VAL B 123 -12.20 21.69 -34.14
N ASP B 124 -12.17 21.04 -32.98
CA ASP B 124 -11.31 21.45 -31.88
C ASP B 124 -11.43 20.43 -30.77
N ALA B 125 -10.33 20.22 -30.05
CA ALA B 125 -10.40 19.48 -28.80
C ALA B 125 -11.03 20.30 -27.68
N HIS B 126 -11.21 21.60 -27.90
CA HIS B 126 -11.69 22.52 -26.88
C HIS B 126 -12.92 23.27 -27.40
N THR B 127 -13.73 23.74 -26.45
CA THR B 127 -14.93 24.50 -26.81
C THR B 127 -14.63 25.98 -27.03
N ASP B 128 -13.58 26.51 -26.41
CA ASP B 128 -13.19 27.91 -26.56
C ASP B 128 -14.37 28.85 -26.30
N ILE B 129 -15.19 28.49 -25.31
CA ILE B 129 -16.42 29.18 -25.00
C ILE B 129 -16.40 29.78 -23.60
N ASN B 130 -15.23 29.86 -22.97
CA ASN B 130 -15.10 30.56 -21.71
C ASN B 130 -15.39 32.05 -21.91
N THR B 131 -16.03 32.65 -20.93
CA THR B 131 -16.14 34.10 -20.92
C THR B 131 -14.92 34.70 -20.23
N PRO B 132 -14.66 35.99 -20.41
CA PRO B 132 -13.56 36.63 -19.66
C PRO B 132 -13.71 36.51 -18.15
N LEU B 133 -14.90 36.20 -17.64
CA LEU B 133 -15.12 36.02 -16.21
C LEU B 133 -15.04 34.56 -15.78
N THR B 134 -15.37 33.61 -16.66
CA THR B 134 -15.27 32.20 -16.34
C THR B 134 -13.89 31.61 -16.60
N THR B 135 -13.04 32.31 -17.35
CA THR B 135 -11.73 31.78 -17.67
C THR B 135 -10.86 31.68 -16.42
N THR B 136 -10.00 30.66 -16.40
CA THR B 136 -9.00 30.52 -15.37
C THR B 136 -7.58 30.67 -15.91
N SER B 137 -7.38 30.48 -17.21
CA SER B 137 -6.07 30.68 -17.81
C SER B 137 -5.84 32.13 -18.21
N GLY B 138 -6.90 32.90 -18.41
CA GLY B 138 -6.76 34.26 -18.89
C GLY B 138 -6.33 34.37 -20.34
N ASN B 139 -6.23 33.26 -21.05
CA ASN B 139 -5.80 33.28 -22.45
C ASN B 139 -7.03 33.36 -23.35
N LEU B 140 -7.02 34.32 -24.27
CA LEU B 140 -8.20 34.63 -25.06
C LEU B 140 -8.49 33.60 -26.15
N HIS B 141 -7.52 32.79 -26.54
CA HIS B 141 -7.80 31.76 -27.54
C HIS B 141 -8.73 30.67 -27.02
N GLY B 142 -8.95 30.62 -25.70
CA GLY B 142 -9.97 29.79 -25.11
C GLY B 142 -11.29 30.49 -24.87
N GLN B 143 -11.47 31.68 -25.44
CA GLN B 143 -12.69 32.46 -25.26
C GLN B 143 -13.40 32.98 -26.51
N PRO B 144 -12.99 32.62 -27.75
CA PRO B 144 -13.60 33.31 -28.91
C PRO B 144 -15.10 33.12 -29.05
N VAL B 145 -15.61 31.91 -28.78
CA VAL B 145 -17.01 31.63 -29.06
C VAL B 145 -17.94 32.46 -28.19
N SER B 146 -17.54 32.69 -26.94
CA SER B 146 -18.40 33.47 -26.03
C SER B 146 -18.60 34.89 -26.52
N PHE B 147 -17.59 35.47 -27.19
CA PHE B 147 -17.74 36.80 -27.75
C PHE B 147 -18.71 36.85 -28.91
N LEU B 148 -18.93 35.72 -29.58
CA LEU B 148 -19.75 35.69 -30.80
C LEU B 148 -21.18 35.24 -30.57
N LEU B 149 -21.47 34.60 -29.43
CA LEU B 149 -22.77 33.98 -29.22
C LEU B 149 -23.78 35.02 -28.74
N LYS B 150 -24.90 35.14 -29.47
CA LYS B 150 -25.95 36.07 -29.07
C LYS B 150 -26.49 35.74 -27.69
N GLU B 151 -26.56 34.45 -27.35
CA GLU B 151 -27.17 34.03 -26.09
C GLU B 151 -26.35 34.42 -24.88
N LEU B 152 -25.06 34.72 -25.04
CA LEU B 152 -24.23 35.11 -23.93
C LEU B 152 -24.10 36.62 -23.78
N LYS B 153 -24.83 37.39 -24.59
CA LYS B 153 -24.85 38.84 -24.43
C LYS B 153 -25.40 39.22 -23.06
N GLY B 154 -24.66 40.06 -22.34
CA GLY B 154 -24.95 40.36 -20.96
C GLY B 154 -24.03 39.68 -19.98
N LYS B 155 -23.26 38.69 -20.43
CA LYS B 155 -22.27 38.02 -19.60
C LYS B 155 -20.84 38.32 -19.99
N ILE B 156 -20.62 39.04 -21.09
CA ILE B 156 -19.28 39.40 -21.55
C ILE B 156 -18.99 40.82 -21.05
N PRO B 157 -18.00 41.00 -20.17
CA PRO B 157 -17.71 42.34 -19.66
C PRO B 157 -17.09 43.25 -20.72
N ASP B 158 -16.83 44.51 -20.34
CA ASP B 158 -16.30 45.51 -21.27
C ASP B 158 -14.77 45.36 -21.34
N VAL B 159 -14.35 44.36 -22.11
CA VAL B 159 -12.92 44.07 -22.27
C VAL B 159 -12.33 45.05 -23.28
N PRO B 160 -11.28 45.78 -22.91
CA PRO B 160 -10.69 46.76 -23.84
C PRO B 160 -10.17 46.09 -25.10
N GLY B 161 -10.53 46.68 -26.24
CA GLY B 161 -10.20 46.14 -27.54
C GLY B 161 -11.35 45.46 -28.24
N PHE B 162 -12.49 45.28 -27.55
CA PHE B 162 -13.59 44.48 -28.07
C PHE B 162 -14.90 45.26 -28.16
N SER B 163 -14.87 46.59 -28.07
CA SER B 163 -16.10 47.37 -28.18
C SER B 163 -16.72 47.26 -29.56
N TRP B 164 -15.93 46.85 -30.57
CA TRP B 164 -16.45 46.65 -31.91
C TRP B 164 -17.21 45.34 -32.07
N VAL B 165 -17.08 44.43 -31.10
CA VAL B 165 -17.62 43.08 -31.26
C VAL B 165 -19.13 43.10 -31.07
N THR B 166 -19.84 42.57 -32.06
CA THR B 166 -21.28 42.35 -31.96
C THR B 166 -21.56 40.87 -32.08
N PRO B 167 -22.21 40.24 -31.10
CA PRO B 167 -22.56 38.81 -31.23
C PRO B 167 -23.36 38.57 -32.50
N CYS B 168 -22.89 37.61 -33.31
CA CYS B 168 -23.39 37.44 -34.67
C CYS B 168 -23.94 36.06 -35.00
N ILE B 169 -23.82 35.06 -34.12
CA ILE B 169 -24.42 33.76 -34.35
C ILE B 169 -25.17 33.33 -33.10
N SER B 170 -26.30 32.65 -33.28
CA SER B 170 -27.04 32.08 -32.18
C SER B 170 -26.48 30.70 -31.84
N ALA B 171 -26.80 30.23 -30.63
CA ALA B 171 -26.30 28.94 -30.17
C ALA B 171 -26.83 27.77 -30.99
N LYS B 172 -27.80 28.00 -31.86
CA LYS B 172 -28.36 26.94 -32.71
C LYS B 172 -27.67 26.84 -34.07
N ASP B 173 -26.66 27.67 -34.34
CA ASP B 173 -26.00 27.68 -35.64
C ASP B 173 -24.52 27.30 -35.54
N ILE B 174 -24.14 26.53 -34.53
CA ILE B 174 -22.76 26.10 -34.35
C ILE B 174 -22.76 24.63 -33.91
N VAL B 175 -21.83 23.85 -34.44
CA VAL B 175 -21.68 22.44 -34.10
C VAL B 175 -20.23 22.17 -33.75
N TYR B 176 -20.00 21.57 -32.58
CA TYR B 176 -18.67 21.17 -32.15
C TYR B 176 -18.38 19.73 -32.57
N ILE B 177 -17.17 19.50 -33.08
CA ILE B 177 -16.68 18.16 -33.35
C ILE B 177 -15.27 18.06 -32.78
N GLY B 178 -15.03 17.05 -31.96
CA GLY B 178 -13.70 16.75 -31.46
C GLY B 178 -13.47 16.98 -29.99
N LEU B 179 -14.47 17.47 -29.25
CA LEU B 179 -14.26 17.88 -27.87
C LEU B 179 -13.77 16.72 -27.00
N ARG B 180 -12.83 17.03 -26.10
CA ARG B 180 -12.32 16.05 -25.14
C ARG B 180 -11.57 16.74 -24.01
N ASP B 181 -11.67 18.07 -23.93
CA ASP B 181 -10.98 18.84 -22.90
C ASP B 181 -11.73 20.14 -22.62
N VAL B 182 -12.75 20.08 -21.77
CA VAL B 182 -13.71 21.16 -21.60
C VAL B 182 -13.72 21.60 -20.13
N ASP B 183 -13.59 22.91 -19.90
CA ASP B 183 -13.60 23.44 -18.54
C ASP B 183 -15.00 23.30 -17.93
N PRO B 184 -15.08 23.22 -16.59
CA PRO B 184 -16.41 23.12 -15.95
C PRO B 184 -17.35 24.26 -16.30
N GLY B 185 -16.88 25.50 -16.21
CA GLY B 185 -17.68 26.62 -16.66
C GLY B 185 -18.02 26.55 -18.14
N GLU B 186 -17.15 25.91 -18.92
CA GLU B 186 -17.43 25.72 -20.34
C GLU B 186 -18.50 24.65 -20.53
N HIS B 187 -18.46 23.59 -19.74
CA HIS B 187 -19.50 22.56 -19.83
C HIS B 187 -20.85 23.11 -19.42
N TYR B 188 -20.89 24.05 -18.47
CA TYR B 188 -22.16 24.64 -18.06
C TYR B 188 -22.78 25.45 -19.19
N ILE B 189 -21.98 26.26 -19.88
CA ILE B 189 -22.50 27.05 -21.00
C ILE B 189 -22.96 26.13 -22.12
N LEU B 190 -22.20 25.07 -22.39
CA LEU B 190 -22.59 24.08 -23.40
C LEU B 190 -24.00 23.56 -23.14
N LYS B 191 -24.27 23.13 -21.91
CA LYS B 191 -25.55 22.50 -21.60
C LYS B 191 -26.67 23.52 -21.52
N THR B 192 -26.46 24.61 -20.76
CA THR B 192 -27.53 25.57 -20.50
C THR B 192 -28.02 26.23 -21.79
N LEU B 193 -27.16 26.30 -22.81
CA LEU B 193 -27.55 26.89 -24.08
C LEU B 193 -28.04 25.86 -25.09
N GLY B 194 -27.88 24.56 -24.80
CA GLY B 194 -28.35 23.52 -25.70
C GLY B 194 -27.59 23.43 -27.01
N ILE B 195 -26.28 23.67 -26.97
CA ILE B 195 -25.49 23.71 -28.19
C ILE B 195 -25.28 22.30 -28.72
N LYS B 196 -25.44 22.14 -30.03
CA LYS B 196 -25.13 20.87 -30.68
C LYS B 196 -23.63 20.61 -30.65
N TYR B 197 -23.23 19.46 -30.12
CA TYR B 197 -21.82 19.11 -30.03
C TYR B 197 -21.65 17.62 -30.26
N PHE B 198 -20.48 17.25 -30.77
CA PHE B 198 -20.06 15.85 -30.92
C PHE B 198 -18.68 15.75 -30.26
N SER B 199 -18.67 15.39 -28.98
CA SER B 199 -17.40 15.10 -28.33
C SER B 199 -16.81 13.81 -28.90
N MET B 200 -15.59 13.49 -28.49
CA MET B 200 -15.00 12.21 -28.88
C MET B 200 -15.86 11.04 -28.44
N THR B 201 -16.61 11.21 -27.34
CA THR B 201 -17.58 10.20 -26.92
C THR B 201 -18.60 9.94 -28.01
N GLU B 202 -19.18 11.00 -28.56
CA GLU B 202 -20.17 10.84 -29.63
C GLU B 202 -19.52 10.28 -30.90
N VAL B 203 -18.29 10.71 -31.21
CA VAL B 203 -17.60 10.20 -32.39
C VAL B 203 -17.36 8.70 -32.26
N ASP B 204 -16.93 8.26 -31.07
CA ASP B 204 -16.76 6.83 -30.83
C ASP B 204 -18.08 6.08 -30.94
N ARG B 205 -19.18 6.72 -30.54
CA ARG B 205 -20.47 6.03 -30.48
C ARG B 205 -21.06 5.84 -31.88
N LEU B 206 -21.15 6.92 -32.65
CA LEU B 206 -21.86 6.90 -33.92
C LEU B 206 -20.96 6.71 -35.14
N GLY B 207 -19.68 6.99 -35.01
CA GLY B 207 -18.81 6.97 -36.18
C GLY B 207 -18.82 8.31 -36.89
N ILE B 208 -17.69 8.62 -37.52
CA ILE B 208 -17.54 9.91 -38.20
C ILE B 208 -18.53 10.07 -39.36
N GLY B 209 -19.02 8.96 -39.92
CA GLY B 209 -19.99 9.06 -40.99
C GLY B 209 -21.30 9.67 -40.53
N LYS B 210 -21.88 9.11 -39.47
CA LYS B 210 -23.11 9.66 -38.92
C LYS B 210 -22.91 11.06 -38.36
N VAL B 211 -21.73 11.35 -37.81
CA VAL B 211 -21.45 12.66 -37.23
C VAL B 211 -21.59 13.74 -38.28
N MET B 212 -20.99 13.55 -39.45
CA MET B 212 -21.11 14.54 -40.51
C MET B 212 -22.52 14.61 -41.06
N GLU B 213 -23.24 13.48 -41.08
CA GLU B 213 -24.62 13.49 -41.57
C GLU B 213 -25.52 14.32 -40.67
N GLU B 214 -25.45 14.08 -39.35
CA GLU B 214 -26.24 14.87 -38.42
C GLU B 214 -25.80 16.33 -38.41
N THR B 215 -24.48 16.57 -38.48
CA THR B 215 -23.97 17.93 -38.42
C THR B 215 -24.51 18.78 -39.56
N LEU B 216 -24.46 18.26 -40.79
CA LEU B 216 -24.90 19.03 -41.94
C LEU B 216 -26.42 19.09 -42.02
N SER B 217 -27.13 18.06 -41.56
CA SER B 217 -28.58 18.14 -41.53
C SER B 217 -29.05 19.05 -40.39
N TYR B 218 -28.23 19.20 -39.34
CA TYR B 218 -28.56 20.13 -38.27
C TYR B 218 -28.34 21.58 -38.70
N LEU B 219 -27.41 21.82 -39.61
CA LEU B 219 -27.07 23.17 -40.02
C LEU B 219 -27.66 23.58 -41.36
N LEU B 220 -27.83 22.63 -42.29
CA LEU B 220 -28.38 22.94 -43.61
C LEU B 220 -29.77 22.35 -43.82
N GLY B 221 -30.37 21.77 -42.78
CA GLY B 221 -31.65 21.10 -42.90
C GLY B 221 -32.80 21.99 -43.31
N ARG B 222 -33.04 23.05 -42.55
CA ARG B 222 -34.17 23.95 -42.85
C ARG B 222 -33.92 24.75 -44.11
N LYS B 223 -32.73 25.32 -44.24
CA LYS B 223 -32.38 26.09 -45.43
C LYS B 223 -30.88 26.02 -45.66
N LYS B 224 -30.49 26.09 -46.93
CA LYS B 224 -29.09 26.18 -47.30
C LYS B 224 -28.54 27.55 -46.92
N ARG B 225 -27.28 27.58 -46.54
CA ARG B 225 -26.65 28.81 -46.03
C ARG B 225 -25.14 28.59 -45.97
N PRO B 226 -24.35 29.67 -46.00
CA PRO B 226 -22.90 29.50 -46.02
C PRO B 226 -22.38 28.80 -44.78
N ILE B 227 -21.34 28.00 -44.95
CA ILE B 227 -20.69 27.28 -43.87
C ILE B 227 -19.34 27.92 -43.58
N HIS B 228 -19.08 28.17 -42.30
CA HIS B 228 -17.77 28.60 -41.82
C HIS B 228 -17.19 27.50 -40.96
N LEU B 229 -16.00 27.02 -41.34
CA LEU B 229 -15.32 25.96 -40.62
C LEU B 229 -14.09 26.53 -39.93
N SER B 230 -14.09 26.50 -38.60
CA SER B 230 -12.95 26.95 -37.80
C SER B 230 -12.24 25.69 -37.31
N PHE B 231 -11.10 25.38 -37.92
CA PHE B 231 -10.37 24.15 -37.68
C PHE B 231 -9.20 24.43 -36.75
N ASP B 232 -9.31 23.98 -35.50
CA ASP B 232 -8.19 24.00 -34.58
C ASP B 232 -7.42 22.69 -34.74
N VAL B 233 -6.12 22.81 -35.02
CA VAL B 233 -5.32 21.66 -35.37
C VAL B 233 -5.22 20.65 -34.23
N ASP B 234 -5.38 21.08 -32.98
CA ASP B 234 -5.34 20.15 -31.85
C ASP B 234 -6.62 19.34 -31.70
N GLY B 235 -7.61 19.55 -32.57
CA GLY B 235 -8.73 18.62 -32.62
C GLY B 235 -8.34 17.26 -33.12
N LEU B 236 -7.37 17.20 -34.03
CA LEU B 236 -6.78 15.94 -34.46
C LEU B 236 -5.85 15.41 -33.37
N ASP B 237 -5.62 14.10 -33.42
CA ASP B 237 -4.77 13.48 -32.42
C ASP B 237 -3.34 14.02 -32.53
N PRO B 238 -2.64 14.15 -31.40
CA PRO B 238 -1.25 14.64 -31.45
C PRO B 238 -0.31 13.79 -32.28
N SER B 239 -0.66 12.52 -32.55
CA SER B 239 0.17 11.72 -33.43
C SER B 239 0.19 12.26 -34.86
N PHE B 240 -0.73 13.16 -35.21
CA PHE B 240 -0.77 13.76 -36.53
C PHE B 240 -0.48 15.26 -36.52
N THR B 241 -0.81 15.96 -35.46
CA THR B 241 -0.56 17.40 -35.32
C THR B 241 0.05 17.69 -33.95
N PRO B 242 1.28 17.22 -33.70
CA PRO B 242 1.90 17.44 -32.38
C PRO B 242 2.40 18.86 -32.16
N ALA B 243 2.74 19.57 -33.24
CA ALA B 243 3.32 20.91 -33.12
C ALA B 243 2.20 21.93 -32.89
N THR B 244 1.58 21.82 -31.71
CA THR B 244 0.49 22.71 -31.35
C THR B 244 0.54 23.01 -29.85
N GLY B 245 -0.13 24.09 -29.46
CA GLY B 245 0.04 24.62 -28.12
C GLY B 245 -0.50 23.70 -27.03
N THR B 246 -1.70 23.16 -27.23
CA THR B 246 -2.38 22.36 -26.20
C THR B 246 -2.82 21.03 -26.81
N PRO B 247 -1.88 20.09 -26.99
CA PRO B 247 -2.27 18.76 -27.50
C PRO B 247 -3.00 17.96 -26.42
N VAL B 248 -3.99 17.18 -26.87
CA VAL B 248 -4.73 16.29 -25.99
C VAL B 248 -4.86 14.94 -26.69
N VAL B 249 -4.47 13.86 -25.97
CA VAL B 249 -4.49 12.52 -26.56
C VAL B 249 -5.93 12.11 -26.88
N GLY B 250 -6.06 11.15 -27.80
CA GLY B 250 -7.36 10.59 -28.13
C GLY B 250 -8.16 11.39 -29.11
N GLY B 251 -7.51 12.02 -30.08
CA GLY B 251 -8.19 12.92 -31.00
C GLY B 251 -8.77 12.23 -32.20
N LEU B 252 -9.38 13.04 -33.07
CA LEU B 252 -9.81 12.57 -34.37
C LEU B 252 -8.60 12.08 -35.14
N THR B 253 -8.80 11.01 -35.92
CA THR B 253 -7.71 10.48 -36.71
C THR B 253 -7.44 11.35 -37.92
N TYR B 254 -6.34 11.04 -38.62
CA TYR B 254 -6.08 11.68 -39.91
C TYR B 254 -7.23 11.46 -40.88
N ARG B 255 -7.71 10.22 -40.96
CA ARG B 255 -8.81 9.91 -41.86
C ARG B 255 -10.08 10.67 -41.47
N GLU B 256 -10.39 10.69 -40.17
CA GLU B 256 -11.58 11.41 -39.70
C GLU B 256 -11.49 12.89 -40.03
N GLY B 257 -10.31 13.49 -39.85
CA GLY B 257 -10.13 14.88 -40.24
C GLY B 257 -10.35 15.10 -41.72
N LEU B 258 -9.95 14.12 -42.55
CA LEU B 258 -10.17 14.25 -43.99
C LEU B 258 -11.63 14.06 -44.35
N TYR B 259 -12.32 13.11 -43.70
CA TYR B 259 -13.72 12.87 -44.02
C TYR B 259 -14.59 14.07 -43.67
N ILE B 260 -14.26 14.75 -42.56
CA ILE B 260 -15.00 15.96 -42.19
C ILE B 260 -14.89 17.01 -43.30
N THR B 261 -13.67 17.24 -43.79
CA THR B 261 -13.45 18.29 -44.76
C THR B 261 -13.88 17.89 -46.17
N GLU B 262 -13.87 16.59 -46.47
CA GLU B 262 -14.40 16.14 -47.76
C GLU B 262 -15.91 16.32 -47.83
N GLU B 263 -16.61 16.01 -46.74
CA GLU B 263 -18.06 16.16 -46.74
C GLU B 263 -18.46 17.63 -46.81
N ILE B 264 -17.75 18.49 -46.08
CA ILE B 264 -18.07 19.93 -46.11
C ILE B 264 -17.89 20.48 -47.51
N TYR B 265 -16.83 20.06 -48.22
CA TYR B 265 -16.64 20.50 -49.59
C TYR B 265 -17.83 20.12 -50.46
N LYS B 266 -18.33 18.88 -50.30
CA LYS B 266 -19.37 18.36 -51.17
C LYS B 266 -20.71 19.06 -51.00
N THR B 267 -20.90 19.78 -49.88
CA THR B 267 -22.08 20.62 -49.77
C THR B 267 -22.04 21.79 -50.75
N GLY B 268 -20.85 22.19 -51.19
CA GLY B 268 -20.72 23.36 -52.04
C GLY B 268 -20.89 24.68 -51.34
N LEU B 269 -21.04 24.67 -50.02
CA LEU B 269 -21.42 25.85 -49.27
C LEU B 269 -20.34 26.29 -48.29
N LEU B 270 -19.10 25.81 -48.45
CA LEU B 270 -18.00 26.34 -47.65
C LEU B 270 -17.75 27.78 -48.05
N SER B 271 -17.78 28.67 -47.08
CA SER B 271 -17.61 30.11 -47.34
C SER B 271 -16.46 30.74 -46.57
N GLY B 272 -16.05 30.16 -45.45
CA GLY B 272 -14.89 30.64 -44.73
C GLY B 272 -14.22 29.50 -44.00
N LEU B 273 -12.91 29.59 -43.85
CA LEU B 273 -12.12 28.53 -43.24
C LEU B 273 -10.99 29.11 -42.41
N ASP B 274 -10.80 28.54 -41.21
CA ASP B 274 -9.70 28.89 -40.33
C ASP B 274 -8.84 27.67 -40.07
N ILE B 275 -7.53 27.79 -40.27
CA ILE B 275 -6.56 26.76 -39.95
C ILE B 275 -5.69 27.33 -38.83
N MET B 276 -5.97 26.94 -37.59
CA MET B 276 -5.48 27.65 -36.42
C MET B 276 -4.57 26.76 -35.58
N GLU B 277 -3.71 27.44 -34.80
CA GLU B 277 -2.94 26.85 -33.70
C GLU B 277 -1.82 25.92 -34.18
N VAL B 278 -1.30 26.15 -35.38
CA VAL B 278 -0.09 25.47 -35.81
C VAL B 278 1.11 26.26 -35.31
N ASN B 279 1.90 25.64 -34.44
CA ASN B 279 3.07 26.30 -33.83
C ASN B 279 4.33 25.50 -34.14
N PRO B 280 5.13 25.91 -35.13
CA PRO B 280 6.34 25.15 -35.46
C PRO B 280 7.43 25.22 -34.41
N SER B 281 7.33 26.12 -33.43
CA SER B 281 8.29 26.16 -32.33
C SER B 281 8.04 25.06 -31.31
N LEU B 282 6.95 24.31 -31.42
CA LEU B 282 6.55 23.34 -30.42
C LEU B 282 6.76 21.90 -30.85
N GLY B 283 7.50 21.68 -31.93
CA GLY B 283 7.81 20.33 -32.35
C GLY B 283 8.94 19.76 -31.49
N LYS B 284 8.71 18.56 -30.95
CA LYS B 284 9.78 17.86 -30.25
C LYS B 284 10.95 17.56 -31.19
N THR B 285 10.66 17.34 -32.48
CA THR B 285 11.67 17.14 -33.51
C THR B 285 11.32 18.01 -34.72
N PRO B 286 12.24 18.19 -35.67
CA PRO B 286 11.84 18.80 -36.94
C PRO B 286 10.77 18.02 -37.67
N GLU B 287 10.72 16.69 -37.51
CA GLU B 287 9.72 15.89 -38.21
C GLU B 287 8.33 16.14 -37.65
N GLU B 288 8.22 16.35 -36.34
CA GLU B 288 6.90 16.63 -35.77
C GLU B 288 6.36 17.96 -36.29
N VAL B 289 7.24 18.88 -36.67
CA VAL B 289 6.79 20.14 -37.27
C VAL B 289 6.27 19.90 -38.68
N THR B 290 7.07 19.24 -39.53
CA THR B 290 6.65 19.02 -40.91
C THR B 290 5.41 18.14 -40.98
N ARG B 291 5.25 17.20 -40.04
CA ARG B 291 4.05 16.36 -40.03
C ARG B 291 2.81 17.19 -39.72
N THR B 292 2.90 18.09 -38.72
CA THR B 292 1.78 18.96 -38.40
C THR B 292 1.40 19.82 -39.59
N VAL B 293 2.39 20.44 -40.24
CA VAL B 293 2.13 21.29 -41.39
C VAL B 293 1.56 20.47 -42.55
N ASN B 294 2.13 19.28 -42.77
CA ASN B 294 1.64 18.42 -43.85
C ASN B 294 0.17 18.03 -43.62
N THR B 295 -0.14 17.57 -42.41
CA THR B 295 -1.52 17.24 -42.08
C THR B 295 -2.44 18.45 -42.26
N ALA B 296 -1.99 19.63 -41.82
CA ALA B 296 -2.81 20.82 -41.94
C ALA B 296 -3.07 21.18 -43.40
N VAL B 297 -2.04 21.06 -44.25
CA VAL B 297 -2.22 21.32 -45.68
C VAL B 297 -3.17 20.32 -46.29
N ALA B 298 -3.05 19.04 -45.90
CA ALA B 298 -3.94 18.01 -46.43
C ALA B 298 -5.39 18.26 -46.04
N ILE B 299 -5.61 18.72 -44.80
CA ILE B 299 -6.95 19.12 -44.38
C ILE B 299 -7.48 20.22 -45.29
N THR B 300 -6.65 21.23 -45.56
CA THR B 300 -7.08 22.38 -46.34
C THR B 300 -7.44 21.98 -47.77
N LEU B 301 -6.59 21.17 -48.40
CA LEU B 301 -6.84 20.78 -49.78
C LEU B 301 -8.16 20.03 -49.92
N ALA B 302 -8.50 19.19 -48.94
CA ALA B 302 -9.78 18.49 -48.97
C ALA B 302 -10.94 19.46 -48.87
N CYS B 303 -10.76 20.57 -48.13
CA CYS B 303 -11.81 21.58 -48.03
C CYS B 303 -12.16 22.15 -49.40
N PHE B 304 -11.21 22.16 -50.32
CA PHE B 304 -11.40 22.79 -51.62
C PHE B 304 -11.37 21.79 -52.77
N GLY B 305 -11.77 20.54 -52.54
CA GLY B 305 -11.98 19.64 -53.66
C GLY B 305 -11.26 18.31 -53.61
N LEU B 306 -10.06 18.26 -53.04
CA LEU B 306 -9.25 17.05 -53.08
C LEU B 306 -9.98 15.88 -52.43
N ALA B 307 -10.20 14.81 -53.19
CA ALA B 307 -10.94 13.64 -52.72
C ALA B 307 -10.04 12.42 -52.76
N ARG B 308 -10.11 11.61 -51.70
CA ARG B 308 -9.27 10.42 -51.61
C ARG B 308 -9.63 9.38 -52.66
N GLU B 309 -10.87 9.42 -53.19
CA GLU B 309 -11.23 8.51 -54.26
C GLU B 309 -10.61 8.92 -55.60
N GLY B 310 -10.15 10.17 -55.71
CA GLY B 310 -9.55 10.65 -56.94
C GLY B 310 -10.27 11.84 -57.54
N ASN B 311 -9.56 12.59 -58.37
CA ASN B 311 -10.12 13.74 -59.08
C ASN B 311 -9.70 13.67 -60.54
N HIS B 312 -10.57 14.18 -61.42
CA HIS B 312 -10.21 14.29 -62.83
C HIS B 312 -10.97 15.44 -63.47
N LYS B 313 -10.37 16.03 -64.50
CA LYS B 313 -10.92 17.15 -65.24
C LYS B 313 -11.93 16.65 -66.26
N PRO B 314 -12.90 17.50 -66.67
CA PRO B 314 -13.89 17.05 -67.66
C PRO B 314 -13.30 16.88 -69.05
N ILE B 315 -12.37 15.94 -69.19
CA ILE B 315 -11.79 15.59 -70.48
C ILE B 315 -11.74 14.07 -70.60
N ASP B 316 -11.68 13.60 -71.84
CA ASP B 316 -11.58 12.17 -72.11
C ASP B 316 -10.11 11.77 -71.96
N TYR B 317 -9.79 11.05 -70.87
CA TYR B 317 -8.42 10.64 -70.61
C TYR B 317 -7.98 9.46 -71.47
N LEU B 318 -8.92 8.65 -71.95
CA LEU B 318 -8.61 7.69 -73.00
C LEU B 318 -8.50 8.36 -74.36
N ASN B 319 -8.57 9.69 -74.39
CA ASN B 319 -8.14 10.54 -75.49
C ASN B 319 -9.06 10.52 -76.70
N SER C 2 -7.13 -31.76 -45.97
CA SER C 2 -7.65 -30.59 -45.26
C SER C 2 -8.87 -30.01 -45.97
N ALA C 3 -9.46 -28.97 -45.38
CA ALA C 3 -10.57 -28.28 -46.01
C ALA C 3 -10.11 -27.61 -47.29
N LYS C 4 -11.04 -27.44 -48.23
CA LYS C 4 -10.73 -26.73 -49.47
C LYS C 4 -10.19 -25.34 -49.19
N SER C 5 -10.72 -24.68 -48.17
CA SER C 5 -10.32 -23.32 -47.82
C SER C 5 -8.96 -23.27 -47.12
N ARG C 6 -8.34 -24.42 -46.82
CA ARG C 6 -7.02 -24.44 -46.20
C ARG C 6 -6.08 -25.39 -46.93
N THR C 7 -6.22 -25.50 -48.25
CA THR C 7 -5.34 -26.31 -49.09
C THR C 7 -4.68 -25.37 -50.08
N ILE C 8 -3.39 -25.09 -49.87
CA ILE C 8 -2.71 -23.96 -50.49
C ILE C 8 -1.54 -24.45 -51.33
N GLY C 9 -1.38 -23.84 -52.51
CA GLY C 9 -0.16 -23.95 -53.26
C GLY C 9 0.57 -22.62 -53.27
N ILE C 10 1.78 -22.61 -52.73
CA ILE C 10 2.54 -21.36 -52.52
C ILE C 10 3.47 -21.14 -53.69
N ILE C 11 3.46 -19.92 -54.23
CA ILE C 11 4.26 -19.55 -55.40
C ILE C 11 5.05 -18.30 -55.03
N GLY C 12 6.37 -18.42 -54.96
CA GLY C 12 7.23 -17.27 -54.76
C GLY C 12 7.53 -16.60 -56.08
N ALA C 13 7.29 -15.29 -56.15
CA ALA C 13 7.47 -14.50 -57.37
C ALA C 13 8.42 -13.34 -57.08
N PRO C 14 9.73 -13.60 -57.05
CA PRO C 14 10.72 -12.54 -56.80
C PRO C 14 10.95 -11.66 -58.03
N PHE C 15 10.06 -10.69 -58.23
CA PHE C 15 10.10 -9.82 -59.40
C PHE C 15 9.92 -8.36 -58.98
N SER C 16 10.74 -7.48 -59.54
CA SER C 16 10.72 -6.07 -59.16
C SER C 16 10.72 -5.11 -60.33
N LYS C 17 10.90 -5.57 -61.57
CA LYS C 17 11.07 -4.68 -62.71
C LYS C 17 9.76 -4.05 -63.18
N GLY C 18 8.68 -4.18 -62.42
CA GLY C 18 7.48 -3.42 -62.69
C GLY C 18 7.41 -2.10 -61.97
N GLN C 19 8.43 -1.76 -61.18
CA GLN C 19 8.45 -0.56 -60.37
C GLN C 19 9.90 -0.11 -60.23
N PRO C 20 10.14 1.16 -59.86
CA PRO C 20 11.52 1.68 -59.90
C PRO C 20 12.39 1.34 -58.70
N ARG C 21 11.81 1.05 -57.54
CA ARG C 21 12.59 0.84 -56.32
C ARG C 21 12.94 -0.64 -56.18
N GLY C 22 14.24 -0.95 -56.16
CA GLY C 22 14.65 -2.32 -55.98
C GLY C 22 14.44 -2.81 -54.56
N GLY C 23 14.45 -4.13 -54.41
CA GLY C 23 14.34 -4.77 -53.12
C GLY C 23 13.06 -5.56 -52.91
N VAL C 24 12.00 -5.25 -53.67
CA VAL C 24 10.74 -5.94 -53.50
C VAL C 24 10.82 -7.37 -54.01
N GLU C 25 11.84 -7.70 -54.81
CA GLU C 25 12.06 -9.08 -55.22
C GLU C 25 12.45 -9.96 -54.04
N GLU C 26 12.86 -9.37 -52.92
CA GLU C 26 13.17 -10.11 -51.70
C GLU C 26 11.95 -10.35 -50.83
N GLY C 27 10.76 -9.99 -51.31
CA GLY C 27 9.53 -10.22 -50.60
C GLY C 27 9.31 -11.67 -50.19
N PRO C 28 9.36 -12.60 -51.14
CA PRO C 28 9.20 -14.01 -50.78
C PRO C 28 10.23 -14.51 -49.76
N THR C 29 11.46 -14.00 -49.81
CA THR C 29 12.50 -14.48 -48.92
C THR C 29 12.20 -14.10 -47.47
N VAL C 30 11.85 -12.84 -47.21
CA VAL C 30 11.59 -12.41 -45.85
C VAL C 30 10.31 -13.06 -45.32
N LEU C 31 9.33 -13.28 -46.20
CA LEU C 31 8.07 -13.87 -45.76
C LEU C 31 8.26 -15.34 -45.39
N ARG C 32 9.04 -16.07 -46.20
CA ARG C 32 9.36 -17.46 -45.86
C ARG C 32 10.16 -17.53 -44.57
N LYS C 33 11.14 -16.64 -44.41
CA LYS C 33 12.01 -16.68 -43.23
C LYS C 33 11.23 -16.40 -41.95
N ALA C 34 10.13 -15.65 -42.05
CA ALA C 34 9.28 -15.41 -40.88
C ALA C 34 8.44 -16.63 -40.51
N GLY C 35 8.57 -17.74 -41.24
CA GLY C 35 7.85 -18.94 -40.88
C GLY C 35 6.43 -19.01 -41.41
N LEU C 36 6.16 -18.36 -42.54
CA LEU C 36 4.79 -18.33 -43.06
C LEU C 36 4.30 -19.72 -43.41
N LEU C 37 5.15 -20.54 -44.05
CA LEU C 37 4.73 -21.88 -44.44
C LEU C 37 4.44 -22.74 -43.22
N GLU C 38 5.34 -22.72 -42.24
CA GLU C 38 5.16 -23.52 -41.04
C GLU C 38 3.97 -23.06 -40.21
N LYS C 39 3.76 -21.74 -40.14
CA LYS C 39 2.62 -21.21 -39.38
C LYS C 39 1.29 -21.59 -40.03
N LEU C 40 1.25 -21.64 -41.37
CA LEU C 40 0.07 -22.16 -42.05
C LEU C 40 -0.19 -23.61 -41.65
N LYS C 41 0.87 -24.42 -41.60
CA LYS C 41 0.71 -25.83 -41.25
C LYS C 41 0.22 -26.00 -39.81
N GLU C 42 0.58 -25.09 -38.91
CA GLU C 42 0.03 -25.12 -37.56
C GLU C 42 -1.47 -24.88 -37.55
N GLN C 43 -2.02 -24.23 -38.57
CA GLN C 43 -3.44 -24.01 -38.72
C GLN C 43 -4.14 -25.16 -39.44
N GLU C 44 -3.50 -26.33 -39.50
CA GLU C 44 -4.04 -27.51 -40.19
C GLU C 44 -4.24 -27.24 -41.68
N CYS C 45 -3.30 -26.52 -42.29
CA CYS C 45 -3.33 -26.25 -43.71
C CYS C 45 -2.61 -27.34 -44.49
N ASP C 46 -3.14 -27.66 -45.67
CA ASP C 46 -2.49 -28.58 -46.60
C ASP C 46 -1.63 -27.73 -47.54
N VAL C 47 -0.34 -27.65 -47.25
CA VAL C 47 0.57 -26.72 -47.92
C VAL C 47 1.49 -27.49 -48.85
N LYS C 48 1.46 -27.13 -50.14
CA LYS C 48 2.45 -27.57 -51.10
C LYS C 48 3.23 -26.36 -51.60
N ASP C 49 4.55 -26.50 -51.66
CA ASP C 49 5.44 -25.41 -52.04
C ASP C 49 5.86 -25.59 -53.49
N TYR C 50 5.48 -24.64 -54.33
CA TYR C 50 5.84 -24.68 -55.75
C TYR C 50 7.10 -23.88 -56.04
N GLY C 51 7.82 -23.46 -55.00
CA GLY C 51 9.10 -22.82 -55.17
C GLY C 51 9.01 -21.37 -55.59
N ASP C 52 10.17 -20.80 -55.87
CA ASP C 52 10.30 -19.43 -56.35
C ASP C 52 10.52 -19.45 -57.86
N LEU C 53 9.72 -18.68 -58.58
CA LEU C 53 9.80 -18.70 -60.04
C LEU C 53 11.12 -18.08 -60.50
N PRO C 54 11.89 -18.79 -61.33
CA PRO C 54 13.13 -18.21 -61.87
C PRO C 54 12.83 -17.27 -63.03
N PHE C 55 13.03 -15.97 -62.79
CA PHE C 55 12.76 -14.94 -63.80
C PHE C 55 14.10 -14.57 -64.45
N ALA C 56 14.38 -15.19 -65.59
CA ALA C 56 15.60 -14.90 -66.31
C ALA C 56 15.62 -13.45 -66.78
N ASP C 57 16.82 -12.88 -66.86
CA ASP C 57 16.98 -11.49 -67.27
C ASP C 57 16.92 -11.37 -68.78
N ILE C 58 16.19 -10.36 -69.25
CA ILE C 58 16.05 -10.07 -70.67
C ILE C 58 16.91 -8.85 -70.98
N PRO C 59 17.87 -8.96 -71.91
CA PRO C 59 18.77 -7.84 -72.18
C PRO C 59 18.21 -6.86 -73.18
N ASN C 60 18.55 -5.59 -72.94
CA ASN C 60 18.08 -4.48 -73.78
C ASN C 60 16.56 -4.51 -73.92
N ASP C 61 15.88 -4.61 -72.78
CA ASP C 61 14.43 -4.50 -72.73
C ASP C 61 14.07 -3.02 -72.91
N SER C 62 14.15 -2.58 -74.17
CA SER C 62 13.92 -1.19 -74.49
C SER C 62 12.50 -0.77 -74.07
N PRO C 63 12.30 0.47 -73.66
CA PRO C 63 10.98 0.90 -73.20
C PRO C 63 9.98 0.97 -74.34
N PHE C 64 8.73 0.64 -74.01
CA PHE C 64 7.60 0.90 -74.89
C PHE C 64 7.06 2.29 -74.53
N GLN C 65 7.31 3.26 -75.42
CA GLN C 65 7.07 4.66 -75.10
C GLN C 65 7.79 5.03 -73.80
N ILE C 66 7.04 5.37 -72.76
CA ILE C 66 7.63 5.66 -71.46
C ILE C 66 7.38 4.53 -70.46
N VAL C 67 6.83 3.41 -70.91
CA VAL C 67 6.64 2.24 -70.06
C VAL C 67 7.95 1.46 -69.99
N LYS C 68 8.36 1.08 -68.78
CA LYS C 68 9.67 0.51 -68.53
C LYS C 68 9.61 -1.00 -68.35
N ASN C 69 10.59 -1.70 -68.94
CA ASN C 69 10.80 -3.13 -68.82
C ASN C 69 9.56 -3.94 -69.20
N PRO C 70 8.99 -3.74 -70.39
CA PRO C 70 7.74 -4.43 -70.70
C PRO C 70 7.92 -5.92 -70.95
N ARG C 71 9.05 -6.32 -71.55
CA ARG C 71 9.27 -7.73 -71.82
C ARG C 71 9.59 -8.50 -70.53
N SER C 72 10.25 -7.84 -69.58
CA SER C 72 10.47 -8.48 -68.28
C SER C 72 9.16 -8.66 -67.53
N VAL C 73 8.36 -7.60 -67.44
CA VAL C 73 7.08 -7.67 -66.74
C VAL C 73 6.14 -8.65 -67.44
N GLY C 74 6.08 -8.56 -68.77
CA GLY C 74 5.20 -9.44 -69.51
C GLY C 74 5.57 -10.92 -69.34
N LYS C 75 6.86 -11.23 -69.49
CA LYS C 75 7.29 -12.61 -69.34
C LYS C 75 7.06 -13.12 -67.93
N ALA C 76 7.36 -12.28 -66.92
CA ALA C 76 7.18 -12.71 -65.53
C ALA C 76 5.72 -13.07 -65.24
N SER C 77 4.80 -12.20 -65.67
CA SER C 77 3.38 -12.50 -65.47
C SER C 77 2.95 -13.72 -66.28
N GLU C 78 3.57 -13.94 -67.44
CA GLU C 78 3.22 -15.10 -68.26
C GLU C 78 3.61 -16.39 -67.57
N GLN C 79 4.78 -16.43 -66.92
CA GLN C 79 5.17 -17.61 -66.16
C GLN C 79 4.24 -17.82 -64.97
N LEU C 80 3.94 -16.74 -64.23
CA LEU C 80 3.07 -16.87 -63.07
C LEU C 80 1.68 -17.35 -63.46
N ALA C 81 1.20 -16.96 -64.65
CA ALA C 81 -0.09 -17.46 -65.12
C ALA C 81 -0.06 -18.98 -65.28
N GLY C 82 0.99 -19.49 -65.92
CA GLY C 82 1.09 -20.93 -66.09
C GLY C 82 1.26 -21.65 -64.77
N LYS C 83 1.94 -21.01 -63.81
CA LYS C 83 2.14 -21.64 -62.51
C LYS C 83 0.88 -21.55 -61.65
N VAL C 84 0.14 -20.44 -61.76
CA VAL C 84 -1.11 -20.34 -61.00
C VAL C 84 -2.14 -21.33 -61.53
N ALA C 85 -2.24 -21.45 -62.85
CA ALA C 85 -3.19 -22.40 -63.44
C ALA C 85 -2.85 -23.82 -63.07
N GLU C 86 -1.56 -24.14 -63.00
CA GLU C 86 -1.14 -25.47 -62.55
C GLU C 86 -1.57 -25.72 -61.11
N VAL C 87 -1.41 -24.73 -60.24
CA VAL C 87 -1.82 -24.88 -58.84
C VAL C 87 -3.33 -24.99 -58.72
N LYS C 88 -4.07 -24.25 -59.56
CA LYS C 88 -5.52 -24.30 -59.52
C LYS C 88 -6.03 -25.66 -60.01
N LYS C 89 -5.37 -26.23 -61.02
CA LYS C 89 -5.77 -27.55 -61.49
C LYS C 89 -5.56 -28.62 -60.43
N ASN C 90 -4.59 -28.42 -59.54
CA ASN C 90 -4.33 -29.35 -58.46
C ASN C 90 -5.32 -29.21 -57.29
N GLY C 91 -6.33 -28.36 -57.43
CA GLY C 91 -7.30 -28.18 -56.36
C GLY C 91 -6.76 -27.48 -55.13
N ARG C 92 -5.88 -26.50 -55.32
CA ARG C 92 -5.32 -25.73 -54.23
C ARG C 92 -5.51 -24.24 -54.49
N ILE C 93 -5.49 -23.47 -53.42
CA ILE C 93 -5.56 -22.01 -53.52
C ILE C 93 -4.18 -21.47 -53.85
N SER C 94 -4.09 -20.68 -54.90
CA SER C 94 -2.81 -20.09 -55.29
C SER C 94 -2.44 -18.96 -54.34
N LEU C 95 -1.29 -19.10 -53.68
CA LEU C 95 -0.77 -18.09 -52.77
C LEU C 95 0.51 -17.53 -53.37
N VAL C 96 0.43 -16.31 -53.88
CA VAL C 96 1.55 -15.67 -54.58
C VAL C 96 2.26 -14.78 -53.59
N LEU C 97 3.49 -15.14 -53.23
CA LEU C 97 4.35 -14.31 -52.40
C LEU C 97 5.07 -13.34 -53.32
N GLY C 98 4.74 -12.06 -53.20
CA GLY C 98 4.92 -11.12 -54.28
C GLY C 98 6.14 -10.22 -54.22
N GLY C 99 6.63 -9.88 -55.41
CA GLY C 99 7.32 -8.63 -55.62
C GLY C 99 6.28 -7.59 -55.95
N ASP C 100 6.39 -6.93 -57.10
CA ASP C 100 5.48 -5.83 -57.38
C ASP C 100 4.16 -6.33 -57.97
N HIS C 101 3.16 -5.45 -57.90
CA HIS C 101 1.77 -5.79 -58.21
C HIS C 101 1.51 -6.04 -59.69
N SER C 102 2.49 -5.78 -60.56
CA SER C 102 2.31 -6.11 -61.97
C SER C 102 2.18 -7.62 -62.19
N LEU C 103 2.61 -8.42 -61.20
CA LEU C 103 2.40 -9.85 -61.26
C LEU C 103 0.93 -10.23 -61.20
N ALA C 104 0.05 -9.31 -60.78
CA ALA C 104 -1.38 -9.61 -60.74
C ALA C 104 -1.94 -9.88 -62.12
N ILE C 105 -1.32 -9.32 -63.17
CA ILE C 105 -1.73 -9.64 -64.54
C ILE C 105 -1.68 -11.14 -64.76
N GLY C 106 -0.59 -11.78 -64.32
CA GLY C 106 -0.45 -13.21 -64.48
C GLY C 106 -1.22 -14.01 -63.46
N SER C 107 -1.30 -13.50 -62.22
CA SER C 107 -1.95 -14.26 -61.16
C SER C 107 -3.44 -14.44 -61.43
N ILE C 108 -4.13 -13.36 -61.79
CA ILE C 108 -5.56 -13.46 -62.07
C ILE C 108 -5.79 -14.16 -63.40
N SER C 109 -4.93 -13.91 -64.39
CA SER C 109 -5.09 -14.55 -65.69
C SER C 109 -4.98 -16.07 -65.57
N GLY C 110 -3.93 -16.56 -64.90
CA GLY C 110 -3.81 -17.98 -64.66
C GLY C 110 -4.97 -18.52 -63.84
N HIS C 111 -5.46 -17.72 -62.89
CA HIS C 111 -6.61 -18.14 -62.09
C HIS C 111 -7.87 -18.21 -62.94
N ALA C 112 -8.02 -17.29 -63.90
CA ALA C 112 -9.24 -17.27 -64.70
C ALA C 112 -9.31 -18.44 -65.67
N ARG C 113 -8.15 -19.00 -66.06
CA ARG C 113 -8.16 -20.14 -66.96
C ARG C 113 -8.86 -21.34 -66.34
N VAL C 114 -8.66 -21.54 -65.03
CA VAL C 114 -9.31 -22.65 -64.35
C VAL C 114 -10.65 -22.27 -63.75
N HIS C 115 -10.88 -20.98 -63.48
CA HIS C 115 -12.14 -20.51 -62.91
C HIS C 115 -12.48 -19.16 -63.54
N PRO C 116 -13.07 -19.18 -64.74
CA PRO C 116 -13.39 -17.92 -65.43
C PRO C 116 -14.49 -17.11 -64.76
N ASP C 117 -15.21 -17.68 -63.79
CA ASP C 117 -16.29 -16.99 -63.10
C ASP C 117 -15.83 -16.28 -61.83
N LEU C 118 -14.53 -16.09 -61.65
CA LEU C 118 -14.01 -15.55 -60.40
C LEU C 118 -14.36 -14.07 -60.26
N GLY C 119 -14.38 -13.62 -59.01
CA GLY C 119 -14.51 -12.22 -58.69
C GLY C 119 -13.28 -11.74 -57.94
N VAL C 120 -12.93 -10.48 -58.13
CA VAL C 120 -11.67 -9.92 -57.66
C VAL C 120 -11.93 -8.92 -56.54
N ILE C 121 -11.26 -9.11 -55.40
CA ILE C 121 -11.19 -8.12 -54.34
C ILE C 121 -9.77 -7.56 -54.33
N TRP C 122 -9.67 -6.23 -54.33
CA TRP C 122 -8.40 -5.53 -54.58
C TRP C 122 -8.18 -4.55 -53.43
N VAL C 123 -7.37 -4.95 -52.45
CA VAL C 123 -7.06 -4.11 -51.31
C VAL C 123 -5.77 -3.34 -51.63
N ASP C 124 -5.88 -2.03 -51.73
CA ASP C 124 -4.80 -1.22 -52.27
C ASP C 124 -5.11 0.25 -52.05
N ALA C 125 -4.08 1.05 -51.74
CA ALA C 125 -4.25 2.49 -51.73
C ALA C 125 -4.44 3.04 -53.14
N HIS C 126 -4.07 2.28 -54.16
CA HIS C 126 -4.13 2.71 -55.55
C HIS C 126 -5.02 1.77 -56.35
N THR C 127 -5.49 2.25 -57.50
CA THR C 127 -6.36 1.47 -58.36
C THR C 127 -5.61 0.58 -59.34
N ASP C 128 -4.34 0.90 -59.62
CA ASP C 128 -3.49 0.09 -60.50
C ASP C 128 -4.16 -0.15 -61.86
N ILE C 129 -4.97 0.82 -62.29
CA ILE C 129 -5.81 0.66 -63.47
C ILE C 129 -5.34 1.56 -64.62
N ASN C 130 -4.17 2.19 -64.48
CA ASN C 130 -3.62 2.98 -65.57
C ASN C 130 -3.40 2.11 -66.80
N THR C 131 -3.64 2.68 -67.97
CA THR C 131 -3.30 2.01 -69.22
C THR C 131 -1.91 2.43 -69.67
N PRO C 132 -1.28 1.66 -70.58
CA PRO C 132 0.05 2.03 -71.05
C PRO C 132 0.12 3.40 -71.71
N LEU C 133 -1.01 4.07 -71.96
CA LEU C 133 -1.02 5.39 -72.55
C LEU C 133 -1.47 6.49 -71.59
N THR C 134 -2.05 6.13 -70.45
CA THR C 134 -2.42 7.12 -69.44
C THR C 134 -1.41 7.22 -68.31
N THR C 135 -0.46 6.29 -68.23
CA THR C 135 0.52 6.32 -67.15
C THR C 135 1.46 7.51 -67.31
N THR C 136 1.68 8.22 -66.22
CA THR C 136 2.74 9.24 -66.15
C THR C 136 4.03 8.70 -65.57
N SER C 137 3.94 7.75 -64.64
CA SER C 137 5.14 7.14 -64.07
C SER C 137 5.80 6.18 -65.05
N GLY C 138 5.02 5.50 -65.88
CA GLY C 138 5.53 4.47 -66.75
C GLY C 138 5.77 3.14 -66.07
N ASN C 139 5.43 3.02 -64.80
CA ASN C 139 5.68 1.81 -64.02
C ASN C 139 4.49 0.86 -64.15
N LEU C 140 4.79 -0.39 -64.52
CA LEU C 140 3.75 -1.35 -64.86
C LEU C 140 3.04 -1.93 -63.64
N HIS C 141 3.57 -1.74 -62.43
CA HIS C 141 2.86 -2.20 -61.25
C HIS C 141 1.69 -1.31 -60.87
N GLY C 142 1.52 -0.18 -61.57
CA GLY C 142 0.35 0.66 -61.41
C GLY C 142 -0.58 0.56 -62.60
N GLN C 143 -0.39 -0.49 -63.40
CA GLN C 143 -1.18 -0.73 -64.60
C GLN C 143 -1.93 -2.07 -64.70
N PRO C 144 -1.76 -3.03 -63.77
CA PRO C 144 -2.21 -4.40 -64.08
C PRO C 144 -3.70 -4.52 -64.39
N VAL C 145 -4.56 -3.74 -63.71
CA VAL C 145 -5.99 -3.92 -63.88
C VAL C 145 -6.43 -3.56 -65.29
N SER C 146 -5.75 -2.61 -65.94
CA SER C 146 -6.13 -2.22 -67.29
C SER C 146 -5.93 -3.37 -68.27
N PHE C 147 -4.93 -4.21 -68.05
CA PHE C 147 -4.69 -5.36 -68.90
C PHE C 147 -5.69 -6.48 -68.68
N LEU C 148 -6.46 -6.44 -67.59
CA LEU C 148 -7.31 -7.56 -67.21
C LEU C 148 -8.79 -7.33 -67.51
N LEU C 149 -9.24 -6.08 -67.63
CA LEU C 149 -10.64 -5.78 -67.80
C LEU C 149 -11.04 -5.90 -69.27
N LYS C 150 -12.13 -6.62 -69.54
CA LYS C 150 -12.59 -6.79 -70.92
C LYS C 150 -13.06 -5.48 -71.53
N GLU C 151 -13.61 -4.57 -70.71
CA GLU C 151 -14.13 -3.31 -71.22
C GLU C 151 -13.04 -2.37 -71.73
N LEU C 152 -11.77 -2.65 -71.41
CA LEU C 152 -10.66 -1.81 -71.84
C LEU C 152 -9.88 -2.42 -72.99
N LYS C 153 -10.39 -3.48 -73.60
CA LYS C 153 -9.64 -4.23 -74.61
C LYS C 153 -9.11 -3.31 -75.71
N GLY C 154 -9.99 -2.56 -76.35
CA GLY C 154 -9.58 -1.72 -77.46
C GLY C 154 -8.88 -0.45 -77.05
N LYS C 155 -8.48 -0.34 -75.78
CA LYS C 155 -7.76 0.81 -75.29
C LYS C 155 -6.34 0.50 -74.85
N ILE C 156 -5.94 -0.77 -74.80
CA ILE C 156 -4.58 -1.16 -74.44
C ILE C 156 -3.81 -1.43 -75.73
N PRO C 157 -2.75 -0.67 -76.02
CA PRO C 157 -1.97 -0.94 -77.23
C PRO C 157 -1.26 -2.28 -77.16
N ASP C 158 -0.77 -2.72 -78.30
CA ASP C 158 -0.02 -3.98 -78.40
C ASP C 158 1.38 -3.75 -77.83
N VAL C 159 1.58 -4.13 -76.57
CA VAL C 159 2.82 -3.89 -75.85
C VAL C 159 3.64 -5.18 -75.86
N PRO C 160 4.92 -5.14 -76.21
CA PRO C 160 5.72 -6.37 -76.24
C PRO C 160 5.79 -7.03 -74.87
N GLY C 161 5.47 -8.33 -74.84
CA GLY C 161 5.45 -9.11 -73.62
C GLY C 161 4.07 -9.51 -73.17
N PHE C 162 3.03 -8.79 -73.58
CA PHE C 162 1.66 -9.06 -73.18
C PHE C 162 0.82 -9.54 -74.34
N SER C 163 1.45 -10.16 -75.35
CA SER C 163 0.71 -10.74 -76.45
C SER C 163 -0.17 -11.90 -76.00
N TRP C 164 0.28 -12.63 -74.98
CA TRP C 164 -0.47 -13.76 -74.44
C TRP C 164 -1.68 -13.33 -73.61
N VAL C 165 -1.77 -12.06 -73.22
CA VAL C 165 -2.79 -11.64 -72.27
C VAL C 165 -4.15 -11.63 -72.95
N THR C 166 -5.14 -12.22 -72.30
CA THR C 166 -6.54 -12.11 -72.69
C THR C 166 -7.30 -11.48 -71.53
N PRO C 167 -7.93 -10.32 -71.71
CA PRO C 167 -8.74 -9.74 -70.62
C PRO C 167 -9.79 -10.72 -70.12
N CYS C 168 -9.76 -11.02 -68.82
CA CYS C 168 -10.48 -12.17 -68.30
C CYS C 168 -11.58 -11.85 -67.30
N ILE C 169 -11.70 -10.60 -66.84
CA ILE C 169 -12.77 -10.21 -65.93
C ILE C 169 -13.46 -8.97 -66.47
N SER C 170 -14.69 -8.75 -66.01
CA SER C 170 -15.47 -7.58 -66.35
C SER C 170 -15.42 -6.58 -65.21
N ALA C 171 -15.66 -5.31 -65.55
CA ALA C 171 -15.63 -4.24 -64.55
C ALA C 171 -16.65 -4.45 -63.44
N LYS C 172 -17.68 -5.27 -63.69
CA LYS C 172 -18.66 -5.59 -62.66
C LYS C 172 -18.17 -6.67 -61.70
N ASP C 173 -17.01 -7.26 -61.95
CA ASP C 173 -16.52 -8.39 -61.18
C ASP C 173 -15.29 -8.04 -60.34
N ILE C 174 -15.07 -6.76 -60.03
CA ILE C 174 -13.94 -6.35 -59.23
C ILE C 174 -14.42 -5.32 -58.21
N VAL C 175 -13.93 -5.45 -56.97
CA VAL C 175 -14.24 -4.51 -55.90
C VAL C 175 -12.92 -3.99 -55.34
N TYR C 176 -12.78 -2.66 -55.33
CA TYR C 176 -11.63 -2.00 -54.73
C TYR C 176 -11.91 -1.71 -53.25
N ILE C 177 -10.88 -1.83 -52.42
CA ILE C 177 -10.97 -1.47 -51.01
C ILE C 177 -9.70 -0.75 -50.62
N GLY C 178 -9.82 0.43 -50.04
CA GLY C 178 -8.71 1.14 -49.45
C GLY C 178 -8.10 2.27 -50.25
N LEU C 179 -8.74 2.70 -51.34
CA LEU C 179 -8.15 3.69 -52.23
C LEU C 179 -7.98 5.03 -51.54
N ARG C 180 -6.85 5.68 -51.81
CA ARG C 180 -6.61 7.03 -51.30
C ARG C 180 -5.57 7.79 -52.11
N ASP C 181 -5.13 7.24 -53.24
CA ASP C 181 -4.23 7.96 -54.15
C ASP C 181 -4.48 7.43 -55.55
N VAL C 182 -5.20 8.20 -56.36
CA VAL C 182 -5.66 7.77 -57.66
C VAL C 182 -5.31 8.84 -58.69
N ASP C 183 -4.65 8.43 -59.78
CA ASP C 183 -4.31 9.37 -60.83
C ASP C 183 -5.57 9.88 -61.52
N PRO C 184 -5.52 11.07 -62.12
CA PRO C 184 -6.71 11.59 -62.83
C PRO C 184 -7.27 10.64 -63.87
N GLY C 185 -6.42 10.04 -64.70
CA GLY C 185 -6.92 9.10 -65.69
C GLY C 185 -7.53 7.87 -65.07
N GLU C 186 -6.94 7.37 -63.97
CA GLU C 186 -7.50 6.22 -63.28
C GLU C 186 -8.88 6.52 -62.74
N HIS C 187 -9.06 7.70 -62.15
CA HIS C 187 -10.38 8.10 -61.66
C HIS C 187 -11.39 8.20 -62.79
N TYR C 188 -10.94 8.68 -63.95
CA TYR C 188 -11.81 8.73 -65.12
C TYR C 188 -12.29 7.33 -65.51
N ILE C 189 -11.35 6.38 -65.62
CA ILE C 189 -11.72 4.99 -65.89
C ILE C 189 -12.65 4.47 -64.81
N LEU C 190 -12.26 4.68 -63.54
CA LEU C 190 -13.05 4.19 -62.42
C LEU C 190 -14.50 4.65 -62.49
N LYS C 191 -14.71 5.92 -62.82
CA LYS C 191 -16.07 6.46 -62.90
C LYS C 191 -16.75 6.06 -64.21
N THR C 192 -16.02 6.08 -65.33
CA THR C 192 -16.61 5.75 -66.61
C THR C 192 -17.02 4.29 -66.69
N LEU C 193 -16.16 3.39 -66.19
CA LEU C 193 -16.46 1.97 -66.24
C LEU C 193 -17.40 1.51 -65.14
N GLY C 194 -17.76 2.38 -64.21
CA GLY C 194 -18.72 2.03 -63.18
C GLY C 194 -18.25 0.96 -62.23
N ILE C 195 -16.96 0.93 -61.92
CA ILE C 195 -16.40 -0.09 -61.04
C ILE C 195 -16.78 0.22 -59.60
N LYS C 196 -17.22 -0.81 -58.88
CA LYS C 196 -17.52 -0.68 -57.46
C LYS C 196 -16.23 -0.51 -56.67
N TYR C 197 -16.22 0.45 -55.75
CA TYR C 197 -15.02 0.69 -54.95
C TYR C 197 -15.41 1.24 -53.58
N PHE C 198 -14.55 0.96 -52.60
CA PHE C 198 -14.67 1.51 -51.25
C PHE C 198 -13.34 2.19 -50.92
N SER C 199 -13.22 3.47 -51.27
CA SER C 199 -12.05 4.24 -50.87
C SER C 199 -12.09 4.48 -49.36
N MET C 200 -11.02 5.11 -48.86
CA MET C 200 -10.95 5.39 -47.42
C MET C 200 -12.12 6.26 -46.98
N THR C 201 -12.65 7.09 -47.87
CA THR C 201 -13.85 7.86 -47.56
C THR C 201 -15.00 6.93 -47.20
N GLU C 202 -15.18 5.86 -47.98
CA GLU C 202 -16.28 4.94 -47.74
C GLU C 202 -16.06 4.12 -46.48
N VAL C 203 -14.82 3.73 -46.22
CA VAL C 203 -14.52 3.01 -44.97
C VAL C 203 -14.79 3.92 -43.77
N ASP C 204 -14.42 5.20 -43.88
CA ASP C 204 -14.74 6.15 -42.82
C ASP C 204 -16.25 6.32 -42.68
N ARG C 205 -16.95 6.48 -43.81
CA ARG C 205 -18.39 6.72 -43.78
C ARG C 205 -19.16 5.51 -43.25
N LEU C 206 -18.87 4.33 -43.80
CA LEU C 206 -19.68 3.14 -43.54
C LEU C 206 -19.13 2.26 -42.43
N GLY C 207 -17.83 2.26 -42.23
CA GLY C 207 -17.23 1.26 -41.35
C GLY C 207 -16.84 0.01 -42.10
N ILE C 208 -15.78 -0.64 -41.63
CA ILE C 208 -15.22 -1.79 -42.35
C ILE C 208 -16.24 -2.92 -42.44
N GLY C 209 -17.12 -3.06 -41.44
CA GLY C 209 -18.08 -4.16 -41.45
C GLY C 209 -19.07 -4.06 -42.59
N LYS C 210 -19.71 -2.90 -42.72
CA LYS C 210 -20.63 -2.68 -43.82
C LYS C 210 -19.92 -2.75 -45.16
N VAL C 211 -18.65 -2.34 -45.21
CA VAL C 211 -17.89 -2.43 -46.46
C VAL C 211 -17.74 -3.89 -46.89
N MET C 212 -17.38 -4.77 -45.95
CA MET C 212 -17.25 -6.18 -46.28
C MET C 212 -18.60 -6.81 -46.59
N GLU C 213 -19.63 -6.44 -45.84
CA GLU C 213 -20.97 -6.95 -46.11
C GLU C 213 -21.45 -6.54 -47.50
N GLU C 214 -21.20 -5.29 -47.88
CA GLU C 214 -21.55 -4.84 -49.23
C GLU C 214 -20.67 -5.51 -50.28
N THR C 215 -19.37 -5.61 -50.00
CA THR C 215 -18.44 -6.20 -50.97
C THR C 215 -18.83 -7.63 -51.30
N LEU C 216 -19.06 -8.46 -50.27
CA LEU C 216 -19.43 -9.84 -50.51
C LEU C 216 -20.78 -9.96 -51.20
N SER C 217 -21.75 -9.15 -50.78
CA SER C 217 -23.07 -9.17 -51.40
C SER C 217 -22.98 -8.76 -52.87
N TYR C 218 -22.12 -7.80 -53.19
CA TYR C 218 -22.01 -7.32 -54.56
C TYR C 218 -21.38 -8.36 -55.47
N LEU C 219 -20.48 -9.19 -54.94
CA LEU C 219 -19.81 -10.19 -55.77
C LEU C 219 -20.47 -11.56 -55.70
N LEU C 220 -21.10 -11.89 -54.59
CA LEU C 220 -21.66 -13.23 -54.38
C LEU C 220 -23.18 -13.24 -54.32
N GLY C 221 -23.83 -12.13 -54.66
CA GLY C 221 -25.28 -12.05 -54.50
C GLY C 221 -26.02 -13.10 -55.31
N ARG C 222 -25.68 -13.23 -56.59
CA ARG C 222 -26.39 -14.15 -57.47
C ARG C 222 -26.16 -15.60 -57.03
N LYS C 223 -24.91 -16.01 -56.93
CA LYS C 223 -24.57 -17.35 -56.45
C LYS C 223 -23.10 -17.34 -56.08
N LYS C 224 -22.68 -18.40 -55.37
CA LYS C 224 -21.29 -18.54 -54.98
C LYS C 224 -20.40 -18.61 -56.23
N ARG C 225 -19.19 -18.06 -56.11
CA ARG C 225 -18.22 -18.09 -57.19
C ARG C 225 -16.84 -17.85 -56.59
N PRO C 226 -15.77 -18.30 -57.26
CA PRO C 226 -14.44 -18.15 -56.70
C PRO C 226 -14.08 -16.68 -56.50
N ILE C 227 -13.26 -16.43 -55.49
CA ILE C 227 -12.81 -15.08 -55.16
C ILE C 227 -11.29 -15.03 -55.21
N HIS C 228 -10.77 -14.00 -55.86
CA HIS C 228 -9.34 -13.71 -55.93
C HIS C 228 -9.08 -12.46 -55.10
N LEU C 229 -8.22 -12.58 -54.10
CA LEU C 229 -7.85 -11.44 -53.26
C LEU C 229 -6.43 -11.01 -53.61
N SER C 230 -6.31 -9.83 -54.23
CA SER C 230 -5.02 -9.23 -54.53
C SER C 230 -4.76 -8.17 -53.46
N PHE C 231 -3.78 -8.43 -52.60
CA PHE C 231 -3.54 -7.61 -51.41
C PHE C 231 -2.22 -6.86 -51.56
N ASP C 232 -2.31 -5.60 -51.96
CA ASP C 232 -1.18 -4.68 -51.92
C ASP C 232 -1.03 -4.18 -50.48
N VAL C 233 0.09 -4.51 -49.84
CA VAL C 233 0.25 -4.19 -48.42
C VAL C 233 0.22 -2.69 -48.16
N ASP C 234 0.41 -1.86 -49.19
CA ASP C 234 0.28 -0.43 -48.96
C ASP C 234 -1.18 0.00 -48.79
N GLY C 235 -2.13 -0.92 -48.93
CA GLY C 235 -3.50 -0.62 -48.57
C GLY C 235 -3.65 -0.39 -47.07
N LEU C 236 -2.80 -1.01 -46.27
CA LEU C 236 -2.76 -0.74 -44.85
C LEU C 236 -1.90 0.50 -44.58
N ASP C 237 -2.13 1.12 -43.42
CA ASP C 237 -1.44 2.36 -43.10
C ASP C 237 0.05 2.11 -42.92
N PRO C 238 0.89 3.08 -43.31
CA PRO C 238 2.35 2.91 -43.14
C PRO C 238 2.78 2.64 -41.71
N SER C 239 1.93 2.93 -40.72
CA SER C 239 2.27 2.59 -39.34
C SER C 239 2.31 1.08 -39.10
N PHE C 240 1.74 0.28 -40.01
CA PHE C 240 1.74 -1.17 -39.88
C PHE C 240 2.54 -1.87 -40.97
N THR C 241 2.64 -1.28 -42.16
CA THR C 241 3.41 -1.86 -43.26
C THR C 241 4.32 -0.81 -43.88
N PRO C 242 5.27 -0.26 -43.09
CA PRO C 242 6.09 0.85 -43.61
C PRO C 242 7.02 0.46 -44.75
N ALA C 243 7.53 -0.77 -44.78
CA ALA C 243 8.53 -1.18 -45.77
C ALA C 243 7.81 -1.56 -47.06
N THR C 244 7.41 -0.53 -47.82
CA THR C 244 6.79 -0.74 -49.11
C THR C 244 7.10 0.45 -50.00
N GLY C 245 6.88 0.26 -51.30
CA GLY C 245 7.39 1.21 -52.28
C GLY C 245 6.68 2.55 -52.26
N THR C 246 5.37 2.54 -52.04
CA THR C 246 4.54 3.74 -52.14
C THR C 246 3.64 3.86 -50.92
N PRO C 247 4.19 4.26 -49.78
CA PRO C 247 3.35 4.44 -48.59
C PRO C 247 2.50 5.69 -48.69
N VAL C 248 1.24 5.58 -48.27
CA VAL C 248 0.32 6.70 -48.22
C VAL C 248 -0.33 6.73 -46.84
N VAL C 249 -0.26 7.89 -46.18
CA VAL C 249 -0.84 8.04 -44.85
C VAL C 249 -2.36 7.88 -44.90
N GLY C 250 -2.94 7.52 -43.77
CA GLY C 250 -4.39 7.42 -43.65
C GLY C 250 -4.99 6.16 -44.23
N GLY C 251 -4.33 5.02 -44.05
CA GLY C 251 -4.76 3.77 -44.64
C GLY C 251 -5.55 2.90 -43.67
N LEU C 252 -5.87 1.69 -44.15
CA LEU C 252 -6.56 0.72 -43.31
C LEU C 252 -5.71 0.34 -42.12
N THR C 253 -6.37 0.08 -40.99
CA THR C 253 -5.66 -0.34 -39.81
C THR C 253 -5.33 -1.83 -39.86
N TYR C 254 -4.47 -2.26 -38.94
CA TYR C 254 -4.19 -3.67 -38.76
C TYR C 254 -5.46 -4.46 -38.48
N ARG C 255 -6.40 -3.85 -37.76
CA ARG C 255 -7.67 -4.51 -37.45
C ARG C 255 -8.54 -4.63 -38.69
N GLU C 256 -8.75 -3.52 -39.40
CA GLU C 256 -9.54 -3.55 -40.63
C GLU C 256 -8.95 -4.51 -41.64
N GLY C 257 -7.62 -4.66 -41.67
CA GLY C 257 -7.01 -5.64 -42.53
C GLY C 257 -7.32 -7.07 -42.11
N LEU C 258 -7.25 -7.34 -40.80
CA LEU C 258 -7.59 -8.67 -40.30
C LEU C 258 -9.07 -8.97 -40.53
N TYR C 259 -9.94 -7.97 -40.37
CA TYR C 259 -11.36 -8.20 -40.53
C TYR C 259 -11.72 -8.54 -41.97
N ILE C 260 -11.19 -7.77 -42.93
CA ILE C 260 -11.40 -8.09 -44.34
C ILE C 260 -11.03 -9.53 -44.63
N THR C 261 -9.85 -9.94 -44.17
CA THR C 261 -9.37 -11.29 -44.44
C THR C 261 -10.12 -12.34 -43.63
N GLU C 262 -10.52 -12.00 -42.40
CA GLU C 262 -11.35 -12.92 -41.62
C GLU C 262 -12.68 -13.16 -42.32
N GLU C 263 -13.33 -12.09 -42.80
CA GLU C 263 -14.62 -12.23 -43.45
C GLU C 263 -14.50 -12.99 -44.76
N ILE C 264 -13.44 -12.73 -45.54
CA ILE C 264 -13.28 -13.43 -46.81
C ILE C 264 -13.08 -14.92 -46.59
N TYR C 265 -12.35 -15.29 -45.53
CA TYR C 265 -12.15 -16.71 -45.25
C TYR C 265 -13.48 -17.40 -44.94
N LYS C 266 -14.35 -16.74 -44.17
CA LYS C 266 -15.57 -17.39 -43.71
C LYS C 266 -16.47 -17.79 -44.87
N THR C 267 -16.39 -17.07 -45.99
CA THR C 267 -17.17 -17.46 -47.16
C THR C 267 -16.77 -18.83 -47.70
N GLY C 268 -15.58 -19.33 -47.32
CA GLY C 268 -15.06 -20.56 -47.87
C GLY C 268 -14.74 -20.52 -49.34
N LEU C 269 -14.80 -19.35 -49.99
CA LEU C 269 -14.67 -19.26 -51.44
C LEU C 269 -13.36 -18.63 -51.91
N LEU C 270 -12.43 -18.37 -51.01
CA LEU C 270 -11.12 -17.87 -51.43
C LEU C 270 -10.45 -18.89 -52.32
N SER C 271 -10.09 -18.46 -53.52
CA SER C 271 -9.52 -19.34 -54.52
C SER C 271 -8.15 -18.89 -55.01
N GLY C 272 -7.77 -17.64 -54.78
CA GLY C 272 -6.46 -17.14 -55.14
C GLY C 272 -6.08 -15.94 -54.29
N LEU C 273 -4.80 -15.81 -53.95
CA LEU C 273 -4.36 -14.78 -53.01
C LEU C 273 -3.03 -14.20 -53.47
N ASP C 274 -2.93 -12.87 -53.40
CA ASP C 274 -1.69 -12.14 -53.65
C ASP C 274 -1.30 -11.37 -52.40
N ILE C 275 -0.05 -11.49 -52.00
CA ILE C 275 0.54 -10.65 -50.96
C ILE C 275 1.67 -9.88 -51.63
N MET C 276 1.41 -8.63 -52.01
CA MET C 276 2.27 -7.90 -52.92
C MET C 276 2.89 -6.66 -52.29
N GLU C 277 4.04 -6.27 -52.85
CA GLU C 277 4.69 -4.97 -52.62
C GLU C 277 5.35 -4.86 -51.25
N VAL C 278 5.81 -5.99 -50.70
CA VAL C 278 6.65 -5.94 -49.50
C VAL C 278 8.09 -5.76 -49.93
N ASN C 279 8.68 -4.61 -49.58
CA ASN C 279 10.07 -4.30 -49.94
C ASN C 279 10.90 -4.17 -48.68
N PRO C 280 11.64 -5.21 -48.28
CA PRO C 280 12.45 -5.12 -47.06
C PRO C 280 13.58 -4.12 -47.14
N SER C 281 13.95 -3.65 -48.34
CA SER C 281 14.99 -2.64 -48.46
C SER C 281 14.52 -1.24 -48.12
N LEU C 282 13.22 -1.05 -47.86
CA LEU C 282 12.66 0.26 -47.61
C LEU C 282 12.31 0.50 -46.15
N GLY C 283 12.59 -0.46 -45.27
CA GLY C 283 12.44 -0.22 -43.84
C GLY C 283 13.60 0.61 -43.32
N LYS C 284 13.27 1.72 -42.65
CA LYS C 284 14.32 2.59 -42.15
C LYS C 284 15.09 1.96 -41.00
N THR C 285 14.42 1.11 -40.22
CA THR C 285 15.03 0.36 -39.13
C THR C 285 14.69 -1.11 -39.30
N PRO C 286 15.49 -2.01 -38.73
CA PRO C 286 15.14 -3.44 -38.77
C PRO C 286 13.74 -3.74 -38.26
N GLU C 287 13.24 -2.95 -37.30
CA GLU C 287 11.90 -3.19 -36.77
C GLU C 287 10.83 -2.90 -37.82
N GLU C 288 11.01 -1.83 -38.60
CA GLU C 288 10.03 -1.51 -39.64
C GLU C 288 9.90 -2.67 -40.63
N VAL C 289 11.00 -3.35 -40.92
CA VAL C 289 10.94 -4.55 -41.77
C VAL C 289 10.10 -5.62 -41.09
N THR C 290 10.46 -5.97 -39.85
CA THR C 290 9.76 -7.03 -39.13
C THR C 290 8.28 -6.67 -38.94
N ARG C 291 7.99 -5.40 -38.64
CA ARG C 291 6.61 -4.96 -38.51
C ARG C 291 5.85 -5.14 -39.82
N THR C 292 6.52 -4.92 -40.96
CA THR C 292 5.87 -5.07 -42.25
C THR C 292 5.66 -6.54 -42.58
N VAL C 293 6.70 -7.35 -42.39
CA VAL C 293 6.59 -8.78 -42.66
C VAL C 293 5.55 -9.41 -41.76
N ASN C 294 5.59 -9.11 -40.46
CA ASN C 294 4.70 -9.75 -39.50
C ASN C 294 3.25 -9.37 -39.74
N THR C 295 2.99 -8.14 -40.19
CA THR C 295 1.61 -7.78 -40.53
C THR C 295 1.14 -8.56 -41.76
N ALA C 296 2.01 -8.73 -42.75
CA ALA C 296 1.65 -9.50 -43.93
C ALA C 296 1.39 -10.96 -43.58
N VAL C 297 2.19 -11.53 -42.68
CA VAL C 297 1.96 -12.90 -42.24
C VAL C 297 0.61 -13.01 -41.54
N ALA C 298 0.29 -12.03 -40.68
CA ALA C 298 -0.99 -12.06 -39.98
C ALA C 298 -2.15 -11.99 -40.96
N ILE C 299 -2.05 -11.13 -41.98
CA ILE C 299 -3.08 -11.05 -43.01
C ILE C 299 -3.23 -12.39 -43.72
N THR C 300 -2.11 -13.03 -44.05
CA THR C 300 -2.16 -14.30 -44.77
C THR C 300 -2.72 -15.42 -43.90
N LEU C 301 -2.30 -15.47 -42.64
CA LEU C 301 -2.83 -16.49 -41.74
C LEU C 301 -4.33 -16.33 -41.54
N ALA C 302 -4.81 -15.08 -41.46
CA ALA C 302 -6.24 -14.84 -41.36
C ALA C 302 -6.96 -15.24 -42.65
N CYS C 303 -6.29 -15.14 -43.79
CA CYS C 303 -6.88 -15.58 -45.05
C CYS C 303 -7.19 -17.07 -45.05
N PHE C 304 -6.58 -17.84 -44.15
CA PHE C 304 -6.72 -19.29 -44.16
C PHE C 304 -7.15 -19.83 -42.80
N GLY C 305 -7.97 -19.09 -42.07
CA GLY C 305 -8.66 -19.63 -40.91
C GLY C 305 -8.31 -19.03 -39.56
N LEU C 306 -7.22 -18.29 -39.41
CA LEU C 306 -6.88 -17.74 -38.11
C LEU C 306 -7.92 -16.68 -37.71
N ALA C 307 -8.44 -16.81 -36.49
CA ALA C 307 -9.50 -15.94 -36.00
C ALA C 307 -9.07 -15.28 -34.70
N ARG C 308 -9.34 -13.97 -34.59
CA ARG C 308 -9.00 -13.26 -33.36
C ARG C 308 -9.85 -13.73 -32.19
N GLU C 309 -11.06 -14.24 -32.45
CA GLU C 309 -11.89 -14.79 -31.39
C GLU C 309 -11.34 -16.10 -30.84
N GLY C 310 -10.53 -16.81 -31.64
CA GLY C 310 -9.97 -18.08 -31.22
C GLY C 310 -10.25 -19.20 -32.21
N ASN C 311 -9.42 -20.23 -32.18
CA ASN C 311 -9.58 -21.41 -33.01
C ASN C 311 -9.44 -22.65 -32.16
N HIS C 312 -10.19 -23.70 -32.50
CA HIS C 312 -10.03 -24.99 -31.83
C HIS C 312 -10.37 -26.10 -32.81
N LYS C 313 -9.87 -27.33 -32.49
CA LYS C 313 -10.07 -28.52 -33.30
C LYS C 313 -11.34 -29.24 -32.88
N PRO C 314 -12.04 -29.88 -33.82
CA PRO C 314 -13.34 -30.49 -33.50
C PRO C 314 -13.23 -31.72 -32.61
N ILE C 315 -12.75 -31.54 -31.38
CA ILE C 315 -12.75 -32.56 -30.35
C ILE C 315 -13.32 -31.94 -29.06
N ASP C 316 -13.30 -32.72 -27.98
CA ASP C 316 -13.77 -32.25 -26.68
C ASP C 316 -12.56 -31.91 -25.82
N TYR C 317 -12.27 -30.61 -25.70
CA TYR C 317 -11.20 -30.15 -24.82
C TYR C 317 -11.67 -30.20 -23.37
N SER D 2 -7.17 -33.37 66.53
CA SER D 2 -7.49 -34.11 65.31
C SER D 2 -6.25 -34.79 64.73
N ALA D 3 -6.46 -35.59 63.68
CA ALA D 3 -5.37 -36.32 63.04
C ALA D 3 -4.75 -35.47 61.92
N LYS D 4 -3.64 -35.98 61.37
CA LYS D 4 -2.91 -35.25 60.36
C LYS D 4 -3.75 -35.02 59.11
N SER D 5 -4.56 -36.02 58.72
CA SER D 5 -5.40 -35.87 57.54
C SER D 5 -6.49 -34.83 57.73
N ARG D 6 -6.82 -34.48 58.97
CA ARG D 6 -7.88 -33.52 59.26
C ARG D 6 -7.36 -32.31 60.03
N THR D 7 -6.07 -32.01 59.93
CA THR D 7 -5.50 -30.80 60.51
C THR D 7 -5.23 -29.82 59.36
N ILE D 8 -5.94 -28.69 59.36
CA ILE D 8 -6.02 -27.82 58.20
C ILE D 8 -5.57 -26.42 58.57
N GLY D 9 -4.92 -25.77 57.61
CA GLY D 9 -4.63 -24.34 57.69
C GLY D 9 -5.21 -23.64 56.47
N ILE D 10 -6.12 -22.69 56.70
CA ILE D 10 -6.95 -22.14 55.63
C ILE D 10 -6.35 -20.82 55.17
N ILE D 11 -6.20 -20.68 53.85
CA ILE D 11 -5.62 -19.49 53.24
C ILE D 11 -6.59 -18.99 52.17
N GLY D 12 -7.23 -17.85 52.44
CA GLY D 12 -8.05 -17.21 51.43
C GLY D 12 -7.17 -16.44 50.45
N ALA D 13 -7.43 -16.61 49.16
CA ALA D 13 -6.63 -16.00 48.11
C ALA D 13 -7.53 -15.22 47.16
N PRO D 14 -7.99 -14.03 47.57
CA PRO D 14 -8.90 -13.22 46.73
C PRO D 14 -8.17 -12.45 45.64
N PHE D 15 -7.82 -13.17 44.57
CA PHE D 15 -7.07 -12.62 43.45
C PHE D 15 -7.76 -12.99 42.14
N SER D 16 -7.82 -12.05 41.21
CA SER D 16 -8.59 -12.22 39.99
C SER D 16 -7.87 -11.84 38.71
N LYS D 17 -6.66 -11.27 38.79
CA LYS D 17 -6.03 -10.71 37.60
C LYS D 17 -5.33 -11.75 36.74
N GLY D 18 -5.44 -13.04 37.08
CA GLY D 18 -4.98 -14.09 36.19
C GLY D 18 -5.94 -14.45 35.08
N GLN D 19 -7.12 -13.83 35.08
CA GLN D 19 -8.14 -14.09 34.07
C GLN D 19 -8.93 -12.81 33.90
N PRO D 20 -9.77 -12.72 32.84
CA PRO D 20 -10.43 -11.44 32.53
C PRO D 20 -11.66 -11.13 33.38
N ARG D 21 -12.46 -12.13 33.71
CA ARG D 21 -13.76 -11.89 34.31
C ARG D 21 -13.62 -11.60 35.80
N GLY D 22 -14.22 -10.49 36.24
CA GLY D 22 -14.17 -10.14 37.65
C GLY D 22 -15.19 -10.91 38.48
N GLY D 23 -14.88 -11.03 39.77
CA GLY D 23 -15.75 -11.70 40.73
C GLY D 23 -15.10 -12.90 41.39
N VAL D 24 -14.15 -13.55 40.72
CA VAL D 24 -13.52 -14.73 41.29
C VAL D 24 -12.75 -14.40 42.57
N GLU D 25 -12.43 -13.12 42.79
CA GLU D 25 -11.79 -12.73 44.04
C GLU D 25 -12.73 -12.89 45.23
N GLU D 26 -14.04 -12.93 45.00
CA GLU D 26 -15.01 -13.16 46.07
C GLU D 26 -15.16 -14.62 46.43
N GLY D 27 -14.45 -15.52 45.72
CA GLY D 27 -14.46 -16.94 46.01
C GLY D 27 -14.27 -17.28 47.47
N PRO D 28 -13.19 -16.78 48.09
CA PRO D 28 -13.02 -17.02 49.54
C PRO D 28 -14.17 -16.51 50.38
N THR D 29 -14.79 -15.39 49.99
CA THR D 29 -15.87 -14.81 50.80
C THR D 29 -17.09 -15.72 50.80
N VAL D 30 -17.52 -16.18 49.62
CA VAL D 30 -18.74 -16.98 49.56
C VAL D 30 -18.51 -18.37 50.12
N LEU D 31 -17.30 -18.92 49.98
CA LEU D 31 -17.01 -20.23 50.55
C LEU D 31 -17.07 -20.19 52.07
N ARG D 32 -16.50 -19.13 52.67
CA ARG D 32 -16.63 -18.95 54.11
C ARG D 32 -18.08 -18.73 54.52
N LYS D 33 -18.81 -17.94 53.73
CA LYS D 33 -20.19 -17.60 54.07
C LYS D 33 -21.10 -18.83 54.07
N ALA D 34 -20.78 -19.83 53.24
CA ALA D 34 -21.55 -21.07 53.23
C ALA D 34 -21.26 -21.97 54.42
N GLY D 35 -20.28 -21.61 55.25
CA GLY D 35 -20.00 -22.36 56.45
C GLY D 35 -18.90 -23.40 56.35
N LEU D 36 -18.01 -23.28 55.37
CA LEU D 36 -16.98 -24.30 55.16
C LEU D 36 -16.16 -24.53 56.42
N LEU D 37 -15.84 -23.46 57.16
CA LEU D 37 -15.07 -23.61 58.38
C LEU D 37 -15.84 -24.41 59.44
N GLU D 38 -17.13 -24.11 59.59
CA GLU D 38 -17.92 -24.78 60.63
C GLU D 38 -18.21 -26.22 60.26
N LYS D 39 -18.47 -26.49 58.99
CA LYS D 39 -18.73 -27.86 58.56
C LYS D 39 -17.50 -28.74 58.66
N LEU D 40 -16.31 -28.16 58.43
CA LEU D 40 -15.08 -28.92 58.62
C LEU D 40 -14.89 -29.27 60.09
N LYS D 41 -15.17 -28.32 60.99
CA LYS D 41 -15.03 -28.58 62.42
C LYS D 41 -16.05 -29.61 62.89
N GLU D 42 -17.20 -29.71 62.22
CA GLU D 42 -18.22 -30.67 62.63
C GLU D 42 -17.79 -32.11 62.38
N GLN D 43 -16.84 -32.35 61.48
CA GLN D 43 -16.33 -33.68 61.22
C GLN D 43 -14.94 -33.89 61.82
N GLU D 44 -14.68 -33.27 62.97
CA GLU D 44 -13.48 -33.51 63.77
C GLU D 44 -12.20 -33.04 63.08
N CYS D 45 -12.28 -31.91 62.38
CA CYS D 45 -11.11 -31.29 61.79
C CYS D 45 -10.55 -30.22 62.72
N ASP D 46 -9.22 -30.18 62.81
CA ASP D 46 -8.52 -29.11 63.52
C ASP D 46 -8.14 -28.06 62.48
N VAL D 47 -8.88 -26.97 62.45
CA VAL D 47 -8.77 -25.95 61.41
C VAL D 47 -8.26 -24.66 62.02
N LYS D 48 -7.24 -24.07 61.41
CA LYS D 48 -6.77 -22.73 61.72
C LYS D 48 -6.96 -21.85 60.50
N ASP D 49 -7.57 -20.68 60.70
CA ASP D 49 -7.83 -19.73 59.63
C ASP D 49 -6.70 -18.70 59.62
N TYR D 50 -5.84 -18.77 58.59
CA TYR D 50 -4.75 -17.82 58.43
C TYR D 50 -5.20 -16.51 57.77
N GLY D 51 -6.49 -16.35 57.52
CA GLY D 51 -7.04 -15.11 57.01
C GLY D 51 -6.90 -14.99 55.50
N ASP D 52 -7.59 -14.00 54.97
CA ASP D 52 -7.49 -13.67 53.55
C ASP D 52 -6.22 -12.85 53.31
N LEU D 53 -5.45 -13.26 52.30
CA LEU D 53 -4.20 -12.57 52.00
C LEU D 53 -4.49 -11.17 51.47
N PRO D 54 -3.87 -10.14 52.03
CA PRO D 54 -3.95 -8.80 51.41
C PRO D 54 -3.05 -8.74 50.19
N PHE D 55 -3.65 -8.57 49.02
CA PHE D 55 -2.93 -8.47 47.77
C PHE D 55 -2.86 -6.99 47.39
N ALA D 56 -1.73 -6.37 47.69
CA ALA D 56 -1.56 -4.95 47.42
C ALA D 56 -1.73 -4.65 45.94
N ASP D 57 -2.33 -3.51 45.64
CA ASP D 57 -2.53 -3.10 44.26
C ASP D 57 -1.18 -2.87 43.59
N ILE D 58 -1.10 -3.26 42.32
CA ILE D 58 0.06 -2.96 41.47
C ILE D 58 -0.44 -2.16 40.28
N PRO D 59 -0.31 -0.83 40.33
CA PRO D 59 -0.97 0.03 39.34
C PRO D 59 -0.29 0.04 37.97
N ASN D 60 1.04 0.02 37.95
CA ASN D 60 1.80 0.00 36.70
C ASN D 60 2.17 -1.46 36.41
N ASP D 61 1.27 -2.14 35.70
CA ASP D 61 1.41 -3.56 35.40
C ASP D 61 1.10 -3.80 33.92
N SER D 62 1.90 -3.18 33.05
CA SER D 62 1.71 -3.33 31.62
C SER D 62 1.98 -4.77 31.19
N PRO D 63 1.35 -5.21 30.10
CA PRO D 63 1.47 -6.61 29.70
C PRO D 63 2.86 -6.99 29.21
N PHE D 64 3.24 -8.24 29.48
CA PHE D 64 4.38 -8.87 28.85
C PHE D 64 3.89 -9.47 27.53
N GLN D 65 4.22 -8.83 26.42
CA GLN D 65 3.68 -9.17 25.11
C GLN D 65 2.15 -9.15 25.15
N ILE D 66 1.53 -10.32 25.21
CA ILE D 66 0.08 -10.42 25.34
C ILE D 66 -0.35 -10.91 26.72
N VAL D 67 0.60 -11.33 27.57
CA VAL D 67 0.26 -11.79 28.91
C VAL D 67 -0.20 -10.61 29.76
N LYS D 68 -1.39 -10.72 30.34
CA LYS D 68 -1.99 -9.62 31.09
C LYS D 68 -1.64 -9.70 32.56
N ASN D 69 -1.50 -8.52 33.18
CA ASN D 69 -1.20 -8.30 34.59
C ASN D 69 -0.13 -9.24 35.14
N PRO D 70 1.05 -9.34 34.51
CA PRO D 70 2.02 -10.33 34.99
C PRO D 70 2.53 -10.07 36.40
N ARG D 71 2.76 -8.80 36.76
CA ARG D 71 3.33 -8.50 38.06
C ARG D 71 2.35 -8.76 39.19
N SER D 72 1.07 -8.43 38.98
CA SER D 72 0.07 -8.73 40.00
C SER D 72 -0.08 -10.23 40.20
N VAL D 73 -0.04 -11.00 39.12
CA VAL D 73 -0.14 -12.46 39.24
C VAL D 73 1.11 -13.03 39.90
N GLY D 74 2.29 -12.55 39.50
CA GLY D 74 3.51 -13.11 40.04
C GLY D 74 3.72 -12.79 41.51
N LYS D 75 3.32 -11.60 41.94
CA LYS D 75 3.50 -11.23 43.34
C LYS D 75 2.49 -11.92 44.24
N ALA D 76 1.25 -12.06 43.77
CA ALA D 76 0.25 -12.79 44.55
C ALA D 76 0.65 -14.24 44.76
N SER D 77 1.16 -14.88 43.71
CA SER D 77 1.66 -16.24 43.85
C SER D 77 2.92 -16.28 44.71
N GLU D 78 3.77 -15.25 44.62
CA GLU D 78 4.93 -15.19 45.50
C GLU D 78 4.51 -15.04 46.96
N GLN D 79 3.50 -14.20 47.22
CA GLN D 79 3.02 -14.03 48.59
C GLN D 79 2.30 -15.28 49.07
N LEU D 80 1.52 -15.92 48.18
CA LEU D 80 0.86 -17.17 48.54
C LEU D 80 1.88 -18.27 48.83
N ALA D 81 2.97 -18.31 48.05
CA ALA D 81 3.99 -19.34 48.25
C ALA D 81 4.57 -19.28 49.65
N GLY D 82 4.98 -18.08 50.09
CA GLY D 82 5.45 -17.95 51.46
C GLY D 82 4.40 -18.33 52.48
N LYS D 83 3.15 -17.96 52.22
CA LYS D 83 2.07 -18.26 53.16
C LYS D 83 1.81 -19.75 53.26
N VAL D 84 1.82 -20.46 52.12
CA VAL D 84 1.60 -21.90 52.14
C VAL D 84 2.72 -22.61 52.89
N ALA D 85 3.97 -22.24 52.59
CA ALA D 85 5.10 -22.84 53.29
C ALA D 85 5.02 -22.63 54.80
N GLU D 86 4.46 -21.51 55.23
CA GLU D 86 4.32 -21.25 56.67
C GLU D 86 3.39 -22.26 57.32
N VAL D 87 2.22 -22.51 56.70
CA VAL D 87 1.27 -23.43 57.31
C VAL D 87 1.76 -24.88 57.19
N LYS D 88 2.56 -25.19 56.16
CA LYS D 88 3.14 -26.52 56.07
C LYS D 88 4.17 -26.76 57.15
N LYS D 89 4.91 -25.72 57.54
CA LYS D 89 5.84 -25.83 58.66
C LYS D 89 5.12 -25.96 60.00
N ASN D 90 3.86 -25.54 60.06
CA ASN D 90 3.03 -25.75 61.25
C ASN D 90 2.39 -27.12 61.28
N GLY D 91 2.70 -27.99 60.32
CA GLY D 91 2.17 -29.33 60.31
C GLY D 91 0.73 -29.45 59.83
N ARG D 92 0.22 -28.46 59.12
CA ARG D 92 -1.16 -28.42 58.69
C ARG D 92 -1.26 -28.63 57.19
N ILE D 93 -2.41 -29.12 56.74
CA ILE D 93 -2.71 -29.24 55.31
C ILE D 93 -3.15 -27.89 54.80
N SER D 94 -2.39 -27.32 53.86
CA SER D 94 -2.70 -26.00 53.33
C SER D 94 -3.96 -26.06 52.47
N LEU D 95 -4.97 -25.28 52.85
CA LEU D 95 -6.22 -25.19 52.11
C LEU D 95 -6.32 -23.79 51.52
N VAL D 96 -6.16 -23.68 50.21
CA VAL D 96 -6.19 -22.40 49.52
C VAL D 96 -7.58 -22.23 48.90
N LEU D 97 -8.33 -21.25 49.41
CA LEU D 97 -9.61 -20.86 48.82
C LEU D 97 -9.32 -19.76 47.80
N GLY D 98 -9.54 -20.07 46.53
CA GLY D 98 -8.92 -19.32 45.46
C GLY D 98 -9.81 -18.35 44.72
N GLY D 99 -9.14 -17.41 44.07
CA GLY D 99 -9.67 -16.75 42.90
C GLY D 99 -9.30 -17.57 41.69
N ASP D 100 -8.53 -17.00 40.78
CA ASP D 100 -8.18 -17.71 39.55
C ASP D 100 -7.06 -18.71 39.79
N HIS D 101 -6.96 -19.67 38.87
CA HIS D 101 -6.07 -20.82 39.01
C HIS D 101 -4.59 -20.48 38.87
N SER D 102 -4.24 -19.26 38.46
CA SER D 102 -2.83 -18.89 38.40
C SER D 102 -2.17 -18.95 39.77
N LEU D 103 -2.95 -18.85 40.84
CA LEU D 103 -2.41 -18.97 42.19
C LEU D 103 -1.77 -20.32 42.45
N ALA D 104 -2.04 -21.31 41.59
CA ALA D 104 -1.43 -22.63 41.77
C ALA D 104 0.08 -22.57 41.66
N ILE D 105 0.62 -21.59 40.93
CA ILE D 105 2.07 -21.36 40.93
C ILE D 105 2.56 -21.17 42.35
N GLY D 106 1.89 -20.30 43.10
CA GLY D 106 2.29 -20.05 44.47
C GLY D 106 1.91 -21.14 45.44
N SER D 107 0.75 -21.78 45.23
CA SER D 107 0.32 -22.84 46.13
C SER D 107 1.27 -24.03 46.06
N ILE D 108 1.64 -24.45 44.85
CA ILE D 108 2.49 -25.63 44.70
C ILE D 108 3.94 -25.31 45.04
N SER D 109 4.41 -24.11 44.68
CA SER D 109 5.80 -23.74 44.97
C SER D 109 6.06 -23.69 46.47
N GLY D 110 5.24 -22.94 47.21
CA GLY D 110 5.39 -22.89 48.65
C GLY D 110 5.21 -24.25 49.30
N HIS D 111 4.34 -25.09 48.73
CA HIS D 111 4.21 -26.46 49.20
C HIS D 111 5.51 -27.24 48.98
N ALA D 112 6.08 -27.15 47.78
CA ALA D 112 7.30 -27.88 47.47
C ALA D 112 8.46 -27.42 48.34
N ARG D 113 8.44 -26.17 48.80
CA ARG D 113 9.52 -25.68 49.65
C ARG D 113 9.66 -26.51 50.93
N VAL D 114 8.55 -27.07 51.42
CA VAL D 114 8.57 -27.86 52.64
C VAL D 114 8.56 -29.34 52.31
N HIS D 115 7.92 -29.70 51.19
CA HIS D 115 7.79 -31.09 50.74
C HIS D 115 8.17 -31.16 49.27
N PRO D 116 9.47 -31.21 48.97
CA PRO D 116 9.90 -31.22 47.55
C PRO D 116 9.60 -32.52 46.82
N ASP D 117 9.14 -33.56 47.52
CA ASP D 117 8.84 -34.84 46.90
C ASP D 117 7.35 -35.00 46.61
N LEU D 118 6.60 -33.91 46.53
CA LEU D 118 5.15 -34.00 46.40
C LEU D 118 4.75 -34.44 45.00
N GLY D 119 3.54 -35.01 44.91
CA GLY D 119 2.90 -35.28 43.64
C GLY D 119 1.63 -34.46 43.53
N VAL D 120 1.25 -34.15 42.29
CA VAL D 120 0.13 -33.25 42.00
C VAL D 120 -0.95 -34.03 41.26
N ILE D 121 -2.18 -33.94 41.75
CA ILE D 121 -3.37 -34.35 41.00
C ILE D 121 -4.07 -33.07 40.58
N TRP D 122 -4.28 -32.91 39.27
CA TRP D 122 -4.81 -31.68 38.69
C TRP D 122 -6.18 -31.98 38.07
N VAL D 123 -7.24 -31.65 38.81
CA VAL D 123 -8.61 -31.84 38.34
C VAL D 123 -9.06 -30.55 37.67
N ASP D 124 -9.42 -30.63 36.40
CA ASP D 124 -9.61 -29.44 35.58
C ASP D 124 -10.13 -29.87 34.22
N ALA D 125 -10.93 -28.99 33.61
CA ALA D 125 -11.28 -29.15 32.21
C ALA D 125 -10.14 -28.79 31.26
N HIS D 126 -9.15 -28.05 31.76
CA HIS D 126 -8.05 -27.55 30.96
C HIS D 126 -6.73 -28.00 31.55
N THR D 127 -5.69 -28.01 30.72
CA THR D 127 -4.37 -28.41 31.18
C THR D 127 -3.58 -27.28 31.82
N ASP D 128 -3.98 -26.03 31.59
CA ASP D 128 -3.35 -24.86 32.23
C ASP D 128 -1.83 -24.88 32.06
N ILE D 129 -1.38 -25.33 30.89
CA ILE D 129 0.02 -25.64 30.66
C ILE D 129 0.61 -24.82 29.52
N ASN D 130 -0.13 -23.84 29.02
CA ASN D 130 0.43 -22.91 28.04
C ASN D 130 1.62 -22.17 28.64
N THR D 131 2.61 -21.91 27.81
CA THR D 131 3.70 -21.03 28.20
C THR D 131 3.32 -19.59 27.89
N PRO D 132 4.02 -18.62 28.47
CA PRO D 132 3.79 -17.21 28.07
C PRO D 132 3.99 -16.97 26.58
N LEU D 133 4.58 -17.91 25.84
CA LEU D 133 4.80 -17.77 24.41
C LEU D 133 3.79 -18.52 23.56
N THR D 134 3.30 -19.67 24.02
CA THR D 134 2.30 -20.43 23.27
C THR D 134 0.88 -19.94 23.52
N THR D 135 0.65 -19.19 24.59
CA THR D 135 -0.70 -18.74 24.92
C THR D 135 -1.23 -17.82 23.82
N THR D 136 -2.53 -17.93 23.55
CA THR D 136 -3.23 -17.04 22.64
C THR D 136 -4.15 -16.07 23.35
N SER D 137 -4.52 -16.36 24.60
CA SER D 137 -5.40 -15.50 25.37
C SER D 137 -4.64 -14.55 26.30
N GLY D 138 -3.36 -14.80 26.57
CA GLY D 138 -2.62 -13.98 27.50
C GLY D 138 -3.08 -14.04 28.93
N ASN D 139 -3.96 -14.97 29.28
CA ASN D 139 -4.47 -15.09 30.64
C ASN D 139 -3.63 -16.09 31.42
N LEU D 140 -3.07 -15.64 32.54
CA LEU D 140 -2.09 -16.44 33.26
C LEU D 140 -2.71 -17.63 34.00
N HIS D 141 -4.02 -17.61 34.24
CA HIS D 141 -4.65 -18.74 34.90
C HIS D 141 -4.65 -20.00 34.03
N GLY D 142 -4.35 -19.87 32.74
CA GLY D 142 -4.19 -21.02 31.87
C GLY D 142 -2.73 -21.30 31.56
N GLN D 143 -1.83 -20.88 32.45
CA GLN D 143 -0.41 -21.12 32.29
C GLN D 143 0.34 -21.65 33.51
N PRO D 144 -0.30 -21.85 34.69
CA PRO D 144 0.53 -22.08 35.90
C PRO D 144 1.42 -23.30 35.82
N VAL D 145 0.96 -24.37 35.15
CA VAL D 145 1.71 -25.62 35.14
C VAL D 145 3.04 -25.44 34.42
N SER D 146 3.04 -24.68 33.32
CA SER D 146 4.28 -24.47 32.57
C SER D 146 5.35 -23.80 33.43
N PHE D 147 4.95 -22.94 34.36
CA PHE D 147 5.91 -22.31 35.26
C PHE D 147 6.50 -23.29 36.27
N LEU D 148 5.84 -24.41 36.51
CA LEU D 148 6.24 -25.33 37.58
C LEU D 148 7.01 -26.54 37.09
N LEU D 149 7.02 -26.82 35.79
CA LEU D 149 7.60 -28.05 35.26
C LEU D 149 9.10 -27.88 35.02
N LYS D 150 9.90 -28.75 35.64
CA LYS D 150 11.34 -28.74 35.42
C LYS D 150 11.67 -28.91 33.94
N GLU D 151 10.95 -29.80 33.25
CA GLU D 151 11.21 -30.07 31.85
C GLU D 151 10.91 -28.88 30.95
N LEU D 152 10.26 -27.84 31.46
CA LEU D 152 10.01 -26.65 30.68
C LEU D 152 11.00 -25.53 30.96
N LYS D 153 11.98 -25.77 31.84
CA LYS D 153 13.05 -24.80 32.06
C LYS D 153 13.77 -24.54 30.75
N GLY D 154 13.83 -23.26 30.36
CA GLY D 154 14.39 -22.85 29.09
C GLY D 154 13.35 -22.39 28.09
N LYS D 155 12.08 -22.71 28.31
CA LYS D 155 10.99 -22.24 27.46
C LYS D 155 10.14 -21.17 28.10
N ILE D 156 10.34 -20.89 29.38
CA ILE D 156 9.63 -19.81 30.07
C ILE D 156 10.47 -18.55 29.94
N PRO D 157 9.98 -17.51 29.26
CA PRO D 157 10.74 -16.26 29.18
C PRO D 157 10.74 -15.54 30.51
N ASP D 158 11.59 -14.52 30.60
CA ASP D 158 11.66 -13.70 31.80
C ASP D 158 10.41 -12.82 31.87
N VAL D 159 9.41 -13.29 32.61
CA VAL D 159 8.15 -12.57 32.76
C VAL D 159 8.23 -11.69 34.01
N PRO D 160 7.88 -10.42 33.94
CA PRO D 160 7.92 -9.57 35.13
C PRO D 160 7.02 -10.11 36.23
N GLY D 161 7.60 -10.30 37.42
CA GLY D 161 6.89 -10.79 38.58
C GLY D 161 7.17 -12.24 38.93
N PHE D 162 7.90 -12.96 38.10
CA PHE D 162 8.10 -14.40 38.27
C PHE D 162 9.58 -14.78 38.40
N SER D 163 10.44 -13.83 38.77
CA SER D 163 11.85 -14.16 38.92
C SER D 163 12.11 -15.05 40.12
N TRP D 164 11.18 -15.08 41.09
CA TRP D 164 11.28 -15.97 42.23
C TRP D 164 10.96 -17.42 41.88
N VAL D 165 10.42 -17.68 40.69
CA VAL D 165 9.87 -18.98 40.36
C VAL D 165 10.98 -19.92 39.96
N THR D 166 11.03 -21.08 40.60
CA THR D 166 11.87 -22.19 40.19
C THR D 166 10.98 -23.41 39.98
N PRO D 167 11.06 -24.07 38.82
CA PRO D 167 10.28 -25.29 38.60
C PRO D 167 10.56 -26.32 39.68
N CYS D 168 9.50 -26.81 40.32
CA CYS D 168 9.63 -27.66 41.49
C CYS D 168 9.08 -29.07 41.32
N ILE D 169 8.33 -29.35 40.26
CA ILE D 169 7.77 -30.68 40.04
C ILE D 169 8.17 -31.15 38.65
N SER D 170 8.29 -32.47 38.51
CA SER D 170 8.70 -33.07 37.25
C SER D 170 7.47 -33.57 36.48
N ALA D 171 7.69 -33.82 35.19
CA ALA D 171 6.60 -34.22 34.30
C ALA D 171 5.91 -35.49 34.77
N LYS D 172 6.63 -36.37 35.46
CA LYS D 172 6.08 -37.63 35.94
C LYS D 172 5.53 -37.55 37.35
N ASP D 173 5.35 -36.33 37.89
CA ASP D 173 4.84 -36.14 39.24
C ASP D 173 3.50 -35.42 39.24
N ILE D 174 2.81 -35.36 38.10
CA ILE D 174 1.52 -34.71 37.99
C ILE D 174 0.59 -35.59 37.18
N VAL D 175 -0.68 -35.64 37.59
CA VAL D 175 -1.72 -36.38 36.88
C VAL D 175 -2.89 -35.44 36.62
N TYR D 176 -3.34 -35.37 35.37
CA TYR D 176 -4.54 -34.64 35.01
C TYR D 176 -5.75 -35.56 35.05
N ILE D 177 -6.89 -35.02 35.49
CA ILE D 177 -8.17 -35.73 35.44
C ILE D 177 -9.25 -34.75 35.05
N GLY D 178 -9.98 -35.06 33.98
CA GLY D 178 -11.15 -34.30 33.59
C GLY D 178 -11.00 -33.44 32.35
N LEU D 179 -9.89 -33.54 31.62
CA LEU D 179 -9.64 -32.64 30.50
C LEU D 179 -10.64 -32.86 29.37
N ARG D 180 -10.97 -31.76 28.68
CA ARG D 180 -11.88 -31.80 27.54
C ARG D 180 -11.83 -30.51 26.74
N ASP D 181 -10.83 -29.66 27.01
CA ASP D 181 -10.75 -28.35 26.37
C ASP D 181 -9.27 -27.93 26.38
N VAL D 182 -8.54 -28.37 25.36
CA VAL D 182 -7.08 -28.30 25.37
C VAL D 182 -6.61 -27.59 24.10
N ASP D 183 -5.79 -26.55 24.28
CA ASP D 183 -5.22 -25.83 23.15
C ASP D 183 -4.22 -26.69 22.39
N PRO D 184 -4.05 -26.46 21.09
CA PRO D 184 -3.08 -27.28 20.33
C PRO D 184 -1.67 -27.22 20.87
N GLY D 185 -1.19 -26.04 21.26
CA GLY D 185 0.12 -25.96 21.88
C GLY D 185 0.20 -26.74 23.18
N GLU D 186 -0.89 -26.71 23.96
CA GLU D 186 -0.95 -27.50 25.18
C GLU D 186 -0.91 -28.99 24.87
N HIS D 187 -1.68 -29.42 23.87
CA HIS D 187 -1.69 -30.83 23.49
C HIS D 187 -0.31 -31.30 23.06
N TYR D 188 0.42 -30.44 22.35
CA TYR D 188 1.80 -30.77 21.98
C TYR D 188 2.65 -30.98 23.22
N ILE D 189 2.60 -30.03 24.16
CA ILE D 189 3.38 -30.13 25.40
C ILE D 189 2.96 -31.40 26.16
N LEU D 190 1.65 -31.61 26.28
CA LEU D 190 1.13 -32.78 26.99
C LEU D 190 1.76 -34.07 26.50
N LYS D 191 1.72 -34.30 25.19
CA LYS D 191 2.19 -35.57 24.64
C LYS D 191 3.72 -35.64 24.63
N THR D 192 4.38 -34.54 24.28
CA THR D 192 5.84 -34.59 24.13
C THR D 192 6.52 -34.90 25.45
N LEU D 193 6.04 -34.32 26.54
CA LEU D 193 6.60 -34.61 27.86
C LEU D 193 6.03 -35.87 28.48
N GLY D 194 5.04 -36.51 27.84
CA GLY D 194 4.51 -37.76 28.34
C GLY D 194 3.85 -37.66 29.70
N ILE D 195 3.12 -36.57 29.95
CA ILE D 195 2.44 -36.41 31.22
C ILE D 195 1.28 -37.40 31.31
N LYS D 196 1.15 -38.05 32.46
CA LYS D 196 -0.01 -38.90 32.69
C LYS D 196 -1.27 -38.05 32.78
N TYR D 197 -2.32 -38.50 32.11
CA TYR D 197 -3.56 -37.72 32.06
C TYR D 197 -4.73 -38.64 31.77
N PHE D 198 -5.88 -38.29 32.35
CA PHE D 198 -7.15 -38.93 32.03
C PHE D 198 -8.10 -37.84 31.57
N SER D 199 -8.29 -37.71 30.26
CA SER D 199 -9.31 -36.80 29.75
C SER D 199 -10.68 -37.39 30.06
N MET D 200 -11.72 -36.64 29.66
CA MET D 200 -13.07 -37.19 29.73
C MET D 200 -13.19 -38.48 28.93
N THR D 201 -12.42 -38.60 27.85
CA THR D 201 -12.41 -39.82 27.06
C THR D 201 -11.91 -41.01 27.87
N GLU D 202 -10.83 -40.82 28.62
CA GLU D 202 -10.30 -41.91 29.44
C GLU D 202 -11.22 -42.21 30.63
N VAL D 203 -11.88 -41.19 31.18
CA VAL D 203 -12.84 -41.43 32.25
C VAL D 203 -14.03 -42.23 31.74
N ASP D 204 -14.46 -41.94 30.50
CA ASP D 204 -15.52 -42.73 29.89
C ASP D 204 -15.07 -44.15 29.60
N ARG D 205 -13.79 -44.35 29.26
CA ARG D 205 -13.32 -45.67 28.87
C ARG D 205 -13.15 -46.58 30.07
N LEU D 206 -12.58 -46.07 31.16
CA LEU D 206 -12.25 -46.89 32.31
C LEU D 206 -13.17 -46.70 33.50
N GLY D 207 -13.85 -45.58 33.60
CA GLY D 207 -14.63 -45.30 34.79
C GLY D 207 -13.78 -44.67 35.87
N ILE D 208 -14.42 -43.81 36.68
CA ILE D 208 -13.71 -43.09 37.73
C ILE D 208 -13.06 -44.03 38.75
N GLY D 209 -13.54 -45.27 38.83
CA GLY D 209 -12.92 -46.21 39.76
C GLY D 209 -11.52 -46.59 39.34
N LYS D 210 -11.35 -47.00 38.08
CA LYS D 210 -10.03 -47.39 37.61
C LYS D 210 -9.12 -46.18 37.41
N VAL D 211 -9.71 -45.03 37.05
CA VAL D 211 -8.93 -43.80 36.89
C VAL D 211 -8.22 -43.47 38.20
N MET D 212 -8.94 -43.52 39.31
CA MET D 212 -8.32 -43.21 40.60
C MET D 212 -7.33 -44.29 41.02
N GLU D 213 -7.59 -45.55 40.66
CA GLU D 213 -6.63 -46.61 40.98
C GLU D 213 -5.33 -46.44 40.22
N GLU D 214 -5.42 -46.07 38.93
CA GLU D 214 -4.21 -45.80 38.16
C GLU D 214 -3.53 -44.52 38.63
N THR D 215 -4.33 -43.48 38.96
CA THR D 215 -3.76 -42.22 39.39
C THR D 215 -2.93 -42.39 40.67
N LEU D 216 -3.50 -43.09 41.66
CA LEU D 216 -2.81 -43.23 42.93
C LEU D 216 -1.65 -44.22 42.84
N SER D 217 -1.74 -45.20 41.93
CA SER D 217 -0.61 -46.11 41.73
C SER D 217 0.50 -45.44 40.94
N TYR D 218 0.14 -44.61 39.96
CA TYR D 218 1.15 -43.89 39.19
C TYR D 218 1.95 -42.94 40.08
N LEU D 219 1.30 -42.34 41.08
CA LEU D 219 1.94 -41.34 41.92
C LEU D 219 2.51 -41.89 43.21
N LEU D 220 1.91 -42.93 43.78
CA LEU D 220 2.35 -43.47 45.06
C LEU D 220 2.95 -44.87 44.96
N GLY D 221 3.04 -45.43 43.76
CA GLY D 221 3.46 -46.82 43.63
C GLY D 221 4.90 -47.05 44.05
N ARG D 222 5.81 -46.21 43.55
CA ARG D 222 7.23 -46.37 43.88
C ARG D 222 7.48 -46.08 45.36
N LYS D 223 6.96 -44.96 45.86
CA LYS D 223 7.11 -44.61 47.26
C LYS D 223 5.99 -43.66 47.66
N LYS D 224 5.57 -43.77 48.91
CA LYS D 224 4.58 -42.83 49.44
C LYS D 224 5.18 -41.43 49.53
N ARG D 225 4.32 -40.43 49.40
CA ARG D 225 4.74 -39.04 49.30
C ARG D 225 3.52 -38.15 49.50
N PRO D 226 3.72 -36.88 49.88
CA PRO D 226 2.58 -35.98 50.03
C PRO D 226 1.91 -35.69 48.70
N ILE D 227 0.59 -35.57 48.74
CA ILE D 227 -0.24 -35.31 47.56
C ILE D 227 -0.73 -33.87 47.61
N HIS D 228 -0.63 -33.18 46.48
CA HIS D 228 -1.21 -31.85 46.32
C HIS D 228 -2.32 -31.95 45.27
N LEU D 229 -3.54 -31.59 45.67
CA LEU D 229 -4.69 -31.63 44.77
C LEU D 229 -5.06 -30.20 44.41
N SER D 230 -4.97 -29.88 43.12
CA SER D 230 -5.37 -28.57 42.60
C SER D 230 -6.70 -28.77 41.87
N PHE D 231 -7.79 -28.37 42.52
CA PHE D 231 -9.13 -28.65 42.02
C PHE D 231 -9.71 -27.38 41.39
N ASP D 232 -9.76 -27.35 40.05
CA ASP D 232 -10.47 -26.29 39.34
C ASP D 232 -11.95 -26.67 39.27
N VAL D 233 -12.82 -25.70 39.55
CA VAL D 233 -14.24 -25.99 39.67
C VAL D 233 -14.87 -26.33 38.32
N ASP D 234 -14.27 -25.89 37.21
CA ASP D 234 -14.81 -26.23 35.90
C ASP D 234 -14.45 -27.64 35.44
N GLY D 235 -13.72 -28.40 36.25
CA GLY D 235 -13.50 -29.80 35.91
C GLY D 235 -14.79 -30.60 35.97
N LEU D 236 -15.66 -30.26 36.92
CA LEU D 236 -16.98 -30.86 36.97
C LEU D 236 -17.87 -30.25 35.89
N ASP D 237 -18.97 -30.94 35.61
CA ASP D 237 -19.90 -30.47 34.61
C ASP D 237 -20.55 -29.16 35.05
N PRO D 238 -20.81 -28.25 34.11
CA PRO D 238 -21.46 -26.98 34.48
C PRO D 238 -22.84 -27.14 35.10
N SER D 239 -23.47 -28.31 34.97
CA SER D 239 -24.75 -28.53 35.64
C SER D 239 -24.59 -28.62 37.15
N PHE D 240 -23.37 -28.74 37.65
CA PHE D 240 -23.09 -28.72 39.08
C PHE D 240 -22.31 -27.51 39.54
N THR D 241 -21.42 -26.97 38.70
CA THR D 241 -20.63 -25.79 39.01
C THR D 241 -20.73 -24.79 37.87
N PRO D 242 -21.90 -24.18 37.67
CA PRO D 242 -22.05 -23.23 36.55
C PRO D 242 -21.42 -21.87 36.81
N ALA D 243 -21.24 -21.45 38.06
CA ALA D 243 -20.68 -20.14 38.36
C ALA D 243 -19.14 -20.22 38.30
N THR D 244 -18.65 -20.33 37.08
CA THR D 244 -17.21 -20.43 36.85
C THR D 244 -16.88 -19.76 35.52
N GLY D 245 -15.60 -19.42 35.36
CA GLY D 245 -15.20 -18.56 34.25
C GLY D 245 -15.37 -19.19 32.88
N THR D 246 -14.92 -20.43 32.72
CA THR D 246 -14.91 -21.10 31.43
C THR D 246 -15.53 -22.48 31.56
N PRO D 247 -16.86 -22.56 31.65
CA PRO D 247 -17.51 -23.88 31.75
C PRO D 247 -17.50 -24.59 30.42
N VAL D 248 -17.33 -25.92 30.48
CA VAL D 248 -17.30 -26.77 29.30
C VAL D 248 -18.25 -27.95 29.54
N VAL D 249 -19.12 -28.21 28.57
CA VAL D 249 -20.09 -29.31 28.70
C VAL D 249 -19.37 -30.65 28.81
N GLY D 250 -20.08 -31.63 29.34
CA GLY D 250 -19.58 -33.00 29.39
C GLY D 250 -18.53 -33.25 30.45
N GLY D 251 -18.63 -32.61 31.61
CA GLY D 251 -17.63 -32.74 32.64
C GLY D 251 -17.88 -33.93 33.57
N LEU D 252 -17.00 -34.03 34.56
CA LEU D 252 -17.19 -35.02 35.61
C LEU D 252 -18.47 -34.72 36.39
N THR D 253 -19.11 -35.77 36.88
CA THR D 253 -20.36 -35.60 37.61
C THR D 253 -20.07 -35.20 39.05
N TYR D 254 -21.15 -34.87 39.76
CA TYR D 254 -21.06 -34.65 41.21
C TYR D 254 -20.50 -35.88 41.90
N ARG D 255 -21.02 -37.07 41.55
CA ARG D 255 -20.54 -38.31 42.14
C ARG D 255 -19.06 -38.52 41.87
N GLU D 256 -18.65 -38.35 40.60
CA GLU D 256 -17.25 -38.57 40.24
C GLU D 256 -16.34 -37.59 40.97
N GLY D 257 -16.78 -36.34 41.14
CA GLY D 257 -15.99 -35.38 41.89
C GLY D 257 -15.82 -35.79 43.35
N LEU D 258 -16.87 -36.33 43.95
CA LEU D 258 -16.76 -36.80 45.33
C LEU D 258 -15.91 -38.05 45.44
N TYR D 259 -15.96 -38.93 44.43
CA TYR D 259 -15.16 -40.15 44.49
C TYR D 259 -13.67 -39.84 44.38
N ILE D 260 -13.31 -38.89 43.53
CA ILE D 260 -11.91 -38.45 43.43
C ILE D 260 -11.42 -37.99 44.80
N THR D 261 -12.20 -37.15 45.46
CA THR D 261 -11.78 -36.55 46.71
C THR D 261 -11.89 -37.52 47.88
N GLU D 262 -12.85 -38.44 47.84
CA GLU D 262 -12.92 -39.49 48.87
C GLU D 262 -11.73 -40.43 48.77
N GLU D 263 -11.34 -40.78 47.55
CA GLU D 263 -10.19 -41.68 47.37
C GLU D 263 -8.90 -41.03 47.81
N ILE D 264 -8.74 -39.72 47.55
CA ILE D 264 -7.53 -39.03 47.95
C ILE D 264 -7.41 -38.96 49.47
N TYR D 265 -8.54 -38.77 50.16
CA TYR D 265 -8.51 -38.72 51.62
C TYR D 265 -8.00 -40.03 52.19
N LYS D 266 -8.50 -41.17 51.68
CA LYS D 266 -8.19 -42.47 52.25
C LYS D 266 -6.71 -42.82 52.14
N THR D 267 -5.96 -42.13 51.27
CA THR D 267 -4.52 -42.34 51.24
C THR D 267 -3.84 -41.79 52.48
N GLY D 268 -4.46 -40.82 53.16
CA GLY D 268 -3.82 -40.19 54.30
C GLY D 268 -2.62 -39.33 53.95
N LEU D 269 -2.46 -38.99 52.67
CA LEU D 269 -1.29 -38.26 52.19
C LEU D 269 -1.67 -36.92 51.54
N LEU D 270 -2.89 -36.45 51.75
CA LEU D 270 -3.23 -35.11 51.30
C LEU D 270 -2.41 -34.09 52.08
N SER D 271 -1.78 -33.19 51.35
CA SER D 271 -0.88 -32.21 51.96
C SER D 271 -1.21 -30.78 51.57
N GLY D 272 -1.69 -30.57 50.34
CA GLY D 272 -2.15 -29.26 49.92
C GLY D 272 -3.38 -29.41 49.05
N LEU D 273 -4.22 -28.37 49.08
CA LEU D 273 -5.47 -28.41 48.34
C LEU D 273 -5.82 -27.01 47.85
N ASP D 274 -6.23 -26.91 46.60
CA ASP D 274 -6.67 -25.67 45.99
C ASP D 274 -8.11 -25.83 45.50
N ILE D 275 -8.97 -24.87 45.85
CA ILE D 275 -10.36 -24.83 45.41
C ILE D 275 -10.52 -23.55 44.59
N MET D 276 -10.39 -23.68 43.27
CA MET D 276 -10.17 -22.54 42.40
C MET D 276 -11.33 -22.31 41.45
N GLU D 277 -11.44 -21.06 40.98
CA GLU D 277 -12.30 -20.61 39.90
C GLU D 277 -13.77 -20.54 40.26
N VAL D 278 -14.11 -20.47 41.55
CA VAL D 278 -15.49 -20.16 41.94
C VAL D 278 -15.70 -18.66 41.73
N ASN D 279 -16.57 -18.30 40.80
CA ASN D 279 -16.87 -16.90 40.51
C ASN D 279 -18.35 -16.64 40.79
N PRO D 280 -18.70 -16.14 41.98
CA PRO D 280 -20.12 -15.94 42.31
C PRO D 280 -20.81 -14.90 41.45
N SER D 281 -20.07 -14.10 40.66
CA SER D 281 -20.70 -13.10 39.82
C SER D 281 -21.15 -13.65 38.47
N LEU D 282 -20.84 -14.92 38.17
CA LEU D 282 -21.11 -15.50 36.86
C LEU D 282 -22.33 -16.40 36.83
N GLY D 283 -23.00 -16.59 37.96
CA GLY D 283 -24.23 -17.38 37.95
C GLY D 283 -25.33 -16.65 37.22
N LYS D 284 -26.01 -17.34 36.30
CA LYS D 284 -27.14 -16.75 35.61
C LYS D 284 -28.31 -16.51 36.55
N THR D 285 -28.40 -17.28 37.63
CA THR D 285 -29.41 -17.11 38.67
C THR D 285 -28.71 -17.19 40.02
N PRO D 286 -29.33 -16.66 41.08
CA PRO D 286 -28.76 -16.84 42.41
C PRO D 286 -28.59 -18.30 42.81
N GLU D 287 -29.48 -19.19 42.36
CA GLU D 287 -29.37 -20.60 42.69
C GLU D 287 -28.10 -21.20 42.10
N GLU D 288 -27.73 -20.78 40.89
CA GLU D 288 -26.53 -21.32 40.25
C GLU D 288 -25.29 -21.00 41.07
N VAL D 289 -25.26 -19.83 41.72
CA VAL D 289 -24.15 -19.50 42.61
C VAL D 289 -24.16 -20.40 43.84
N THR D 290 -25.34 -20.57 44.46
CA THR D 290 -25.45 -21.46 45.61
C THR D 290 -25.08 -22.89 45.24
N ARG D 291 -25.49 -23.34 44.05
CA ARG D 291 -25.19 -24.70 43.63
C ARG D 291 -23.69 -24.90 43.41
N THR D 292 -23.03 -23.91 42.81
CA THR D 292 -21.58 -24.00 42.62
C THR D 292 -20.86 -24.07 43.95
N VAL D 293 -21.22 -23.17 44.88
CA VAL D 293 -20.55 -23.12 46.18
C VAL D 293 -20.82 -24.39 46.97
N ASN D 294 -22.05 -24.89 46.93
CA ASN D 294 -22.39 -26.11 47.67
C ASN D 294 -21.58 -27.30 47.18
N THR D 295 -21.50 -27.48 45.86
CA THR D 295 -20.66 -28.53 45.30
C THR D 295 -19.20 -28.36 45.72
N ALA D 296 -18.69 -27.13 45.64
CA ALA D 296 -17.30 -26.86 46.02
C ALA D 296 -17.07 -27.19 47.49
N VAL D 297 -18.01 -26.80 48.36
CA VAL D 297 -17.88 -27.13 49.78
C VAL D 297 -17.92 -28.64 49.98
N ALA D 298 -18.82 -29.33 49.27
CA ALA D 298 -18.96 -30.77 49.44
C ALA D 298 -17.69 -31.50 48.99
N ILE D 299 -17.08 -31.04 47.91
CA ILE D 299 -15.85 -31.68 47.47
C ILE D 299 -14.71 -31.38 48.42
N THR D 300 -14.72 -30.20 49.04
CA THR D 300 -13.71 -29.89 50.04
C THR D 300 -13.91 -30.73 51.30
N LEU D 301 -15.16 -30.99 51.67
CA LEU D 301 -15.44 -31.78 52.87
C LEU D 301 -15.02 -33.23 52.68
N ALA D 302 -15.19 -33.79 51.48
CA ALA D 302 -14.74 -35.15 51.23
C ALA D 302 -13.22 -35.26 51.29
N CYS D 303 -12.51 -34.19 50.95
CA CYS D 303 -11.06 -34.20 51.05
C CYS D 303 -10.59 -34.41 52.49
N PHE D 304 -11.42 -34.05 53.46
CA PHE D 304 -11.04 -34.09 54.87
C PHE D 304 -11.95 -35.00 55.69
N GLY D 305 -12.32 -36.15 55.13
CA GLY D 305 -12.91 -37.23 55.89
C GLY D 305 -14.36 -37.55 55.58
N LEU D 306 -15.12 -36.61 55.02
CA LEU D 306 -16.54 -36.86 54.76
C LEU D 306 -16.70 -37.99 53.74
N ALA D 307 -17.49 -39.00 54.10
CA ALA D 307 -17.73 -40.15 53.25
C ALA D 307 -19.23 -40.39 53.10
N ARG D 308 -19.64 -40.73 51.87
CA ARG D 308 -21.05 -40.99 51.61
C ARG D 308 -21.54 -42.27 52.30
N GLU D 309 -20.64 -43.21 52.59
CA GLU D 309 -21.03 -44.42 53.29
C GLU D 309 -21.38 -44.15 54.75
N GLY D 310 -20.86 -43.08 55.33
CA GLY D 310 -21.14 -42.73 56.71
C GLY D 310 -19.88 -42.49 57.51
N ASN D 311 -20.01 -41.69 58.56
CA ASN D 311 -18.92 -41.41 59.50
C ASN D 311 -19.44 -41.60 60.91
N HIS D 312 -18.55 -42.02 61.81
CA HIS D 312 -18.91 -42.15 63.22
C HIS D 312 -17.66 -42.01 64.08
N LYS D 313 -17.88 -41.52 65.31
CA LYS D 313 -16.82 -41.33 66.29
C LYS D 313 -16.48 -42.65 66.98
N PRO D 314 -15.24 -42.80 67.46
CA PRO D 314 -14.88 -44.05 68.14
C PRO D 314 -15.51 -44.16 69.52
N ILE D 315 -16.82 -44.35 69.55
CA ILE D 315 -17.58 -44.55 70.78
C ILE D 315 -18.63 -45.62 70.52
N ASP D 316 -19.36 -45.97 71.58
CA ASP D 316 -20.43 -46.96 71.51
C ASP D 316 -21.75 -46.21 71.40
N TYR D 317 -22.24 -46.04 70.17
CA TYR D 317 -23.51 -45.35 69.94
C TYR D 317 -24.70 -46.12 70.50
N LEU D 318 -24.49 -47.29 71.10
CA LEU D 318 -25.53 -48.04 71.78
C LEU D 318 -25.32 -48.08 73.28
N ASN D 319 -24.29 -47.41 73.78
CA ASN D 319 -23.98 -47.30 75.21
C ASN D 319 -23.92 -48.65 75.91
N SER E 2 19.41 27.69 15.61
CA SER E 2 18.89 27.11 14.39
C SER E 2 18.96 25.58 14.42
N ALA E 3 18.97 25.03 15.62
CA ALA E 3 18.94 23.58 15.78
C ALA E 3 17.61 23.03 15.29
N LYS E 4 17.56 21.70 15.10
CA LYS E 4 16.32 21.06 14.71
C LYS E 4 15.26 21.22 15.79
N SER E 5 15.68 21.22 17.07
CA SER E 5 14.75 21.41 18.17
C SER E 5 14.15 22.81 18.21
N ARG E 6 14.84 23.80 17.65
CA ARG E 6 14.38 25.19 17.66
C ARG E 6 14.01 25.68 16.27
N THR E 7 13.73 24.77 15.34
CA THR E 7 13.28 25.11 14.00
C THR E 7 11.78 24.84 13.91
N ILE E 8 11.00 25.91 13.70
CA ILE E 8 9.55 25.85 13.89
C ILE E 8 8.84 26.38 12.65
N GLY E 9 7.68 25.78 12.36
CA GLY E 9 6.73 26.32 11.41
C GLY E 9 5.38 26.52 12.08
N ILE E 10 4.87 27.75 12.09
CA ILE E 10 3.66 28.08 12.82
C ILE E 10 2.46 27.98 11.88
N ILE E 11 1.48 27.17 12.25
CA ILE E 11 0.22 27.05 11.54
C ILE E 11 -0.90 27.50 12.46
N GLY E 12 -1.70 28.46 12.00
CA GLY E 12 -2.89 28.88 12.72
C GLY E 12 -4.11 28.11 12.25
N ALA E 13 -4.91 27.63 13.20
CA ALA E 13 -6.11 26.84 12.93
C ALA E 13 -7.29 27.44 13.68
N PRO E 14 -7.87 28.53 13.17
CA PRO E 14 -9.02 29.17 13.84
C PRO E 14 -10.32 28.42 13.60
N PHE E 15 -10.45 27.26 14.24
CA PHE E 15 -11.59 26.38 14.08
C PHE E 15 -12.28 26.14 15.42
N SER E 16 -13.61 26.13 15.40
CA SER E 16 -14.40 25.98 16.63
C SER E 16 -15.53 24.99 16.53
N LYS E 17 -15.92 24.54 15.34
CA LYS E 17 -17.10 23.69 15.18
C LYS E 17 -16.90 22.27 15.71
N GLY E 18 -15.73 21.95 16.23
CA GLY E 18 -15.55 20.68 16.91
C GLY E 18 -16.13 20.62 18.30
N GLN E 19 -16.74 21.71 18.75
CA GLN E 19 -17.28 21.83 20.10
C GLN E 19 -18.30 22.96 20.10
N PRO E 20 -19.21 22.98 21.09
CA PRO E 20 -20.32 23.96 21.03
C PRO E 20 -19.91 25.39 21.38
N ARG E 21 -19.12 25.56 22.44
CA ARG E 21 -18.82 26.89 22.95
C ARG E 21 -18.02 27.70 21.94
N GLY E 22 -18.56 28.84 21.52
CA GLY E 22 -17.88 29.67 20.55
C GLY E 22 -16.79 30.53 21.18
N GLY E 23 -15.78 30.84 20.37
CA GLY E 23 -14.67 31.69 20.78
C GLY E 23 -13.31 31.03 20.70
N VAL E 24 -13.25 29.70 20.66
CA VAL E 24 -11.97 29.00 20.60
C VAL E 24 -11.27 29.20 19.27
N GLU E 25 -11.98 29.72 18.25
CA GLU E 25 -11.32 30.07 16.99
C GLU E 25 -10.43 31.29 17.13
N GLU E 26 -10.64 32.12 18.14
CA GLU E 26 -9.76 33.26 18.41
C GLU E 26 -8.46 32.85 19.09
N GLY E 27 -8.27 31.55 19.34
CA GLY E 27 -7.05 31.03 19.93
C GLY E 27 -5.79 31.50 19.23
N PRO E 28 -5.67 31.26 17.92
CA PRO E 28 -4.49 31.74 17.19
C PRO E 28 -4.29 33.24 17.26
N THR E 29 -5.36 34.00 17.47
CA THR E 29 -5.24 35.45 17.50
C THR E 29 -4.62 35.93 18.81
N VAL E 30 -5.13 35.46 19.95
CA VAL E 30 -4.63 35.92 21.23
C VAL E 30 -3.22 35.42 21.48
N LEU E 31 -2.91 34.19 21.03
CA LEU E 31 -1.57 33.66 21.19
C LEU E 31 -0.57 34.48 20.38
N ARG E 32 -0.94 34.88 19.16
CA ARG E 32 -0.09 35.76 18.37
C ARG E 32 0.01 37.14 19.01
N LYS E 33 -1.13 37.67 19.47
CA LYS E 33 -1.11 38.98 20.11
C LYS E 33 -0.23 38.98 21.36
N ALA E 34 -0.07 37.83 22.01
CA ALA E 34 0.72 37.75 23.23
C ALA E 34 2.22 37.87 22.98
N GLY E 35 2.66 37.87 21.74
CA GLY E 35 4.08 37.96 21.45
C GLY E 35 4.80 36.63 21.37
N LEU E 36 4.13 35.57 20.94
CA LEU E 36 4.72 34.24 20.95
C LEU E 36 5.89 34.13 19.97
N LEU E 37 5.67 34.50 18.71
CA LEU E 37 6.74 34.39 17.71
C LEU E 37 7.95 35.22 18.10
N GLU E 38 7.73 36.42 18.62
CA GLU E 38 8.85 37.26 19.07
C GLU E 38 9.59 36.60 20.23
N LYS E 39 8.84 36.11 21.22
CA LYS E 39 9.46 35.45 22.36
C LYS E 39 10.18 34.17 21.94
N LEU E 40 9.67 33.47 20.93
CA LEU E 40 10.40 32.35 20.36
C LEU E 40 11.68 32.83 19.68
N LYS E 41 11.58 33.87 18.85
CA LYS E 41 12.76 34.47 18.24
C LYS E 41 13.67 35.11 19.27
N GLU E 42 13.17 35.44 20.46
CA GLU E 42 14.04 35.93 21.52
C GLU E 42 14.98 34.82 22.00
N GLN E 43 14.47 33.59 22.09
CA GLN E 43 15.35 32.43 22.15
C GLN E 43 15.94 32.19 20.77
N GLU E 44 16.92 31.28 20.70
CA GLU E 44 17.63 31.03 19.44
C GLU E 44 16.81 30.10 18.54
N CYS E 45 15.64 30.59 18.12
CA CYS E 45 14.66 29.79 17.39
C CYS E 45 14.53 30.25 15.95
N ASP E 46 14.43 29.29 15.04
CA ASP E 46 14.14 29.52 13.64
C ASP E 46 12.63 29.44 13.45
N VAL E 47 11.98 30.58 13.29
CA VAL E 47 10.53 30.67 13.25
C VAL E 47 10.09 31.12 11.87
N LYS E 48 9.25 30.31 11.23
CA LYS E 48 8.60 30.68 9.97
C LYS E 48 7.10 30.53 10.15
N ASP E 49 6.36 31.60 9.90
CA ASP E 49 4.91 31.62 10.07
C ASP E 49 4.24 31.23 8.76
N TYR E 50 3.36 30.22 8.82
CA TYR E 50 2.60 29.78 7.66
C TYR E 50 1.18 30.35 7.63
N GLY E 51 0.90 31.34 8.48
CA GLY E 51 -0.39 32.01 8.45
C GLY E 51 -1.49 31.17 9.10
N ASP E 52 -2.69 31.75 9.08
CA ASP E 52 -3.88 31.06 9.56
C ASP E 52 -4.56 30.35 8.40
N LEU E 53 -4.79 29.06 8.54
CA LEU E 53 -5.46 28.31 7.50
C LEU E 53 -6.88 28.85 7.31
N PRO E 54 -7.31 29.12 6.08
CA PRO E 54 -8.70 29.54 5.86
C PRO E 54 -9.62 28.33 5.89
N PHE E 55 -10.73 28.45 6.62
CA PHE E 55 -11.67 27.36 6.80
C PHE E 55 -13.00 27.77 6.18
N ALA E 56 -13.39 27.08 5.10
CA ALA E 56 -14.60 27.43 4.38
C ALA E 56 -15.83 27.10 5.21
N ASP E 57 -16.77 28.04 5.26
CA ASP E 57 -18.02 27.85 5.98
C ASP E 57 -18.93 26.95 5.15
N ILE E 58 -19.18 25.75 5.66
CA ILE E 58 -20.15 24.85 5.03
C ILE E 58 -21.51 25.13 5.67
N PRO E 59 -22.41 25.85 4.99
CA PRO E 59 -23.62 26.33 5.67
C PRO E 59 -24.54 25.21 6.13
N ASN E 60 -24.81 24.24 5.26
CA ASN E 60 -25.69 23.12 5.58
C ASN E 60 -24.80 21.88 5.79
N ASP E 61 -24.40 21.66 7.03
CA ASP E 61 -23.56 20.54 7.44
C ASP E 61 -24.40 19.70 8.39
N SER E 62 -25.34 18.94 7.83
CA SER E 62 -26.27 18.18 8.64
C SER E 62 -25.52 17.18 9.53
N PRO E 63 -26.02 16.95 10.74
CA PRO E 63 -25.31 16.09 11.68
C PRO E 63 -25.38 14.62 11.27
N PHE E 64 -24.35 13.87 11.66
CA PHE E 64 -24.34 12.42 11.54
C PHE E 64 -24.83 11.85 12.86
N GLN E 65 -26.05 11.31 12.86
CA GLN E 65 -26.69 10.86 14.09
C GLN E 65 -26.68 11.96 15.14
N ILE E 66 -25.79 11.83 16.12
CA ILE E 66 -25.63 12.84 17.15
C ILE E 66 -24.40 13.72 16.90
N VAL E 67 -23.42 13.23 16.13
CA VAL E 67 -22.23 14.00 15.81
C VAL E 67 -22.61 15.23 15.00
N LYS E 68 -22.18 16.40 15.46
CA LYS E 68 -22.55 17.68 14.86
C LYS E 68 -21.42 18.24 14.00
N ASN E 69 -21.80 18.99 12.98
CA ASN E 69 -20.90 19.65 12.03
C ASN E 69 -19.75 18.72 11.56
N PRO E 70 -20.08 17.50 11.07
CA PRO E 70 -19.00 16.58 10.65
C PRO E 70 -18.24 17.02 9.39
N ARG E 71 -18.94 17.55 8.39
CA ARG E 71 -18.25 17.97 7.18
C ARG E 71 -17.30 19.12 7.45
N SER E 72 -17.68 20.04 8.34
CA SER E 72 -16.82 21.17 8.66
C SER E 72 -15.57 20.71 9.40
N VAL E 73 -15.71 19.76 10.32
CA VAL E 73 -14.56 19.27 11.07
C VAL E 73 -13.65 18.45 10.18
N GLY E 74 -14.22 17.65 9.28
CA GLY E 74 -13.42 16.83 8.40
C GLY E 74 -12.57 17.64 7.43
N LYS E 75 -13.14 18.73 6.90
CA LYS E 75 -12.39 19.57 5.98
C LYS E 75 -11.27 20.32 6.70
N ALA E 76 -11.57 20.89 7.87
CA ALA E 76 -10.56 21.64 8.61
C ALA E 76 -9.35 20.77 8.91
N SER E 77 -9.58 19.54 9.37
CA SER E 77 -8.46 18.63 9.63
C SER E 77 -7.82 18.17 8.32
N GLU E 78 -8.59 18.09 7.24
CA GLU E 78 -8.02 17.74 5.94
C GLU E 78 -7.05 18.81 5.47
N GLN E 79 -7.39 20.09 5.67
CA GLN E 79 -6.46 21.16 5.32
C GLN E 79 -5.24 21.16 6.24
N LEU E 80 -5.46 20.94 7.54
CA LEU E 80 -4.35 20.94 8.48
C LEU E 80 -3.35 19.83 8.17
N ALA E 81 -3.85 18.64 7.82
CA ALA E 81 -2.97 17.54 7.48
C ALA E 81 -2.11 17.87 6.26
N GLY E 82 -2.70 18.50 5.24
CA GLY E 82 -1.92 18.93 4.11
C GLY E 82 -0.91 19.99 4.48
N LYS E 83 -1.28 20.89 5.39
CA LYS E 83 -0.39 21.98 5.78
C LYS E 83 0.70 21.49 6.74
N VAL E 84 0.34 20.63 7.68
CA VAL E 84 1.34 20.11 8.63
C VAL E 84 2.45 19.37 7.87
N ALA E 85 2.07 18.48 6.96
CA ALA E 85 3.05 17.76 6.16
C ALA E 85 3.91 18.71 5.34
N GLU E 86 3.37 19.86 4.96
CA GLU E 86 4.14 20.83 4.18
C GLU E 86 5.29 21.40 5.00
N VAL E 87 5.02 21.80 6.24
CA VAL E 87 6.08 22.34 7.08
C VAL E 87 7.03 21.25 7.56
N LYS E 88 6.59 19.99 7.60
CA LYS E 88 7.48 18.92 8.00
C LYS E 88 8.47 18.58 6.89
N LYS E 89 8.01 18.55 5.64
CA LYS E 89 8.92 18.38 4.52
C LYS E 89 9.85 19.57 4.34
N ASN E 90 9.62 20.67 5.07
CA ASN E 90 10.50 21.83 5.05
C ASN E 90 11.47 21.83 6.22
N GLY E 91 11.51 20.75 7.00
CA GLY E 91 12.48 20.58 8.07
C GLY E 91 12.11 21.21 9.40
N ARG E 92 10.93 21.79 9.53
CA ARG E 92 10.54 22.50 10.74
C ARG E 92 9.66 21.62 11.63
N ILE E 93 9.66 21.96 12.92
CA ILE E 93 8.71 21.38 13.86
C ILE E 93 7.37 22.09 13.69
N SER E 94 6.33 21.33 13.41
CA SER E 94 5.01 21.91 13.24
C SER E 94 4.47 22.39 14.57
N LEU E 95 4.07 23.66 14.63
CA LEU E 95 3.48 24.27 15.82
C LEU E 95 2.06 24.72 15.44
N VAL E 96 1.09 23.83 15.63
CA VAL E 96 -0.30 24.14 15.33
C VAL E 96 -0.87 25.02 16.45
N LEU E 97 -1.22 26.25 16.11
CA LEU E 97 -1.89 27.16 17.02
C LEU E 97 -3.39 27.00 16.80
N GLY E 98 -4.08 26.36 17.73
CA GLY E 98 -5.35 25.75 17.46
C GLY E 98 -6.55 26.41 18.11
N GLY E 99 -7.71 26.01 17.61
CA GLY E 99 -8.96 26.10 18.34
C GLY E 99 -9.20 24.79 19.06
N ASP E 100 -10.28 24.09 18.71
CA ASP E 100 -10.66 22.90 19.43
C ASP E 100 -9.81 21.70 19.00
N HIS E 101 -9.81 20.67 19.85
CA HIS E 101 -8.90 19.53 19.75
C HIS E 101 -9.30 18.53 18.67
N SER E 102 -10.40 18.74 17.94
CA SER E 102 -10.69 17.87 16.80
C SER E 102 -9.61 18.00 15.73
N LEU E 103 -8.93 19.14 15.67
CA LEU E 103 -7.87 19.36 14.70
C LEU E 103 -6.67 18.44 14.92
N ALA E 104 -6.63 17.71 16.04
CA ALA E 104 -5.57 16.74 16.25
C ALA E 104 -5.63 15.60 15.23
N ILE E 105 -6.78 15.41 14.58
CA ILE E 105 -6.87 14.43 13.51
C ILE E 105 -5.96 14.82 12.36
N GLY E 106 -6.06 16.07 11.89
CA GLY E 106 -5.24 16.51 10.77
C GLY E 106 -3.80 16.75 11.15
N SER E 107 -3.56 17.33 12.31
CA SER E 107 -2.20 17.62 12.74
C SER E 107 -1.37 16.34 12.84
N ILE E 108 -1.93 15.30 13.46
CA ILE E 108 -1.20 14.05 13.61
C ILE E 108 -1.13 13.30 12.28
N SER E 109 -2.19 13.37 11.47
CA SER E 109 -2.18 12.69 10.19
C SER E 109 -1.13 13.30 9.25
N GLY E 110 -1.17 14.62 9.09
CA GLY E 110 -0.16 15.28 8.25
C GLY E 110 1.24 15.04 8.78
N HIS E 111 1.40 15.04 10.11
CA HIS E 111 2.68 14.67 10.70
C HIS E 111 3.04 13.23 10.34
N ALA E 112 2.05 12.33 10.31
CA ALA E 112 2.33 10.93 10.06
C ALA E 112 2.75 10.68 8.62
N ARG E 113 2.29 11.51 7.67
CA ARG E 113 2.66 11.29 6.28
C ARG E 113 4.14 11.50 6.04
N VAL E 114 4.78 12.34 6.83
CA VAL E 114 6.21 12.61 6.69
C VAL E 114 7.03 11.74 7.64
N HIS E 115 6.53 11.50 8.85
CA HIS E 115 7.21 10.65 9.84
C HIS E 115 6.23 9.60 10.34
N PRO E 116 6.09 8.49 9.59
CA PRO E 116 5.10 7.46 9.98
C PRO E 116 5.44 6.72 11.26
N ASP E 117 6.64 6.92 11.81
CA ASP E 117 7.08 6.22 13.02
C ASP E 117 6.98 7.09 14.26
N LEU E 118 6.09 8.07 14.25
CA LEU E 118 6.01 9.01 15.37
C LEU E 118 5.35 8.37 16.59
N GLY E 119 5.61 8.97 17.74
CA GLY E 119 4.88 8.69 18.96
C GLY E 119 4.15 9.94 19.40
N VAL E 120 3.05 9.75 20.15
CA VAL E 120 2.16 10.84 20.53
C VAL E 120 2.09 10.92 22.05
N ILE E 121 2.40 12.09 22.59
CA ILE E 121 2.16 12.40 23.99
C ILE E 121 0.95 13.33 24.06
N TRP E 122 -0.12 12.85 24.69
CA TRP E 122 -1.40 13.54 24.75
C TRP E 122 -1.56 14.10 26.16
N VAL E 123 -1.38 15.40 26.31
CA VAL E 123 -1.58 16.09 27.58
C VAL E 123 -2.99 16.67 27.58
N ASP E 124 -3.86 16.12 28.42
CA ASP E 124 -5.26 16.49 28.40
C ASP E 124 -5.91 16.06 29.71
N ALA E 125 -7.03 16.70 30.03
CA ALA E 125 -7.89 16.21 31.10
C ALA E 125 -8.78 15.06 30.63
N HIS E 126 -9.00 14.94 29.33
CA HIS E 126 -9.90 13.95 28.74
C HIS E 126 -9.12 13.06 27.78
N THR E 127 -9.72 11.90 27.47
CA THR E 127 -9.08 10.96 26.55
C THR E 127 -9.36 11.31 25.09
N ASP E 128 -10.50 11.97 24.82
CA ASP E 128 -10.92 12.29 23.46
C ASP E 128 -10.94 11.05 22.56
N ILE E 129 -11.25 9.90 23.15
CA ILE E 129 -11.18 8.62 22.46
C ILE E 129 -12.56 8.04 22.17
N ASN E 130 -13.62 8.83 22.37
CA ASN E 130 -14.95 8.39 21.99
C ASN E 130 -15.01 8.16 20.48
N THR E 131 -15.76 7.14 20.08
CA THR E 131 -16.06 6.90 18.68
C THR E 131 -17.33 7.64 18.31
N PRO E 132 -17.62 7.78 17.00
CA PRO E 132 -18.92 8.37 16.61
C PRO E 132 -20.13 7.61 17.13
N LEU E 133 -19.95 6.42 17.68
CA LEU E 133 -21.07 5.65 18.24
C LEU E 133 -21.13 5.68 19.76
N THR E 134 -20.02 6.00 20.44
CA THR E 134 -20.01 6.04 21.89
C THR E 134 -20.23 7.45 22.45
N THR E 135 -20.10 8.48 21.62
CA THR E 135 -20.19 9.84 22.11
C THR E 135 -21.61 10.15 22.57
N THR E 136 -21.71 10.79 23.74
CA THR E 136 -22.98 11.30 24.22
C THR E 136 -23.14 12.80 23.99
N SER E 137 -22.02 13.51 23.79
CA SER E 137 -22.09 14.93 23.45
C SER E 137 -22.26 15.14 21.95
N GLY E 138 -21.76 14.22 21.13
CA GLY E 138 -21.75 14.44 19.70
C GLY E 138 -20.73 15.45 19.23
N ASN E 139 -19.84 15.89 20.10
CA ASN E 139 -18.82 16.87 19.76
C ASN E 139 -17.54 16.17 19.36
N LEU E 140 -16.94 16.59 18.25
CA LEU E 140 -15.82 15.86 17.68
C LEU E 140 -14.49 16.13 18.37
N HIS E 141 -14.38 17.22 19.14
CA HIS E 141 -13.15 17.46 19.88
C HIS E 141 -12.96 16.45 21.00
N GLY E 142 -13.96 15.62 21.30
CA GLY E 142 -13.84 14.49 22.18
C GLY E 142 -13.72 13.16 21.47
N GLN E 143 -13.46 13.16 20.16
CA GLN E 143 -13.35 11.94 19.36
C GLN E 143 -12.06 11.74 18.58
N PRO E 144 -11.09 12.69 18.54
CA PRO E 144 -10.04 12.57 17.52
C PRO E 144 -9.21 11.29 17.60
N VAL E 145 -8.94 10.78 18.80
CA VAL E 145 -8.09 9.61 18.92
C VAL E 145 -8.74 8.38 18.29
N SER E 146 -10.07 8.30 18.31
CA SER E 146 -10.74 7.14 17.73
C SER E 146 -10.51 7.06 16.23
N PHE E 147 -10.54 8.20 15.54
CA PHE E 147 -10.27 8.23 14.11
C PHE E 147 -8.83 7.90 13.77
N LEU E 148 -7.91 7.96 14.76
CA LEU E 148 -6.48 7.90 14.49
C LEU E 148 -5.84 6.57 14.88
N LEU E 149 -6.53 5.71 15.63
CA LEU E 149 -5.95 4.46 16.08
C LEU E 149 -6.18 3.36 15.04
N LYS E 150 -5.11 2.63 14.71
CA LYS E 150 -5.23 1.51 13.78
C LYS E 150 -6.08 0.40 14.36
N GLU E 151 -5.96 0.16 15.66
CA GLU E 151 -6.70 -0.93 16.30
C GLU E 151 -8.20 -0.69 16.28
N LEU E 152 -8.65 0.56 16.07
CA LEU E 152 -10.06 0.88 16.06
C LEU E 152 -10.68 0.85 14.66
N LYS E 153 -10.01 0.24 13.68
CA LYS E 153 -10.58 0.10 12.35
C LYS E 153 -11.76 -0.87 12.38
N GLY E 154 -12.72 -0.63 11.49
CA GLY E 154 -13.96 -1.36 11.48
C GLY E 154 -14.94 -0.92 12.55
N LYS E 155 -14.52 -0.06 13.50
CA LYS E 155 -15.40 0.48 14.52
C LYS E 155 -15.86 1.90 14.23
N ILE E 156 -15.22 2.60 13.31
CA ILE E 156 -15.53 3.99 13.00
C ILE E 156 -16.46 4.01 11.79
N PRO E 157 -17.73 4.40 11.95
CA PRO E 157 -18.61 4.51 10.78
C PRO E 157 -18.14 5.60 9.83
N ASP E 158 -18.64 5.55 8.60
CA ASP E 158 -18.28 6.50 7.56
C ASP E 158 -18.94 7.84 7.89
N VAL E 159 -18.17 8.75 8.49
CA VAL E 159 -18.67 10.07 8.85
C VAL E 159 -18.40 11.01 7.68
N PRO E 160 -19.37 11.81 7.24
CA PRO E 160 -19.15 12.70 6.08
C PRO E 160 -18.07 13.73 6.35
N GLY E 161 -17.02 13.68 5.53
CA GLY E 161 -15.88 14.56 5.65
C GLY E 161 -14.63 13.91 6.20
N PHE E 162 -14.72 12.68 6.70
CA PHE E 162 -13.60 11.97 7.29
C PHE E 162 -13.17 10.77 6.47
N SER E 163 -13.41 10.81 5.15
CA SER E 163 -13.02 9.71 4.28
C SER E 163 -11.52 9.68 4.04
N TRP E 164 -10.87 10.84 3.98
CA TRP E 164 -9.43 10.94 3.83
C TRP E 164 -8.67 10.40 5.03
N VAL E 165 -9.34 10.17 6.16
CA VAL E 165 -8.67 9.81 7.40
C VAL E 165 -8.30 8.34 7.34
N THR E 166 -6.99 8.07 7.26
CA THR E 166 -6.46 6.71 7.40
C THR E 166 -5.73 6.62 8.73
N PRO E 167 -6.10 5.69 9.60
CA PRO E 167 -5.42 5.60 10.92
C PRO E 167 -3.93 5.42 10.76
N CYS E 168 -3.17 6.12 11.61
CA CYS E 168 -1.74 6.21 11.44
C CYS E 168 -0.93 5.90 12.70
N ILE E 169 -1.57 5.64 13.83
CA ILE E 169 -0.86 5.28 15.06
C ILE E 169 -1.55 4.09 15.71
N SER E 170 -0.75 3.27 16.38
CA SER E 170 -1.25 2.13 17.14
C SER E 170 -1.37 2.49 18.61
N ALA E 171 -2.10 1.66 19.35
CA ALA E 171 -2.35 1.92 20.76
C ALA E 171 -1.05 1.96 21.56
N LYS E 172 -0.02 1.26 21.10
CA LYS E 172 1.25 1.22 21.81
C LYS E 172 2.08 2.47 21.61
N ASP E 173 1.67 3.38 20.73
CA ASP E 173 2.47 4.56 20.39
C ASP E 173 1.81 5.86 20.87
N ILE E 174 1.01 5.79 21.93
CA ILE E 174 0.36 6.96 22.50
C ILE E 174 0.38 6.83 24.03
N VAL E 175 0.67 7.94 24.71
CA VAL E 175 0.68 7.99 26.17
C VAL E 175 -0.14 9.19 26.61
N TYR E 176 -1.02 8.97 27.58
CA TYR E 176 -1.86 10.03 28.15
C TYR E 176 -1.24 10.53 29.45
N ILE E 177 -1.30 11.84 29.66
CA ILE E 177 -0.87 12.47 30.91
C ILE E 177 -1.92 13.48 31.33
N GLY E 178 -2.50 13.28 32.51
CA GLY E 178 -3.38 14.25 33.12
C GLY E 178 -4.86 13.91 33.12
N LEU E 179 -5.24 12.68 32.80
CA LEU E 179 -6.65 12.32 32.70
C LEU E 179 -7.33 12.42 34.07
N ARG E 180 -8.52 13.05 34.07
CA ARG E 180 -9.35 13.03 35.28
C ARG E 180 -10.84 13.14 34.94
N ASP E 181 -11.22 13.07 33.66
CA ASP E 181 -12.62 13.15 33.25
C ASP E 181 -12.80 12.24 32.05
N VAL E 182 -13.09 10.97 32.32
CA VAL E 182 -13.15 9.93 31.30
C VAL E 182 -14.57 9.38 31.23
N ASP E 183 -15.13 9.34 30.02
CA ASP E 183 -16.44 8.74 29.82
C ASP E 183 -16.37 7.23 30.00
N PRO E 184 -17.49 6.58 30.32
CA PRO E 184 -17.47 5.12 30.49
C PRO E 184 -17.03 4.36 29.26
N GLY E 185 -17.55 4.71 28.09
CA GLY E 185 -17.08 4.09 26.86
C GLY E 185 -15.60 4.34 26.63
N GLU E 186 -15.12 5.54 26.97
CA GLU E 186 -13.71 5.85 26.82
C GLU E 186 -12.86 4.97 27.73
N HIS E 187 -13.28 4.80 28.98
CA HIS E 187 -12.55 3.93 29.90
C HIS E 187 -12.51 2.49 29.40
N TYR E 188 -13.58 2.04 28.74
CA TYR E 188 -13.59 0.70 28.18
C TYR E 188 -12.55 0.55 27.08
N ILE E 189 -12.53 1.50 26.13
CA ILE E 189 -11.53 1.47 25.07
C ILE E 189 -10.13 1.53 25.65
N LEU E 190 -9.93 2.41 26.62
CA LEU E 190 -8.61 2.59 27.24
C LEU E 190 -8.04 1.27 27.74
N LYS E 191 -8.82 0.54 28.53
CA LYS E 191 -8.32 -0.70 29.13
C LYS E 191 -8.34 -1.87 28.17
N THR E 192 -9.24 -1.86 27.18
CA THR E 192 -9.31 -2.96 26.23
C THR E 192 -8.12 -2.91 25.26
N LEU E 193 -7.73 -1.70 24.82
CA LEU E 193 -6.57 -1.56 23.96
C LEU E 193 -5.25 -1.64 24.71
N GLY E 194 -5.28 -1.58 26.05
CA GLY E 194 -4.06 -1.55 26.82
C GLY E 194 -3.26 -0.28 26.62
N ILE E 195 -3.94 0.85 26.48
CA ILE E 195 -3.26 2.11 26.18
C ILE E 195 -2.55 2.62 27.43
N LYS E 196 -1.28 3.00 27.26
CA LYS E 196 -0.50 3.54 28.36
C LYS E 196 -1.01 4.93 28.74
N TYR E 197 -1.40 5.09 30.00
CA TYR E 197 -1.93 6.37 30.46
C TYR E 197 -1.40 6.67 31.86
N PHE E 198 -1.33 7.96 32.17
CA PHE E 198 -0.94 8.46 33.49
C PHE E 198 -2.02 9.44 33.91
N SER E 199 -3.08 8.93 34.54
CA SER E 199 -4.12 9.81 35.07
C SER E 199 -3.56 10.62 36.24
N MET E 200 -4.39 11.53 36.76
CA MET E 200 -3.94 12.32 37.90
C MET E 200 -3.68 11.46 39.12
N THR E 201 -4.35 10.30 39.20
CA THR E 201 -4.01 9.33 40.21
C THR E 201 -2.55 8.90 40.08
N GLU E 202 -2.11 8.63 38.85
CA GLU E 202 -0.73 8.21 38.63
C GLU E 202 0.25 9.35 38.93
N VAL E 203 -0.06 10.56 38.47
CA VAL E 203 0.82 11.70 38.72
C VAL E 203 0.98 11.94 40.21
N ASP E 204 -0.12 11.86 40.95
CA ASP E 204 -0.05 11.93 42.41
C ASP E 204 0.83 10.81 42.96
N ARG E 205 0.64 9.60 42.46
CA ARG E 205 1.31 8.43 43.01
C ARG E 205 2.81 8.48 42.73
N LEU E 206 3.20 8.77 41.48
CA LEU E 206 4.59 8.71 41.08
C LEU E 206 5.30 10.05 41.07
N GLY E 207 4.57 11.16 41.03
CA GLY E 207 5.20 12.44 40.80
C GLY E 207 5.48 12.64 39.33
N ILE E 208 5.48 13.89 38.86
CA ILE E 208 5.69 14.16 37.44
C ILE E 208 7.08 13.72 36.99
N GLY E 209 8.01 13.54 37.92
CA GLY E 209 9.33 13.07 37.60
C GLY E 209 9.32 11.68 36.99
N LYS E 210 8.87 10.69 37.77
CA LYS E 210 8.78 9.33 37.26
C LYS E 210 7.81 9.22 36.09
N VAL E 211 6.75 10.03 36.09
CA VAL E 211 5.79 10.02 35.00
C VAL E 211 6.48 10.28 33.67
N MET E 212 7.29 11.34 33.63
CA MET E 212 8.05 11.65 32.42
C MET E 212 9.08 10.57 32.11
N GLU E 213 9.75 10.06 33.15
CA GLU E 213 10.74 9.00 32.94
C GLU E 213 10.09 7.76 32.32
N GLU E 214 8.94 7.34 32.87
CA GLU E 214 8.24 6.19 32.32
C GLU E 214 7.66 6.49 30.95
N THR E 215 7.14 7.71 30.76
CA THR E 215 6.51 8.07 29.49
C THR E 215 7.52 8.00 28.35
N LEU E 216 8.70 8.62 28.53
CA LEU E 216 9.65 8.72 27.44
C LEU E 216 10.29 7.38 27.12
N SER E 217 10.63 6.60 28.15
CA SER E 217 11.22 5.29 27.91
C SER E 217 10.22 4.34 27.24
N TYR E 218 8.95 4.42 27.65
CA TYR E 218 7.92 3.61 26.99
C TYR E 218 7.82 3.95 25.51
N LEU E 219 8.05 5.21 25.16
CA LEU E 219 7.91 5.66 23.77
C LEU E 219 9.23 5.60 23.01
N LEU E 220 10.35 5.90 23.68
CA LEU E 220 11.67 5.95 23.05
C LEU E 220 12.57 4.82 23.53
N GLY E 221 11.98 3.68 23.88
CA GLY E 221 12.76 2.54 24.34
C GLY E 221 13.31 1.70 23.21
N ARG E 222 12.43 1.22 22.33
CA ARG E 222 12.86 0.42 21.20
C ARG E 222 13.77 1.22 20.28
N LYS E 223 13.28 2.36 19.79
CA LYS E 223 14.06 3.23 18.92
C LYS E 223 13.75 4.68 19.25
N LYS E 224 14.61 5.57 18.79
CA LYS E 224 14.38 7.01 18.90
C LYS E 224 13.53 7.46 17.71
N ARG E 225 12.41 8.09 18.00
CA ARG E 225 11.42 8.40 16.97
C ARG E 225 10.84 9.79 17.25
N PRO E 226 10.27 10.44 16.23
CA PRO E 226 9.69 11.78 16.44
C PRO E 226 8.53 11.74 17.43
N ILE E 227 8.38 12.84 18.16
CA ILE E 227 7.36 12.99 19.18
C ILE E 227 6.38 14.07 18.75
N HIS E 228 5.08 13.76 18.82
CA HIS E 228 4.02 14.73 18.60
C HIS E 228 3.31 14.96 19.95
N LEU E 229 3.43 16.18 20.48
CA LEU E 229 2.80 16.54 21.73
C LEU E 229 1.51 17.31 21.41
N SER E 230 0.37 16.72 21.74
CA SER E 230 -0.93 17.38 21.61
C SER E 230 -1.33 17.86 22.99
N PHE E 231 -1.20 19.16 23.22
CA PHE E 231 -1.41 19.77 24.53
C PHE E 231 -2.77 20.44 24.55
N ASP E 232 -3.70 19.86 25.29
CA ASP E 232 -4.99 20.49 25.57
C ASP E 232 -4.86 21.31 26.84
N VAL E 233 -5.10 22.62 26.72
CA VAL E 233 -4.83 23.55 27.81
C VAL E 233 -5.57 23.18 29.08
N ASP E 234 -6.69 22.47 28.96
CA ASP E 234 -7.40 22.05 30.17
C ASP E 234 -6.75 20.85 30.85
N GLY E 235 -5.64 20.34 30.30
CA GLY E 235 -4.85 19.37 31.03
C GLY E 235 -4.27 19.95 32.30
N LEU E 236 -4.04 21.26 32.32
CA LEU E 236 -3.62 21.96 33.53
C LEU E 236 -4.85 22.43 34.29
N ASP E 237 -4.68 22.54 35.61
CA ASP E 237 -5.72 22.97 36.54
C ASP E 237 -6.34 24.29 36.08
N PRO E 238 -7.64 24.51 36.32
CA PRO E 238 -8.27 25.77 35.90
C PRO E 238 -7.70 27.00 36.57
N SER E 239 -6.91 26.85 37.65
CA SER E 239 -6.31 28.02 38.29
C SER E 239 -5.22 28.66 37.44
N PHE E 240 -4.76 27.98 36.39
CA PHE E 240 -3.80 28.55 35.45
C PHE E 240 -4.38 28.71 34.04
N THR E 241 -5.31 27.86 33.64
CA THR E 241 -5.96 27.94 32.33
C THR E 241 -7.47 27.91 32.51
N PRO E 242 -8.05 28.97 33.08
CA PRO E 242 -9.51 28.97 33.27
C PRO E 242 -10.29 29.16 31.99
N ALA E 243 -9.75 29.91 31.03
CA ALA E 243 -10.48 30.27 29.81
C ALA E 243 -10.38 29.12 28.80
N THR E 244 -11.18 28.08 29.05
CA THR E 244 -11.21 26.92 28.16
C THR E 244 -12.60 26.29 28.24
N GLY E 245 -12.88 25.41 27.26
CA GLY E 245 -14.22 24.89 27.11
C GLY E 245 -14.67 24.04 28.28
N THR E 246 -13.87 23.05 28.67
CA THR E 246 -14.24 22.06 29.67
C THR E 246 -13.17 22.00 30.75
N PRO E 247 -13.22 22.89 31.73
CA PRO E 247 -12.26 22.84 32.83
C PRO E 247 -12.66 21.83 33.89
N VAL E 248 -11.66 21.11 34.40
CA VAL E 248 -11.84 20.14 35.48
C VAL E 248 -10.82 20.46 36.56
N VAL E 249 -11.29 20.54 37.81
CA VAL E 249 -10.42 20.87 38.94
C VAL E 249 -9.49 19.69 39.23
N GLY E 250 -8.45 19.94 40.03
CA GLY E 250 -7.49 18.89 40.35
C GLY E 250 -6.51 18.59 39.24
N GLY E 251 -6.15 19.58 38.42
CA GLY E 251 -5.31 19.36 37.26
C GLY E 251 -3.83 19.44 37.56
N LEU E 252 -3.03 19.31 36.50
CA LEU E 252 -1.60 19.47 36.62
C LEU E 252 -1.25 20.90 36.99
N THR E 253 -0.23 21.05 37.83
CA THR E 253 0.20 22.37 38.25
C THR E 253 0.95 23.08 37.12
N TYR E 254 1.13 24.39 37.29
CA TYR E 254 1.96 25.16 36.38
C TYR E 254 3.36 24.56 36.27
N ARG E 255 3.94 24.18 37.40
CA ARG E 255 5.27 23.58 37.41
C ARG E 255 5.28 22.27 36.65
N GLU E 256 4.26 21.42 36.86
CA GLU E 256 4.20 20.13 36.18
C GLU E 256 4.06 20.31 34.67
N GLY E 257 3.28 21.29 34.23
CA GLY E 257 3.16 21.54 32.81
C GLY E 257 4.47 21.96 32.18
N LEU E 258 5.24 22.80 32.88
CA LEU E 258 6.54 23.18 32.37
C LEU E 258 7.51 22.01 32.38
N TYR E 259 7.45 21.18 33.43
CA TYR E 259 8.37 20.05 33.52
C TYR E 259 8.11 19.03 32.43
N ILE E 260 6.85 18.84 32.05
CA ILE E 260 6.54 17.94 30.94
C ILE E 260 7.18 18.45 29.67
N THR E 261 6.99 19.74 29.37
CA THR E 261 7.51 20.30 28.13
C THR E 261 9.02 20.45 28.17
N GLU E 262 9.57 20.81 29.34
CA GLU E 262 11.03 20.88 29.47
C GLU E 262 11.67 19.54 29.19
N GLU E 263 11.13 18.47 29.77
CA GLU E 263 11.71 17.15 29.58
C GLU E 263 11.54 16.64 28.15
N ILE E 264 10.48 17.08 27.47
CA ILE E 264 10.29 16.66 26.08
C ILE E 264 11.26 17.38 25.15
N TYR E 265 11.55 18.66 25.43
CA TYR E 265 12.53 19.38 24.63
C TYR E 265 13.90 18.72 24.72
N LYS E 266 14.30 18.33 25.94
CA LYS E 266 15.63 17.78 26.15
C LYS E 266 15.86 16.47 25.43
N THR E 267 14.78 15.75 25.07
CA THR E 267 14.94 14.58 24.21
C THR E 267 15.42 14.95 22.82
N GLY E 268 15.25 16.21 22.41
CA GLY E 268 15.60 16.64 21.08
C GLY E 268 14.76 16.06 19.98
N LEU E 269 13.75 15.25 20.29
CA LEU E 269 12.98 14.54 19.29
C LEU E 269 11.59 15.13 19.07
N LEU E 270 11.30 16.30 19.62
CA LEU E 270 10.02 16.95 19.36
C LEU E 270 9.88 17.23 17.87
N SER E 271 8.75 16.84 17.30
CA SER E 271 8.50 17.02 15.88
C SER E 271 7.17 17.69 15.57
N GLY E 272 6.20 17.64 16.47
CA GLY E 272 4.93 18.31 16.25
C GLY E 272 4.35 18.75 17.59
N LEU E 273 3.62 19.86 17.56
CA LEU E 273 3.08 20.43 18.78
C LEU E 273 1.70 21.01 18.51
N ASP E 274 0.74 20.70 19.38
CA ASP E 274 -0.61 21.24 19.33
C ASP E 274 -0.90 21.96 20.63
N ILE E 275 -1.24 23.24 20.55
CA ILE E 275 -1.69 24.02 21.71
C ILE E 275 -3.16 24.34 21.50
N MET E 276 -4.04 23.53 22.06
CA MET E 276 -5.46 23.54 21.71
C MET E 276 -6.32 23.99 22.88
N GLU E 277 -7.55 24.38 22.52
CA GLU E 277 -8.67 24.63 23.44
C GLU E 277 -8.50 25.91 24.26
N VAL E 278 -7.65 26.84 23.81
CA VAL E 278 -7.62 28.16 24.42
C VAL E 278 -8.79 28.96 23.88
N ASN E 279 -9.69 29.36 24.78
CA ASN E 279 -10.89 30.10 24.40
C ASN E 279 -10.90 31.45 25.11
N PRO E 280 -10.55 32.55 24.44
CA PRO E 280 -10.54 33.85 25.10
C PRO E 280 -11.92 34.42 25.41
N SER E 281 -12.99 33.70 25.08
CA SER E 281 -14.33 34.15 25.43
C SER E 281 -14.77 33.68 26.81
N LEU E 282 -14.29 32.53 27.25
CA LEU E 282 -14.73 31.91 28.49
C LEU E 282 -13.97 32.42 29.72
N GLY E 283 -13.22 33.51 29.59
CA GLY E 283 -12.63 34.13 30.76
C GLY E 283 -13.63 34.96 31.53
N LYS E 284 -13.79 34.66 32.82
CA LYS E 284 -14.74 35.42 33.63
C LYS E 284 -14.30 36.85 33.82
N THR E 285 -13.00 37.11 33.72
CA THR E 285 -12.41 38.44 33.79
C THR E 285 -11.39 38.55 32.67
N PRO E 286 -10.91 39.76 32.36
CA PRO E 286 -9.80 39.88 31.41
C PRO E 286 -8.53 39.21 31.88
N GLU E 287 -8.32 39.13 33.20
CA GLU E 287 -7.13 38.46 33.72
C GLU E 287 -7.18 36.96 33.47
N GLU E 288 -8.37 36.37 33.55
CA GLU E 288 -8.51 34.93 33.34
C GLU E 288 -8.09 34.54 31.92
N VAL E 289 -8.37 35.39 30.94
CA VAL E 289 -7.89 35.15 29.59
C VAL E 289 -6.39 35.41 29.51
N THR E 290 -5.94 36.54 30.06
CA THR E 290 -4.52 36.85 30.07
C THR E 290 -3.72 35.75 30.78
N ARG E 291 -4.26 35.22 31.87
CA ARG E 291 -3.57 34.15 32.58
C ARG E 291 -3.52 32.87 31.75
N THR E 292 -4.62 32.54 31.08
CA THR E 292 -4.65 31.35 30.23
C THR E 292 -3.64 31.47 29.10
N VAL E 293 -3.67 32.59 28.38
CA VAL E 293 -2.80 32.78 27.23
C VAL E 293 -1.34 32.79 27.67
N ASN E 294 -1.03 33.56 28.72
CA ASN E 294 0.35 33.61 29.22
C ASN E 294 0.84 32.23 29.64
N THR E 295 -0.07 31.35 30.07
CA THR E 295 0.33 30.00 30.45
C THR E 295 0.59 29.13 29.24
N ALA E 296 -0.27 29.19 28.23
CA ALA E 296 -0.05 28.43 27.01
C ALA E 296 1.22 28.88 26.30
N VAL E 297 1.54 30.17 26.37
CA VAL E 297 2.78 30.68 25.77
C VAL E 297 3.99 30.10 26.49
N ALA E 298 4.00 30.18 27.82
CA ALA E 298 5.12 29.66 28.60
C ALA E 298 5.30 28.17 28.37
N ILE E 299 4.19 27.43 28.26
CA ILE E 299 4.26 26.01 27.92
C ILE E 299 5.00 25.83 26.59
N THR E 300 4.60 26.60 25.58
CA THR E 300 5.19 26.45 24.25
C THR E 300 6.66 26.83 24.24
N LEU E 301 7.04 27.90 24.95
CA LEU E 301 8.43 28.32 24.97
C LEU E 301 9.32 27.24 25.57
N ALA E 302 8.86 26.57 26.62
CA ALA E 302 9.61 25.47 27.21
C ALA E 302 9.72 24.28 26.27
N CYS E 303 8.78 24.14 25.33
CA CYS E 303 8.90 23.09 24.32
C CYS E 303 10.08 23.31 23.39
N PHE E 304 10.67 24.52 23.38
CA PHE E 304 11.68 24.86 22.41
C PHE E 304 12.92 25.45 23.06
N GLY E 305 13.22 25.06 24.29
CA GLY E 305 14.51 25.32 24.93
C GLY E 305 14.42 26.09 26.23
N LEU E 306 13.41 26.93 26.39
CA LEU E 306 13.33 27.79 27.57
C LEU E 306 13.29 26.95 28.84
N ALA E 307 14.35 27.06 29.65
CA ALA E 307 14.50 26.27 30.86
C ALA E 307 14.43 27.16 32.09
N ARG E 308 13.85 26.64 33.16
CA ARG E 308 13.73 27.41 34.39
C ARG E 308 15.06 27.61 35.09
N GLU E 309 16.04 26.73 34.85
CA GLU E 309 17.36 26.92 35.44
C GLU E 309 18.15 28.01 34.74
N GLY E 310 17.67 28.52 33.61
CA GLY E 310 18.34 29.54 32.86
C GLY E 310 18.84 29.03 31.51
N ASN E 311 19.09 29.98 30.61
CA ASN E 311 19.64 29.69 29.29
C ASN E 311 20.77 30.67 29.01
N HIS E 312 21.68 30.28 28.12
CA HIS E 312 22.77 31.16 27.74
C HIS E 312 23.30 30.76 26.38
N LYS E 313 23.74 31.77 25.62
CA LYS E 313 24.29 31.56 24.29
C LYS E 313 25.70 30.97 24.39
N PRO E 314 26.20 30.34 23.31
CA PRO E 314 27.54 29.73 23.36
C PRO E 314 28.66 30.76 23.27
N ILE E 315 28.72 31.64 24.28
CA ILE E 315 29.79 32.62 24.40
C ILE E 315 30.24 32.67 25.86
N ASP E 316 31.34 33.37 26.10
CA ASP E 316 31.88 33.61 27.43
C ASP E 316 31.35 34.95 27.92
N TYR E 317 30.42 34.91 28.88
CA TYR E 317 29.80 36.12 29.40
C TYR E 317 30.72 36.89 30.35
N LEU E 318 31.91 36.37 30.63
CA LEU E 318 32.92 37.12 31.40
C LEU E 318 34.02 37.66 30.52
N ASN E 319 34.10 37.23 29.26
CA ASN E 319 35.11 37.71 28.31
C ASN E 319 36.53 37.56 28.86
N ALA F 3 -22.61 10.84 -5.02
CA ALA F 3 -23.53 9.78 -5.41
C ALA F 3 -22.92 8.41 -5.10
N LYS F 4 -23.76 7.37 -5.16
CA LYS F 4 -23.26 6.00 -5.02
C LYS F 4 -22.32 5.63 -6.16
N SER F 5 -22.43 6.29 -7.30
CA SER F 5 -21.57 6.03 -8.44
C SER F 5 -20.17 6.61 -8.28
N ARG F 6 -19.97 7.51 -7.32
CA ARG F 6 -18.66 8.13 -7.09
C ARG F 6 -18.18 7.92 -5.66
N THR F 7 -18.69 6.92 -4.96
CA THR F 7 -18.25 6.56 -3.61
C THR F 7 -17.41 5.30 -3.70
N ILE F 8 -16.14 5.39 -3.31
CA ILE F 8 -15.14 4.38 -3.65
C ILE F 8 -14.43 3.89 -2.39
N GLY F 9 -14.12 2.60 -2.37
CA GLY F 9 -13.21 2.03 -1.39
C GLY F 9 -12.04 1.38 -2.09
N ILE F 10 -10.84 1.93 -1.91
CA ILE F 10 -9.67 1.52 -2.68
C ILE F 10 -8.95 0.40 -1.94
N ILE F 11 -8.64 -0.68 -2.66
CA ILE F 11 -7.91 -1.81 -2.12
C ILE F 11 -6.68 -2.02 -2.99
N GLY F 12 -5.50 -1.95 -2.38
CA GLY F 12 -4.27 -2.28 -3.09
C GLY F 12 -3.95 -3.75 -2.98
N ALA F 13 -3.78 -4.42 -4.13
CA ALA F 13 -3.43 -5.84 -4.16
C ALA F 13 -2.11 -6.00 -4.90
N PRO F 14 -0.98 -5.86 -4.22
CA PRO F 14 0.34 -6.00 -4.86
C PRO F 14 0.80 -7.46 -4.93
N PHE F 15 0.23 -8.19 -5.88
CA PHE F 15 0.49 -9.61 -6.03
C PHE F 15 1.07 -9.89 -7.42
N SER F 16 1.95 -10.89 -7.50
CA SER F 16 2.64 -11.20 -8.74
C SER F 16 2.83 -12.68 -9.03
N LYS F 17 2.61 -13.57 -8.06
CA LYS F 17 2.85 -15.00 -8.27
C LYS F 17 1.81 -15.67 -9.18
N GLY F 18 0.97 -14.92 -9.89
CA GLY F 18 0.11 -15.50 -10.91
C GLY F 18 0.73 -15.55 -12.28
N GLN F 19 1.91 -14.97 -12.44
CA GLN F 19 2.61 -14.89 -13.71
C GLN F 19 4.11 -14.86 -13.44
N PRO F 20 4.95 -15.22 -14.40
CA PRO F 20 6.39 -15.35 -14.13
C PRO F 20 7.16 -14.03 -14.21
N ARG F 21 6.58 -12.97 -14.75
CA ARG F 21 7.29 -11.70 -14.95
C ARG F 21 7.13 -10.84 -13.70
N GLY F 22 8.14 -10.84 -12.84
CA GLY F 22 8.07 -10.05 -11.62
C GLY F 22 8.05 -8.57 -11.92
N GLY F 23 7.27 -7.83 -11.11
CA GLY F 23 7.18 -6.40 -11.28
C GLY F 23 5.76 -5.88 -11.25
N VAL F 24 4.79 -6.75 -11.52
CA VAL F 24 3.38 -6.34 -11.50
C VAL F 24 2.90 -6.02 -10.10
N GLU F 25 3.68 -6.37 -9.07
CA GLU F 25 3.32 -6.02 -7.70
C GLU F 25 3.51 -4.54 -7.41
N GLU F 26 4.24 -3.82 -8.25
CA GLU F 26 4.41 -2.38 -8.08
C GLU F 26 3.25 -1.58 -8.64
N GLY F 27 2.30 -2.24 -9.30
CA GLY F 27 1.12 -1.60 -9.84
C GLY F 27 0.45 -0.63 -8.91
N PRO F 28 0.06 -1.09 -7.71
CA PRO F 28 -0.60 -0.17 -6.76
C PRO F 28 0.25 1.06 -6.43
N THR F 29 1.56 0.89 -6.27
CA THR F 29 2.40 2.00 -5.85
C THR F 29 2.52 3.06 -6.94
N VAL F 30 2.70 2.64 -8.20
CA VAL F 30 2.85 3.61 -9.27
C VAL F 30 1.52 4.28 -9.57
N LEU F 31 0.42 3.53 -9.51
CA LEU F 31 -0.91 4.12 -9.70
C LEU F 31 -1.18 5.17 -8.62
N ARG F 32 -0.86 4.85 -7.37
CA ARG F 32 -1.01 5.82 -6.28
C ARG F 32 -0.11 7.03 -6.50
N LYS F 33 1.18 6.77 -6.81
CA LYS F 33 2.14 7.85 -7.01
C LYS F 33 1.71 8.78 -8.14
N ALA F 34 0.89 8.30 -9.07
CA ALA F 34 0.44 9.13 -10.18
C ALA F 34 -0.66 10.11 -9.78
N GLY F 35 -1.19 10.01 -8.57
CA GLY F 35 -2.27 10.89 -8.14
C GLY F 35 -3.65 10.37 -8.40
N LEU F 36 -3.82 9.04 -8.48
CA LEU F 36 -5.14 8.46 -8.71
C LEU F 36 -6.14 8.93 -7.65
N LEU F 37 -5.74 8.86 -6.38
CA LEU F 37 -6.65 9.22 -5.29
C LEU F 37 -7.04 10.69 -5.38
N GLU F 38 -6.04 11.56 -5.55
CA GLU F 38 -6.31 13.00 -5.60
C GLU F 38 -7.17 13.37 -6.80
N LYS F 39 -6.88 12.78 -7.97
CA LYS F 39 -7.70 13.07 -9.15
C LYS F 39 -9.12 12.57 -8.98
N LEU F 40 -9.31 11.46 -8.26
CA LEU F 40 -10.66 10.99 -7.97
C LEU F 40 -11.39 11.98 -7.07
N LYS F 41 -10.73 12.43 -6.00
CA LYS F 41 -11.33 13.43 -5.12
C LYS F 41 -11.58 14.74 -5.85
N GLU F 42 -10.79 15.04 -6.88
CA GLU F 42 -11.06 16.23 -7.69
C GLU F 42 -12.39 16.11 -8.44
N GLN F 43 -12.80 14.87 -8.75
CA GLN F 43 -14.06 14.61 -9.43
C GLN F 43 -15.23 14.47 -8.46
N GLU F 44 -15.13 15.07 -7.27
CA GLU F 44 -16.18 15.01 -6.25
C GLU F 44 -16.44 13.58 -5.78
N CYS F 45 -15.43 12.71 -5.87
CA CYS F 45 -15.59 11.34 -5.43
C CYS F 45 -15.39 11.21 -3.92
N ASP F 46 -16.10 10.27 -3.33
CA ASP F 46 -15.93 9.90 -1.93
C ASP F 46 -14.91 8.77 -1.88
N VAL F 47 -13.66 9.12 -1.61
CA VAL F 47 -12.54 8.18 -1.67
C VAL F 47 -12.09 7.84 -0.26
N LYS F 48 -12.11 6.54 0.06
CA LYS F 48 -11.62 6.04 1.34
C LYS F 48 -10.66 4.90 1.05
N ASP F 49 -9.43 5.02 1.55
CA ASP F 49 -8.36 4.09 1.24
C ASP F 49 -8.27 3.01 2.31
N TYR F 50 -8.30 1.75 1.88
CA TYR F 50 -8.14 0.61 2.77
C TYR F 50 -6.72 0.05 2.77
N GLY F 51 -5.80 0.68 2.04
CA GLY F 51 -4.42 0.26 2.03
C GLY F 51 -4.13 -0.85 1.05
N ASP F 52 -2.93 -1.41 1.19
CA ASP F 52 -2.52 -2.57 0.43
C ASP F 52 -2.59 -3.82 1.31
N LEU F 53 -3.14 -4.89 0.75
CA LEU F 53 -3.27 -6.13 1.50
C LEU F 53 -1.89 -6.73 1.78
N PRO F 54 -1.57 -7.04 3.03
CA PRO F 54 -0.30 -7.74 3.31
C PRO F 54 -0.39 -9.19 2.84
N PHE F 55 0.48 -9.54 1.90
CA PHE F 55 0.51 -10.88 1.32
C PHE F 55 1.75 -11.60 1.83
N ALA F 56 1.55 -12.55 2.73
CA ALA F 56 2.67 -13.36 3.21
C ALA F 56 3.08 -14.35 2.13
N ASP F 57 4.39 -14.50 1.96
CA ASP F 57 4.92 -15.47 1.02
C ASP F 57 4.67 -16.89 1.53
N ILE F 58 4.82 -17.86 0.63
CA ILE F 58 4.75 -19.27 1.00
C ILE F 58 6.01 -19.95 0.46
N PRO F 59 7.03 -20.14 1.30
CA PRO F 59 8.31 -20.65 0.80
C PRO F 59 8.27 -22.10 0.35
N ASN F 60 7.23 -22.86 0.67
CA ASN F 60 7.08 -24.25 0.25
C ASN F 60 5.95 -24.39 -0.75
N ASP F 61 5.87 -23.46 -1.71
CA ASP F 61 4.76 -23.45 -2.67
C ASP F 61 5.11 -24.30 -3.89
N SER F 62 5.21 -25.62 -3.65
CA SER F 62 5.44 -26.58 -4.72
C SER F 62 4.24 -26.55 -5.67
N PRO F 63 4.41 -26.97 -6.93
CA PRO F 63 3.30 -26.80 -7.90
C PRO F 63 2.18 -27.80 -7.71
N PHE F 64 1.16 -27.69 -8.55
CA PHE F 64 0.13 -28.71 -8.68
C PHE F 64 0.03 -29.02 -10.18
N GLN F 65 0.57 -30.18 -10.57
CA GLN F 65 0.71 -30.55 -11.98
C GLN F 65 1.55 -29.48 -12.67
N ILE F 66 1.02 -28.74 -13.65
CA ILE F 66 1.78 -27.67 -14.29
C ILE F 66 1.50 -26.31 -13.67
N VAL F 67 0.44 -26.17 -12.88
CA VAL F 67 0.09 -24.90 -12.28
C VAL F 67 1.13 -24.51 -11.24
N LYS F 68 1.51 -23.23 -11.22
CA LYS F 68 2.58 -22.73 -10.37
C LYS F 68 2.03 -21.88 -9.23
N ASN F 69 2.79 -21.85 -8.14
CA ASN F 69 2.51 -21.06 -6.94
C ASN F 69 1.03 -21.08 -6.57
N PRO F 70 0.43 -22.27 -6.40
CA PRO F 70 -1.03 -22.31 -6.18
C PRO F 70 -1.45 -21.74 -4.83
N ARG F 71 -0.75 -22.11 -3.76
CA ARG F 71 -1.16 -21.66 -2.43
C ARG F 71 -1.02 -20.16 -2.26
N SER F 72 -0.01 -19.55 -2.90
CA SER F 72 0.16 -18.10 -2.81
C SER F 72 -1.01 -17.37 -3.44
N VAL F 73 -1.43 -17.82 -4.63
CA VAL F 73 -2.51 -17.14 -5.34
C VAL F 73 -3.82 -17.26 -4.59
N GLY F 74 -4.14 -18.47 -4.11
CA GLY F 74 -5.41 -18.68 -3.44
C GLY F 74 -5.52 -17.90 -2.14
N LYS F 75 -4.47 -17.93 -1.33
CA LYS F 75 -4.46 -17.16 -0.09
C LYS F 75 -4.51 -15.66 -0.38
N ALA F 76 -3.87 -15.24 -1.46
CA ALA F 76 -3.91 -13.82 -1.84
C ALA F 76 -5.32 -13.41 -2.24
N SER F 77 -5.99 -14.23 -3.05
CA SER F 77 -7.35 -13.91 -3.46
C SER F 77 -8.34 -14.03 -2.30
N GLU F 78 -8.11 -14.99 -1.39
CA GLU F 78 -8.98 -15.12 -0.23
C GLU F 78 -8.90 -13.87 0.65
N GLN F 79 -7.69 -13.30 0.80
CA GLN F 79 -7.54 -12.04 1.51
C GLN F 79 -8.31 -10.93 0.80
N LEU F 80 -8.18 -10.86 -0.53
CA LEU F 80 -8.87 -9.81 -1.29
C LEU F 80 -10.38 -10.02 -1.26
N ALA F 81 -10.83 -11.28 -1.33
CA ALA F 81 -12.26 -11.56 -1.31
C ALA F 81 -12.91 -11.03 -0.04
N GLY F 82 -12.30 -11.33 1.11
CA GLY F 82 -12.81 -10.79 2.36
C GLY F 82 -12.76 -9.27 2.39
N LYS F 83 -11.69 -8.70 1.83
CA LYS F 83 -11.56 -7.23 1.84
C LYS F 83 -12.56 -6.58 0.91
N VAL F 84 -12.81 -7.19 -0.25
CA VAL F 84 -13.83 -6.66 -1.17
C VAL F 84 -15.21 -6.74 -0.52
N ALA F 85 -15.47 -7.82 0.22
CA ALA F 85 -16.73 -7.94 0.96
C ALA F 85 -16.90 -6.79 1.94
N GLU F 86 -15.85 -6.51 2.73
CA GLU F 86 -15.93 -5.43 3.70
C GLU F 86 -16.20 -4.09 3.02
N VAL F 87 -15.53 -3.82 1.91
CA VAL F 87 -15.77 -2.58 1.17
C VAL F 87 -17.18 -2.56 0.61
N LYS F 88 -17.64 -3.69 0.06
CA LYS F 88 -18.95 -3.73 -0.56
C LYS F 88 -20.06 -3.62 0.47
N LYS F 89 -19.85 -4.15 1.68
CA LYS F 89 -20.85 -3.99 2.74
C LYS F 89 -20.93 -2.55 3.23
N ASN F 90 -19.88 -1.77 3.04
CA ASN F 90 -19.84 -0.37 3.47
C ASN F 90 -20.51 0.57 2.46
N GLY F 91 -21.16 0.03 1.44
CA GLY F 91 -21.85 0.87 0.46
C GLY F 91 -20.94 1.61 -0.50
N ARG F 92 -19.73 1.12 -0.70
CA ARG F 92 -18.76 1.76 -1.58
C ARG F 92 -18.40 0.84 -2.74
N ILE F 93 -17.90 1.44 -3.81
CA ILE F 93 -17.46 0.68 -4.97
C ILE F 93 -16.01 0.24 -4.73
N SER F 94 -15.77 -1.07 -4.74
CA SER F 94 -14.43 -1.59 -4.51
C SER F 94 -13.57 -1.34 -5.74
N LEU F 95 -12.43 -0.68 -5.54
CA LEU F 95 -11.44 -0.45 -6.58
C LEU F 95 -10.18 -1.20 -6.22
N VAL F 96 -9.90 -2.28 -6.93
CA VAL F 96 -8.72 -3.10 -6.68
C VAL F 96 -7.61 -2.64 -7.62
N LEU F 97 -6.62 -1.95 -7.06
CA LEU F 97 -5.39 -1.61 -7.78
C LEU F 97 -4.47 -2.81 -7.65
N GLY F 98 -4.38 -3.61 -8.71
CA GLY F 98 -3.85 -4.95 -8.61
C GLY F 98 -2.51 -5.17 -9.30
N GLY F 99 -1.99 -6.37 -9.09
CA GLY F 99 -0.95 -6.92 -9.91
C GLY F 99 -1.57 -7.83 -10.96
N ASP F 100 -1.22 -9.10 -10.95
CA ASP F 100 -1.70 -10.01 -11.98
C ASP F 100 -3.19 -10.31 -11.79
N HIS F 101 -3.82 -10.78 -12.87
CA HIS F 101 -5.27 -10.91 -12.97
C HIS F 101 -5.83 -12.13 -12.26
N SER F 102 -5.00 -12.99 -11.68
CA SER F 102 -5.55 -14.09 -10.88
C SER F 102 -6.23 -13.58 -9.62
N LEU F 103 -5.91 -12.35 -9.19
CA LEU F 103 -6.59 -11.74 -8.06
C LEU F 103 -8.07 -11.47 -8.33
N ALA F 104 -8.51 -11.59 -9.58
CA ALA F 104 -9.91 -11.41 -9.90
C ALA F 104 -10.78 -12.53 -9.34
N ILE F 105 -10.19 -13.66 -8.94
CA ILE F 105 -10.95 -14.71 -8.29
C ILE F 105 -11.51 -14.19 -6.97
N GLY F 106 -10.66 -13.61 -6.13
CA GLY F 106 -11.13 -13.05 -4.88
C GLY F 106 -11.97 -11.80 -5.08
N SER F 107 -11.57 -10.93 -6.01
CA SER F 107 -12.28 -9.68 -6.24
C SER F 107 -13.73 -9.94 -6.60
N ILE F 108 -13.98 -10.89 -7.51
CA ILE F 108 -15.35 -11.20 -7.90
C ILE F 108 -16.02 -12.07 -6.84
N SER F 109 -15.27 -12.89 -6.12
CA SER F 109 -15.86 -13.73 -5.08
C SER F 109 -16.45 -12.89 -3.97
N GLY F 110 -15.63 -12.05 -3.34
CA GLY F 110 -16.12 -11.22 -2.24
C GLY F 110 -17.24 -10.30 -2.68
N HIS F 111 -17.14 -9.76 -3.89
CA HIS F 111 -18.23 -8.96 -4.45
C HIS F 111 -19.51 -9.78 -4.53
N ALA F 112 -19.39 -11.05 -4.88
CA ALA F 112 -20.57 -11.91 -4.99
C ALA F 112 -21.15 -12.26 -3.62
N ARG F 113 -20.32 -12.29 -2.58
CA ARG F 113 -20.82 -12.56 -1.25
C ARG F 113 -21.83 -11.51 -0.80
N VAL F 114 -21.67 -10.27 -1.28
CA VAL F 114 -22.53 -9.17 -0.86
C VAL F 114 -23.57 -8.87 -1.93
N HIS F 115 -23.22 -9.10 -3.20
CA HIS F 115 -24.10 -8.83 -4.34
C HIS F 115 -24.13 -10.06 -5.24
N PRO F 116 -24.85 -11.11 -4.86
CA PRO F 116 -24.83 -12.35 -5.66
C PRO F 116 -25.36 -12.20 -7.07
N ASP F 117 -26.14 -11.15 -7.35
CA ASP F 117 -26.77 -10.97 -8.66
C ASP F 117 -25.96 -10.06 -9.57
N LEU F 118 -24.64 -10.02 -9.41
CA LEU F 118 -23.82 -9.12 -10.20
C LEU F 118 -23.61 -9.65 -11.61
N GLY F 119 -23.45 -8.71 -12.56
CA GLY F 119 -22.97 -9.02 -13.89
C GLY F 119 -21.53 -8.58 -14.02
N VAL F 120 -20.78 -9.27 -14.88
CA VAL F 120 -19.35 -9.04 -15.02
C VAL F 120 -19.04 -8.65 -16.45
N ILE F 121 -18.28 -7.57 -16.61
CA ILE F 121 -17.72 -7.17 -17.89
C ILE F 121 -16.21 -7.36 -17.82
N TRP F 122 -15.66 -8.11 -18.77
CA TRP F 122 -14.26 -8.53 -18.76
C TRP F 122 -13.57 -7.92 -19.97
N VAL F 123 -12.79 -6.85 -19.74
CA VAL F 123 -12.02 -6.20 -20.80
C VAL F 123 -10.61 -6.77 -20.74
N ASP F 124 -10.15 -7.32 -21.86
CA ASP F 124 -8.96 -8.16 -21.88
C ASP F 124 -8.67 -8.54 -23.32
N ALA F 125 -7.40 -8.86 -23.59
CA ALA F 125 -7.06 -9.51 -24.84
C ALA F 125 -7.25 -11.02 -24.77
N HIS F 126 -7.21 -11.59 -23.57
CA HIS F 126 -7.31 -13.02 -23.34
C HIS F 126 -8.60 -13.34 -22.60
N THR F 127 -8.98 -14.62 -22.64
CA THR F 127 -10.18 -15.05 -21.94
C THR F 127 -9.89 -15.39 -20.48
N ASP F 128 -8.68 -15.85 -20.19
CA ASP F 128 -8.30 -16.27 -18.83
C ASP F 128 -9.24 -17.33 -18.29
N ILE F 129 -9.84 -18.11 -19.19
CA ILE F 129 -10.82 -19.12 -18.83
C ILE F 129 -10.19 -20.52 -18.78
N ASN F 130 -8.87 -20.61 -18.84
CA ASN F 130 -8.20 -21.90 -18.76
C ASN F 130 -8.44 -22.54 -17.40
N THR F 131 -8.66 -23.84 -17.41
CA THR F 131 -8.71 -24.62 -16.18
C THR F 131 -7.29 -25.02 -15.78
N PRO F 132 -7.09 -25.50 -14.55
CA PRO F 132 -5.77 -26.06 -14.20
C PRO F 132 -5.38 -27.27 -15.03
N LEU F 133 -6.31 -27.87 -15.77
CA LEU F 133 -6.01 -28.96 -16.70
C LEU F 133 -5.58 -28.44 -18.07
N THR F 134 -6.36 -27.53 -18.64
CA THR F 134 -6.11 -27.05 -20.00
C THR F 134 -4.95 -26.08 -20.09
N THR F 135 -4.51 -25.50 -18.97
CA THR F 135 -3.48 -24.47 -19.02
C THR F 135 -2.18 -25.03 -19.60
N THR F 136 -1.67 -24.34 -20.61
CA THR F 136 -0.39 -24.70 -21.22
C THR F 136 0.77 -24.00 -20.50
N SER F 137 0.56 -22.77 -20.04
CA SER F 137 1.60 -22.01 -19.37
C SER F 137 1.69 -22.32 -17.88
N GLY F 138 0.64 -22.84 -17.26
CA GLY F 138 0.64 -23.14 -15.85
C GLY F 138 0.54 -21.93 -14.94
N ASN F 139 0.25 -20.76 -15.48
CA ASN F 139 0.15 -19.53 -14.70
C ASN F 139 -1.32 -19.24 -14.41
N LEU F 140 -1.62 -18.91 -13.14
CA LEU F 140 -3.01 -18.75 -12.73
C LEU F 140 -3.62 -17.43 -13.19
N HIS F 141 -2.81 -16.46 -13.62
CA HIS F 141 -3.36 -15.21 -14.15
C HIS F 141 -4.13 -15.42 -15.44
N GLY F 142 -4.01 -16.59 -16.07
CA GLY F 142 -4.81 -16.92 -17.23
C GLY F 142 -5.86 -17.98 -16.92
N GLN F 143 -6.19 -18.13 -15.64
CA GLN F 143 -7.19 -19.10 -15.22
C GLN F 143 -8.32 -18.57 -14.32
N PRO F 144 -8.41 -17.28 -13.98
CA PRO F 144 -9.35 -16.90 -12.91
C PRO F 144 -10.81 -17.13 -13.24
N VAL F 145 -11.20 -17.06 -14.52
CA VAL F 145 -12.61 -17.19 -14.87
C VAL F 145 -13.09 -18.61 -14.66
N SER F 146 -12.23 -19.60 -14.91
CA SER F 146 -12.63 -20.99 -14.75
C SER F 146 -12.99 -21.31 -13.30
N PHE F 147 -12.31 -20.68 -12.35
CA PHE F 147 -12.58 -20.92 -10.94
C PHE F 147 -13.92 -20.34 -10.49
N LEU F 148 -14.44 -19.34 -11.21
CA LEU F 148 -15.63 -18.61 -10.77
C LEU F 148 -16.91 -19.05 -11.47
N LEU F 149 -16.81 -19.84 -12.54
CA LEU F 149 -18.00 -20.26 -13.28
C LEU F 149 -18.64 -21.48 -12.61
N LYS F 150 -19.96 -21.47 -12.53
CA LYS F 150 -20.68 -22.61 -11.96
C LYS F 150 -20.64 -23.81 -12.88
N GLU F 151 -20.77 -23.57 -14.19
CA GLU F 151 -20.77 -24.66 -15.15
C GLU F 151 -19.42 -25.35 -15.27
N LEU F 152 -18.35 -24.71 -14.79
CA LEU F 152 -17.02 -25.30 -14.82
C LEU F 152 -16.68 -26.04 -13.53
N LYS F 153 -17.54 -25.99 -12.52
CA LYS F 153 -17.35 -26.80 -11.34
C LYS F 153 -17.49 -28.28 -11.70
N GLY F 154 -16.73 -29.12 -11.01
CA GLY F 154 -16.66 -30.53 -11.32
C GLY F 154 -15.59 -30.86 -12.35
N LYS F 155 -15.29 -29.93 -13.24
CA LYS F 155 -14.17 -30.05 -14.17
C LYS F 155 -12.93 -29.33 -13.66
N ILE F 156 -13.02 -28.70 -12.50
CA ILE F 156 -11.88 -28.01 -11.89
C ILE F 156 -11.31 -28.92 -10.79
N PRO F 157 -10.00 -29.23 -10.82
CA PRO F 157 -9.43 -30.08 -9.76
C PRO F 157 -9.40 -29.38 -8.40
N ASP F 158 -8.85 -30.06 -7.40
CA ASP F 158 -8.76 -29.53 -6.03
C ASP F 158 -7.35 -29.01 -5.83
N VAL F 159 -7.16 -27.72 -6.12
CA VAL F 159 -5.84 -27.09 -6.06
C VAL F 159 -5.61 -26.56 -4.65
N PRO F 160 -4.43 -26.78 -4.06
CA PRO F 160 -4.15 -26.24 -2.73
C PRO F 160 -4.23 -24.73 -2.71
N GLY F 161 -4.98 -24.20 -1.73
CA GLY F 161 -5.20 -22.78 -1.61
C GLY F 161 -6.50 -22.28 -2.17
N PHE F 162 -7.31 -23.14 -2.79
CA PHE F 162 -8.53 -22.72 -3.46
C PHE F 162 -9.75 -23.47 -2.95
N SER F 163 -9.69 -24.02 -1.73
CA SER F 163 -10.85 -24.71 -1.18
C SER F 163 -11.97 -23.72 -0.83
N TRP F 164 -11.61 -22.48 -0.49
CA TRP F 164 -12.60 -21.48 -0.11
C TRP F 164 -13.47 -21.05 -1.27
N VAL F 165 -13.04 -21.29 -2.50
CA VAL F 165 -13.72 -20.73 -3.67
C VAL F 165 -15.02 -21.48 -3.90
N THR F 166 -16.10 -20.73 -4.11
CA THR F 166 -17.39 -21.28 -4.54
C THR F 166 -17.80 -20.57 -5.81
N PRO F 167 -18.01 -21.29 -6.92
CA PRO F 167 -18.47 -20.64 -8.16
C PRO F 167 -19.66 -19.73 -7.92
N CYS F 168 -19.54 -18.47 -8.32
CA CYS F 168 -20.51 -17.46 -7.96
C CYS F 168 -21.24 -16.84 -9.15
N ILE F 169 -20.77 -17.03 -10.38
CA ILE F 169 -21.41 -16.45 -11.55
C ILE F 169 -21.65 -17.55 -12.57
N SER F 170 -22.77 -17.45 -13.28
CA SER F 170 -23.08 -18.34 -14.38
C SER F 170 -22.50 -17.79 -15.68
N ALA F 171 -22.30 -18.68 -16.65
CA ALA F 171 -21.70 -18.30 -17.92
C ALA F 171 -22.49 -17.20 -18.64
N LYS F 172 -23.77 -17.06 -18.32
CA LYS F 172 -24.61 -16.00 -18.89
C LYS F 172 -24.48 -14.67 -18.17
N ASP F 173 -23.58 -14.56 -17.19
CA ASP F 173 -23.41 -13.34 -16.41
C ASP F 173 -22.09 -12.62 -16.70
N ILE F 174 -21.35 -13.05 -17.72
CA ILE F 174 -20.06 -12.46 -18.03
C ILE F 174 -20.00 -12.16 -19.53
N VAL F 175 -19.51 -10.98 -19.88
CA VAL F 175 -19.30 -10.57 -21.27
C VAL F 175 -17.84 -10.20 -21.45
N TYR F 176 -17.25 -10.66 -22.55
CA TYR F 176 -15.87 -10.34 -22.91
C TYR F 176 -15.85 -9.25 -23.97
N ILE F 177 -14.91 -8.31 -23.83
CA ILE F 177 -14.68 -7.29 -24.85
C ILE F 177 -13.18 -7.18 -25.09
N GLY F 178 -12.77 -7.34 -26.34
CA GLY F 178 -11.41 -7.11 -26.75
C GLY F 178 -10.56 -8.33 -27.04
N LEU F 179 -11.17 -9.52 -27.12
CA LEU F 179 -10.39 -10.74 -27.25
C LEU F 179 -9.63 -10.77 -28.58
N ARG F 180 -8.36 -11.17 -28.51
CA ARG F 180 -7.58 -11.38 -29.74
C ARG F 180 -6.44 -12.37 -29.53
N ASP F 181 -6.45 -13.13 -28.43
CA ASP F 181 -5.41 -14.12 -28.15
C ASP F 181 -6.01 -15.22 -27.29
N VAL F 182 -6.77 -16.12 -27.90
CA VAL F 182 -7.55 -17.13 -27.18
C VAL F 182 -6.97 -18.51 -27.46
N ASP F 183 -6.65 -19.25 -26.40
CA ASP F 183 -6.13 -20.59 -26.54
C ASP F 183 -7.17 -21.51 -27.18
N PRO F 184 -6.74 -22.61 -27.79
CA PRO F 184 -7.71 -23.55 -28.37
C PRO F 184 -8.66 -24.15 -27.33
N GLY F 185 -8.12 -24.60 -26.19
CA GLY F 185 -9.00 -25.08 -25.13
C GLY F 185 -9.93 -24.00 -24.63
N GLU F 186 -9.41 -22.76 -24.51
CA GLU F 186 -10.25 -21.65 -24.08
C GLU F 186 -11.38 -21.39 -25.08
N HIS F 187 -11.07 -21.47 -26.38
CA HIS F 187 -12.08 -21.23 -27.40
C HIS F 187 -13.17 -22.30 -27.36
N TYR F 188 -12.79 -23.55 -27.06
CA TYR F 188 -13.78 -24.61 -26.92
C TYR F 188 -14.74 -24.30 -25.78
N ILE F 189 -14.19 -23.98 -24.60
CA ILE F 189 -15.03 -23.56 -23.47
C ILE F 189 -15.82 -22.32 -23.85
N LEU F 190 -15.17 -21.36 -24.53
CA LEU F 190 -15.82 -20.11 -24.88
C LEU F 190 -17.09 -20.34 -25.68
N LYS F 191 -17.05 -21.26 -26.65
CA LYS F 191 -18.21 -21.50 -27.52
C LYS F 191 -19.16 -22.56 -26.97
N THR F 192 -18.66 -23.53 -26.21
CA THR F 192 -19.53 -24.56 -25.67
C THR F 192 -20.39 -24.02 -24.53
N LEU F 193 -19.82 -23.17 -23.67
CA LEU F 193 -20.61 -22.52 -22.63
C LEU F 193 -21.62 -21.53 -23.21
N GLY F 194 -21.43 -21.11 -24.45
CA GLY F 194 -22.30 -20.11 -25.05
C GLY F 194 -22.10 -18.71 -24.52
N ILE F 195 -20.86 -18.38 -24.12
CA ILE F 195 -20.59 -17.09 -23.48
C ILE F 195 -20.74 -15.97 -24.51
N LYS F 196 -21.31 -14.85 -24.07
CA LYS F 196 -21.34 -13.64 -24.86
C LYS F 196 -19.97 -12.99 -24.86
N TYR F 197 -19.43 -12.73 -26.05
CA TYR F 197 -18.10 -12.16 -26.15
C TYR F 197 -18.03 -11.25 -27.37
N PHE F 198 -17.19 -10.22 -27.27
CA PHE F 198 -16.94 -9.29 -28.37
C PHE F 198 -15.43 -9.26 -28.59
N SER F 199 -14.95 -10.14 -29.48
CA SER F 199 -13.56 -10.07 -29.87
C SER F 199 -13.34 -8.85 -30.75
N MET F 200 -12.06 -8.54 -31.00
CA MET F 200 -11.75 -7.37 -31.83
C MET F 200 -12.37 -7.49 -33.22
N THR F 201 -12.61 -8.73 -33.68
CA THR F 201 -13.39 -8.94 -34.88
C THR F 201 -14.76 -8.27 -34.76
N GLU F 202 -15.40 -8.41 -33.60
CA GLU F 202 -16.72 -7.83 -33.40
C GLU F 202 -16.63 -6.32 -33.25
N VAL F 203 -15.59 -5.83 -32.57
CA VAL F 203 -15.42 -4.38 -32.41
C VAL F 203 -15.26 -3.72 -33.77
N ASP F 204 -14.49 -4.34 -34.67
CA ASP F 204 -14.38 -3.82 -36.04
C ASP F 204 -15.73 -3.85 -36.73
N ARG F 205 -16.48 -4.95 -36.57
CA ARG F 205 -17.73 -5.12 -37.30
C ARG F 205 -18.80 -4.13 -36.82
N LEU F 206 -19.00 -4.05 -35.52
CA LEU F 206 -20.09 -3.22 -34.97
C LEU F 206 -19.65 -1.82 -34.59
N GLY F 207 -18.39 -1.64 -34.26
CA GLY F 207 -18.00 -0.41 -33.57
C GLY F 207 -18.22 -0.51 -32.08
N ILE F 208 -17.42 0.25 -31.32
CA ILE F 208 -17.47 0.16 -29.86
C ILE F 208 -18.83 0.62 -29.34
N GLY F 209 -19.51 1.50 -30.08
CA GLY F 209 -20.80 2.01 -29.68
C GLY F 209 -21.88 0.94 -29.62
N LYS F 210 -22.14 0.28 -30.75
CA LYS F 210 -23.11 -0.81 -30.77
C LYS F 210 -22.68 -1.96 -29.86
N VAL F 211 -21.37 -2.15 -29.68
CA VAL F 211 -20.89 -3.22 -28.81
C VAL F 211 -21.34 -2.97 -27.38
N MET F 212 -21.14 -1.75 -26.89
CA MET F 212 -21.58 -1.42 -25.53
C MET F 212 -23.10 -1.47 -25.41
N GLU F 213 -23.80 -1.05 -26.47
CA GLU F 213 -25.26 -1.10 -26.46
C GLU F 213 -25.76 -2.52 -26.27
N GLU F 214 -25.18 -3.48 -27.00
CA GLU F 214 -25.56 -4.88 -26.82
C GLU F 214 -25.06 -5.42 -25.49
N THR F 215 -23.84 -5.04 -25.09
CA THR F 215 -23.26 -5.54 -23.85
C THR F 215 -24.14 -5.19 -22.66
N LEU F 216 -24.58 -3.94 -22.57
CA LEU F 216 -25.42 -3.52 -21.46
C LEU F 216 -26.83 -4.09 -21.59
N SER F 217 -27.34 -4.17 -22.82
CA SER F 217 -28.66 -4.77 -23.03
C SER F 217 -28.63 -6.27 -22.75
N TYR F 218 -27.51 -6.93 -23.01
CA TYR F 218 -27.38 -8.35 -22.65
C TYR F 218 -27.36 -8.53 -21.14
N LEU F 219 -26.75 -7.60 -20.42
CA LEU F 219 -26.55 -7.74 -18.98
C LEU F 219 -27.67 -7.13 -18.16
N LEU F 220 -28.23 -6.00 -18.62
CA LEU F 220 -29.25 -5.28 -17.87
C LEU F 220 -30.60 -5.28 -18.57
N GLY F 221 -30.82 -6.22 -19.49
CA GLY F 221 -32.09 -6.30 -20.20
C GLY F 221 -33.19 -6.94 -19.39
N ARG F 222 -32.88 -8.05 -18.72
CA ARG F 222 -33.87 -8.69 -17.86
C ARG F 222 -34.19 -7.83 -16.65
N LYS F 223 -33.15 -7.36 -15.95
CA LYS F 223 -33.33 -6.49 -14.79
C LYS F 223 -31.99 -5.83 -14.49
N LYS F 224 -32.07 -4.65 -13.88
CA LYS F 224 -30.87 -3.94 -13.47
C LYS F 224 -30.21 -4.63 -12.29
N ARG F 225 -28.89 -4.62 -12.25
CA ARG F 225 -28.13 -5.36 -11.25
C ARG F 225 -26.70 -4.83 -11.25
N PRO F 226 -25.94 -5.11 -10.18
CA PRO F 226 -24.57 -4.55 -10.09
C PRO F 226 -23.68 -5.03 -11.22
N ILE F 227 -22.79 -4.14 -11.66
CA ILE F 227 -21.84 -4.41 -12.73
C ILE F 227 -20.44 -4.47 -12.13
N HIS F 228 -19.71 -5.55 -12.41
CA HIS F 228 -18.32 -5.70 -12.01
C HIS F 228 -17.47 -5.68 -13.27
N LEU F 229 -16.64 -4.65 -13.41
CA LEU F 229 -15.73 -4.51 -14.54
C LEU F 229 -14.33 -4.97 -14.12
N SER F 230 -13.78 -5.94 -14.83
CA SER F 230 -12.43 -6.44 -14.62
C SER F 230 -11.59 -6.01 -15.81
N PHE F 231 -10.85 -4.91 -15.64
CA PHE F 231 -10.11 -4.29 -16.74
C PHE F 231 -8.68 -4.80 -16.73
N ASP F 232 -8.38 -5.73 -17.64
CA ASP F 232 -7.00 -6.11 -17.91
C ASP F 232 -6.41 -5.07 -18.86
N VAL F 233 -5.32 -4.43 -18.43
CA VAL F 233 -4.77 -3.30 -19.16
C VAL F 233 -4.21 -3.69 -20.53
N ASP F 234 -4.01 -4.98 -20.79
CA ASP F 234 -3.60 -5.40 -22.13
C ASP F 234 -4.80 -5.53 -23.08
N GLY F 235 -6.01 -5.21 -22.62
CA GLY F 235 -7.13 -5.12 -23.55
C GLY F 235 -6.97 -4.00 -24.55
N LEU F 236 -6.25 -2.94 -24.17
CA LEU F 236 -5.93 -1.87 -25.10
C LEU F 236 -4.69 -2.23 -25.90
N ASP F 237 -4.54 -1.56 -27.04
CA ASP F 237 -3.38 -1.78 -27.89
C ASP F 237 -2.10 -1.45 -27.12
N PRO F 238 -1.00 -2.17 -27.35
CA PRO F 238 0.26 -1.85 -26.66
C PRO F 238 0.78 -0.44 -26.92
N SER F 239 0.25 0.26 -27.92
CA SER F 239 0.66 1.64 -28.16
C SER F 239 0.19 2.57 -27.05
N PHE F 240 -0.77 2.15 -26.23
CA PHE F 240 -1.22 2.93 -25.08
C PHE F 240 -0.84 2.32 -23.74
N THR F 241 -0.67 1.01 -23.67
CA THR F 241 -0.35 0.33 -22.41
C THR F 241 0.81 -0.65 -22.63
N PRO F 242 1.99 -0.14 -23.02
CA PRO F 242 3.09 -1.06 -23.36
C PRO F 242 3.65 -1.82 -22.18
N ALA F 243 3.66 -1.21 -20.98
CA ALA F 243 4.24 -1.84 -19.80
C ALA F 243 3.23 -2.85 -19.24
N THR F 244 3.19 -4.02 -19.88
CA THR F 244 2.33 -5.11 -19.42
C THR F 244 2.96 -6.43 -19.84
N GLY F 245 2.52 -7.50 -19.18
CA GLY F 245 3.13 -8.81 -19.32
C GLY F 245 2.95 -9.51 -20.65
N THR F 246 1.75 -9.42 -21.22
CA THR F 246 1.39 -10.18 -22.43
C THR F 246 0.70 -9.28 -23.43
N PRO F 247 1.42 -8.32 -24.03
CA PRO F 247 0.79 -7.42 -24.99
C PRO F 247 0.57 -8.11 -26.34
N VAL F 248 -0.60 -7.85 -26.91
CA VAL F 248 -0.95 -8.33 -28.25
C VAL F 248 -1.33 -7.13 -29.10
N VAL F 249 -0.76 -7.05 -30.31
CA VAL F 249 -1.06 -5.93 -31.20
C VAL F 249 -2.51 -6.01 -31.67
N GLY F 250 -3.01 -4.88 -32.15
CA GLY F 250 -4.37 -4.82 -32.66
C GLY F 250 -5.44 -4.72 -31.60
N GLY F 251 -5.20 -3.94 -30.55
CA GLY F 251 -6.11 -3.86 -29.43
C GLY F 251 -7.08 -2.68 -29.51
N LEU F 252 -7.89 -2.57 -28.46
CA LEU F 252 -8.80 -1.43 -28.34
C LEU F 252 -8.00 -0.14 -28.28
N THR F 253 -8.52 0.89 -28.93
CA THR F 253 -7.86 2.18 -28.91
C THR F 253 -8.10 2.89 -27.58
N TYR F 254 -7.26 3.90 -27.32
CA TYR F 254 -7.47 4.76 -26.15
C TYR F 254 -8.90 5.28 -26.11
N ARG F 255 -9.39 5.77 -27.25
CA ARG F 255 -10.76 6.27 -27.32
C ARG F 255 -11.77 5.19 -26.96
N GLU F 256 -11.53 3.96 -27.45
CA GLU F 256 -12.49 2.88 -27.21
C GLU F 256 -12.55 2.50 -25.73
N GLY F 257 -11.39 2.42 -25.08
CA GLY F 257 -11.38 2.08 -23.65
C GLY F 257 -12.08 3.12 -22.80
N LEU F 258 -11.93 4.40 -23.17
CA LEU F 258 -12.65 5.45 -22.46
C LEU F 258 -14.15 5.36 -22.71
N TYR F 259 -14.54 5.01 -23.94
CA TYR F 259 -15.97 4.90 -24.23
C TYR F 259 -16.60 3.72 -23.49
N ILE F 260 -15.86 2.62 -23.33
CA ILE F 260 -16.34 1.50 -22.55
C ILE F 260 -16.67 1.94 -21.13
N THR F 261 -15.71 2.62 -20.48
CA THR F 261 -15.87 2.99 -19.08
C THR F 261 -16.81 4.18 -18.90
N GLU F 262 -16.83 5.11 -19.85
CA GLU F 262 -17.81 6.19 -19.79
C GLU F 262 -19.23 5.64 -19.84
N GLU F 263 -19.48 4.66 -20.71
CA GLU F 263 -20.82 4.10 -20.85
C GLU F 263 -21.21 3.28 -19.64
N ILE F 264 -20.24 2.68 -18.93
CA ILE F 264 -20.57 1.90 -17.75
C ILE F 264 -20.93 2.81 -16.58
N TYR F 265 -20.22 3.94 -16.44
CA TYR F 265 -20.55 4.88 -15.37
C TYR F 265 -21.96 5.42 -15.53
N LYS F 266 -22.37 5.69 -16.77
CA LYS F 266 -23.69 6.26 -17.02
C LYS F 266 -24.82 5.32 -16.62
N THR F 267 -24.57 4.01 -16.59
CA THR F 267 -25.57 3.09 -16.07
C THR F 267 -25.85 3.32 -14.59
N GLY F 268 -24.92 3.94 -13.87
CA GLY F 268 -25.06 4.11 -12.44
C GLY F 268 -25.00 2.84 -11.64
N LEU F 269 -24.56 1.73 -12.25
CA LEU F 269 -24.60 0.43 -11.61
C LEU F 269 -23.21 -0.18 -11.41
N LEU F 270 -22.15 0.56 -11.70
CA LEU F 270 -20.80 0.06 -11.43
C LEU F 270 -20.66 -0.25 -9.95
N SER F 271 -20.27 -1.47 -9.65
CA SER F 271 -20.20 -1.94 -8.27
C SER F 271 -18.82 -2.46 -7.89
N GLY F 272 -18.03 -2.94 -8.85
CA GLY F 272 -16.67 -3.35 -8.58
C GLY F 272 -15.78 -3.02 -9.76
N LEU F 273 -14.49 -2.90 -9.49
CA LEU F 273 -13.53 -2.49 -10.51
C LEU F 273 -12.18 -3.15 -10.23
N ASP F 274 -11.59 -3.74 -11.26
CA ASP F 274 -10.23 -4.28 -11.21
C ASP F 274 -9.39 -3.57 -12.26
N ILE F 275 -8.28 -2.98 -11.82
CA ILE F 275 -7.27 -2.44 -12.71
C ILE F 275 -6.03 -3.32 -12.55
N MET F 276 -5.78 -4.18 -13.53
CA MET F 276 -4.83 -5.28 -13.37
C MET F 276 -3.78 -5.25 -14.46
N GLU F 277 -2.70 -6.02 -14.20
CA GLU F 277 -1.66 -6.34 -15.18
C GLU F 277 -0.83 -5.12 -15.59
N VAL F 278 -0.72 -4.13 -14.71
CA VAL F 278 0.17 -2.99 -14.94
C VAL F 278 1.51 -3.30 -14.29
N ASN F 279 2.54 -3.41 -15.12
CA ASN F 279 3.89 -3.78 -14.67
C ASN F 279 4.88 -2.70 -15.07
N PRO F 280 5.22 -1.77 -14.17
CA PRO F 280 6.18 -0.71 -14.53
C PRO F 280 7.57 -1.21 -14.88
N SER F 281 7.90 -2.46 -14.56
CA SER F 281 9.22 -2.99 -14.87
C SER F 281 9.37 -3.40 -16.33
N LEU F 282 8.27 -3.55 -17.06
CA LEU F 282 8.31 -4.00 -18.44
C LEU F 282 8.24 -2.86 -19.44
N GLY F 283 8.28 -1.61 -18.97
CA GLY F 283 8.37 -0.48 -19.87
C GLY F 283 9.76 -0.41 -20.47
N LYS F 284 9.87 -0.58 -21.79
CA LYS F 284 11.17 -0.52 -22.44
C LYS F 284 11.83 0.83 -22.27
N THR F 285 11.07 1.87 -21.98
CA THR F 285 11.56 3.20 -21.66
C THR F 285 10.85 3.70 -20.41
N PRO F 286 11.43 4.71 -19.74
CA PRO F 286 10.68 5.37 -18.66
C PRO F 286 9.36 5.98 -19.12
N GLU F 287 9.28 6.45 -20.37
CA GLU F 287 8.05 7.04 -20.87
C GLU F 287 6.96 5.97 -21.02
N GLU F 288 7.34 4.76 -21.43
CA GLU F 288 6.35 3.69 -21.59
C GLU F 288 5.69 3.36 -20.27
N VAL F 289 6.38 3.58 -19.15
CA VAL F 289 5.77 3.39 -17.84
C VAL F 289 4.71 4.44 -17.58
N THR F 290 5.07 5.73 -17.72
CA THR F 290 4.12 6.80 -17.49
C THR F 290 2.96 6.72 -18.49
N ARG F 291 3.21 6.23 -19.70
CA ARG F 291 2.13 6.07 -20.67
C ARG F 291 1.13 5.02 -20.20
N THR F 292 1.62 3.89 -19.71
CA THR F 292 0.73 2.84 -19.21
C THR F 292 -0.03 3.33 -17.98
N VAL F 293 0.69 3.91 -17.02
CA VAL F 293 0.07 4.34 -15.77
C VAL F 293 -0.96 5.43 -16.03
N ASN F 294 -0.58 6.45 -16.82
CA ASN F 294 -1.52 7.52 -17.13
C ASN F 294 -2.77 6.98 -17.82
N THR F 295 -2.60 5.96 -18.66
CA THR F 295 -3.75 5.36 -19.34
C THR F 295 -4.66 4.66 -18.35
N ALA F 296 -4.08 3.84 -17.45
CA ALA F 296 -4.89 3.15 -16.46
C ALA F 296 -5.60 4.14 -15.55
N VAL F 297 -4.96 5.27 -15.25
CA VAL F 297 -5.61 6.31 -14.45
C VAL F 297 -6.81 6.88 -15.21
N ALA F 298 -6.61 7.19 -16.50
CA ALA F 298 -7.67 7.81 -17.28
C ALA F 298 -8.89 6.89 -17.38
N ILE F 299 -8.68 5.59 -17.63
CA ILE F 299 -9.78 4.64 -17.66
C ILE F 299 -10.51 4.62 -16.32
N THR F 300 -9.73 4.58 -15.24
CA THR F 300 -10.33 4.52 -13.91
C THR F 300 -11.18 5.76 -13.63
N LEU F 301 -10.65 6.94 -13.93
CA LEU F 301 -11.40 8.17 -13.69
C LEU F 301 -12.69 8.20 -14.49
N ALA F 302 -12.65 7.69 -15.73
CA ALA F 302 -13.86 7.62 -16.54
C ALA F 302 -14.90 6.72 -15.92
N CYS F 303 -14.48 5.68 -15.20
CA CYS F 303 -15.43 4.81 -14.53
C CYS F 303 -16.26 5.56 -13.49
N PHE F 304 -15.74 6.67 -12.97
CA PHE F 304 -16.37 7.39 -11.86
C PHE F 304 -16.78 8.80 -12.25
N GLY F 305 -17.12 9.02 -13.53
CA GLY F 305 -17.79 10.22 -13.95
C GLY F 305 -17.00 11.14 -14.86
N LEU F 306 -15.69 10.97 -14.97
CA LEU F 306 -14.91 11.85 -15.85
C LEU F 306 -15.34 11.64 -17.30
N ALA F 307 -15.83 12.71 -17.93
CA ALA F 307 -16.39 12.64 -19.26
C ALA F 307 -15.63 13.59 -20.19
N ARG F 308 -15.40 13.14 -21.43
CA ARG F 308 -14.66 13.96 -22.38
C ARG F 308 -15.47 15.16 -22.85
N GLU F 309 -16.79 15.07 -22.81
CA GLU F 309 -17.61 16.25 -23.11
C GLU F 309 -17.51 17.31 -22.02
N GLY F 310 -16.98 16.97 -20.86
CA GLY F 310 -16.83 17.90 -19.76
C GLY F 310 -17.69 17.52 -18.56
N ASN F 311 -17.37 18.15 -17.43
CA ASN F 311 -18.10 17.96 -16.19
C ASN F 311 -18.19 19.29 -15.47
N HIS F 312 -19.31 19.50 -14.77
CA HIS F 312 -19.49 20.72 -14.01
C HIS F 312 -20.33 20.44 -12.77
N LYS F 313 -20.11 21.25 -11.74
CA LYS F 313 -20.83 21.13 -10.47
C LYS F 313 -22.24 21.68 -10.61
N PRO F 314 -23.18 21.24 -9.75
CA PRO F 314 -24.54 21.77 -9.84
C PRO F 314 -24.66 23.19 -9.32
N ILE F 315 -24.09 24.15 -10.04
CA ILE F 315 -24.17 25.56 -9.69
C ILE F 315 -24.33 26.37 -10.98
N ASP F 316 -24.54 27.68 -10.81
CA ASP F 316 -24.64 28.62 -11.93
C ASP F 316 -23.26 29.25 -12.13
N TYR F 317 -22.51 28.71 -13.09
CA TYR F 317 -21.15 29.18 -13.35
C TYR F 317 -21.10 30.59 -13.94
N LEU F 318 -22.25 31.21 -14.20
CA LEU F 318 -22.31 32.59 -14.66
C LEU F 318 -22.91 33.55 -13.64
N ASN F 319 -23.55 33.03 -12.59
CA ASN F 319 -24.18 33.84 -11.54
C ASN F 319 -25.08 34.94 -12.10
#